data_6N4D
#
_entry.id   6N4D
#
_cell.length_a   110.451
_cell.length_b   110.562
_cell.length_c   126.620
_cell.angle_alpha   90.00
_cell.angle_beta   90.00
_cell.angle_gamma   90.00
#
_symmetry.space_group_name_H-M   'P 21 21 2'
#
loop_
_entity.id
_entity.type
_entity.pdbx_description
1 polymer Neuraminidase
2 branched 2-acetamido-2-deoxy-beta-D-glucopyranose-(1-4)-2-acetamido-2-deoxy-beta-D-glucopyranose
3 branched alpha-D-mannopyranose-(1-2)-alpha-D-mannopyranose-(1-3)-[alpha-D-mannopyranose-(1-6)]beta-D-mannopyranose-(1-4)-2-acetamido-2-deoxy-beta-D-glucopyranose-(1-4)-2-acetamido-2-deoxy-beta-D-glucopyranose
4 non-polymer 'CALCIUM ION'
5 non-polymer 2-acetamido-2-deoxy-beta-D-glucopyranose
6 water water
#
_entity_poly.entity_id   1
_entity_poly.type   'polypeptide(L)'
_entity_poly.pdbx_seq_one_letter_code
;GSGDSGSPGLEYRNWSKPQCQITGFAPFSKDNSIRLSAGGDIWVTREPYVSCDHSKCYQFALGQGTTLNNKHSNSTIHDR
TSHRTLLMNELGVPFHLGTKQVCIAWSSSSCHDGKAWLHVCVTGDDRNATASFVYNGMLVDSIGSWSRNILRTQESECVC
INGTCTVVMTDGSASGRADTRILFIREGKIIHISPLSGSAQHIEECSCYPRYPNVRCVCRDNWKGSNRPVIDINMADYNI
NSSYVCSGLVGDTPRNDDSSSSSNCKDPNNERGNPGVKGWAFDNDNDVWMGRTISKDLRSGYETFKVIGGWTTANSKSQV
NRQVIVDNNNWSGYSGIFSVEGKSCVNRCFYVELIRGGPQETRVWWTSNSIVVFCGTSGTYGTGSWPDGANINFMPI
;
_entity_poly.pdbx_strand_id   A,B,C,D
#
loop_
_chem_comp.id
_chem_comp.type
_chem_comp.name
_chem_comp.formula
BMA D-saccharide, beta linking beta-D-mannopyranose 'C6 H12 O6'
CA non-polymer 'CALCIUM ION' 'Ca 2'
MAN D-saccharide, alpha linking alpha-D-mannopyranose 'C6 H12 O6'
NAG D-saccharide, beta linking 2-acetamido-2-deoxy-beta-D-glucopyranose 'C8 H15 N O6'
#
# COMPACT_ATOMS: atom_id res chain seq x y z
N LEU A 10 47.23 13.73 6.60
CA LEU A 10 46.17 13.01 7.36
C LEU A 10 46.37 11.48 7.24
N GLU A 11 46.08 10.79 8.33
CA GLU A 11 46.32 9.36 8.48
C GLU A 11 45.06 8.63 8.91
N TYR A 12 44.90 7.37 8.48
CA TYR A 12 43.77 6.53 8.90
C TYR A 12 43.87 6.21 10.43
N ARG A 13 42.74 6.20 11.13
CA ARG A 13 42.67 5.69 12.50
C ARG A 13 42.84 4.20 12.53
N ASN A 14 43.65 3.73 13.49
CA ASN A 14 43.84 2.29 13.74
C ASN A 14 43.27 1.87 15.07
N TRP A 15 43.12 2.84 16.00
CA TRP A 15 42.59 2.52 17.30
C TRP A 15 43.42 1.43 18.02
N SER A 16 44.73 1.41 17.76
CA SER A 16 45.58 0.35 18.24
C SER A 16 46.20 0.75 19.58
N LYS A 17 45.35 0.95 20.59
CA LYS A 17 45.78 1.12 21.98
C LYS A 17 44.86 0.23 22.81
N PRO A 18 45.29 -0.12 24.04
CA PRO A 18 44.39 -0.98 24.84
C PRO A 18 43.17 -0.20 25.31
N GLN A 19 42.10 -0.91 25.61
CA GLN A 19 40.95 -0.30 26.24
C GLN A 19 41.27 0.33 27.57
N CYS A 20 40.76 1.54 27.81
CA CYS A 20 41.00 2.17 29.09
C CYS A 20 40.41 1.36 30.21
N GLN A 21 41.07 1.45 31.38
CA GLN A 21 40.50 0.98 32.61
C GLN A 21 39.31 1.82 32.87
N ILE A 22 38.19 1.22 33.25
CA ILE A 22 37.12 2.04 33.69
C ILE A 22 36.58 1.64 35.05
N THR A 23 36.30 2.65 35.86
CA THR A 23 35.70 2.46 37.16
C THR A 23 34.23 2.79 37.12
N GLY A 24 33.77 3.33 35.99
CA GLY A 24 32.40 3.81 35.82
C GLY A 24 32.47 4.92 34.77
N PHE A 25 31.48 5.77 34.80
CA PHE A 25 31.35 6.80 33.80
C PHE A 25 31.21 8.19 34.46
N ALA A 26 31.68 9.24 33.75
CA ALA A 26 31.50 10.60 34.15
C ALA A 26 30.64 11.39 33.17
N PRO A 27 29.88 12.39 33.68
CA PRO A 27 29.07 13.24 32.79
C PRO A 27 29.88 13.92 31.75
N PHE A 28 29.34 13.98 30.51
CA PHE A 28 30.17 14.49 29.39
C PHE A 28 29.40 15.59 28.63
N SER A 29 28.14 15.35 28.29
CA SER A 29 27.39 16.30 27.46
C SER A 29 25.90 16.16 27.62
N LYS A 30 25.21 17.25 27.36
CA LYS A 30 23.73 17.27 27.47
C LYS A 30 23.23 18.41 26.61
N ASP A 31 22.18 18.17 25.82
CA ASP A 31 21.78 19.23 24.88
C ASP A 31 20.55 20.00 25.21
N ASN A 32 19.73 19.52 26.13
CA ASN A 32 18.52 20.24 26.58
C ASN A 32 17.58 20.62 25.44
N SER A 33 17.45 19.73 24.44
CA SER A 33 16.79 20.08 23.16
C SER A 33 15.30 20.46 23.40
N ILE A 34 14.60 19.72 24.25
CA ILE A 34 13.16 19.87 24.39
C ILE A 34 12.87 21.13 25.21
N ARG A 35 13.60 21.33 26.31
CA ARG A 35 13.46 22.58 27.05
C ARG A 35 13.62 23.76 26.13
N LEU A 36 14.66 23.75 25.27
CA LEU A 36 14.90 24.89 24.37
C LEU A 36 13.82 25.04 23.27
N SER A 37 13.20 23.91 22.90
CA SER A 37 12.17 23.89 21.84
C SER A 37 10.93 24.67 22.28
N ALA A 38 10.78 24.94 23.59
CA ALA A 38 9.66 25.76 24.08
C ALA A 38 9.94 27.26 23.96
N GLY A 39 11.12 27.63 23.48
CA GLY A 39 11.46 29.02 23.34
C GLY A 39 12.60 29.15 22.36
N GLY A 40 12.36 28.64 21.17
CA GLY A 40 13.33 28.66 20.13
C GLY A 40 12.92 27.64 19.07
N ASP A 41 13.48 27.83 17.88
CA ASP A 41 13.25 26.96 16.72
C ASP A 41 14.25 25.85 16.70
N ILE A 42 13.80 24.66 17.10
CA ILE A 42 14.66 23.52 17.27
C ILE A 42 14.05 22.36 16.50
N TRP A 43 14.88 21.61 15.82
CA TRP A 43 14.49 20.36 15.07
C TRP A 43 13.83 19.33 15.92
N VAL A 44 12.78 18.74 15.37
CA VAL A 44 12.18 17.49 15.85
C VAL A 44 13.08 16.35 15.39
N THR A 45 13.52 15.52 16.35
CA THR A 45 14.46 14.44 16.03
C THR A 45 14.10 13.12 16.75
N ARG A 46 14.73 12.04 16.34
CA ARG A 46 14.83 10.83 17.16
C ARG A 46 16.01 10.05 16.61
N GLU A 47 16.34 8.96 17.28
CA GLU A 47 17.47 8.12 16.95
C GLU A 47 18.78 8.83 16.89
N PRO A 48 19.18 9.54 18.00
CA PRO A 48 20.43 10.29 17.97
C PRO A 48 21.62 9.39 18.19
N TYR A 49 22.80 9.89 17.88
CA TYR A 49 24.03 9.24 18.29
C TYR A 49 25.19 10.25 18.35
N VAL A 50 26.39 9.76 18.68
CA VAL A 50 27.53 10.56 18.79
C VAL A 50 28.68 9.85 18.11
N SER A 51 29.51 10.61 17.41
CA SER A 51 30.75 10.09 16.83
C SER A 51 31.74 11.20 16.73
N CYS A 52 33.05 10.91 16.73
CA CYS A 52 34.03 11.98 16.91
C CYS A 52 35.07 11.88 15.77
N ASP A 53 35.51 13.03 15.32
CA ASP A 53 36.63 13.22 14.35
C ASP A 53 37.79 13.52 15.26
N HIS A 54 38.60 12.51 15.47
CA HIS A 54 39.64 12.53 16.50
C HIS A 54 38.97 12.90 17.80
N SER A 55 39.42 13.95 18.50
CA SER A 55 38.78 14.28 19.75
C SER A 55 37.60 15.21 19.61
N LYS A 56 37.35 15.74 18.41
CA LYS A 56 36.24 16.60 18.19
C LYS A 56 34.94 15.79 17.92
N CYS A 57 33.99 15.82 18.87
CA CYS A 57 32.79 15.00 18.88
C CYS A 57 31.58 15.71 18.31
N TYR A 58 30.80 14.95 17.53
CA TYR A 58 29.58 15.43 16.95
C TYR A 58 28.37 14.70 17.40
N GLN A 59 27.26 15.40 17.54
CA GLN A 59 25.96 14.80 17.68
C GLN A 59 25.19 14.71 16.36
N PHE A 60 24.59 13.56 16.18
CA PHE A 60 23.81 13.22 15.03
C PHE A 60 22.39 12.82 15.45
N ALA A 61 21.43 13.02 14.57
CA ALA A 61 20.06 12.49 14.75
C ALA A 61 19.30 12.43 13.42
N LEU A 62 18.20 11.69 13.37
CA LEU A 62 17.30 11.70 12.24
C LEU A 62 16.21 12.73 12.44
N GLY A 63 16.28 13.80 11.65
CA GLY A 63 15.29 14.87 11.69
C GLY A 63 13.99 14.44 11.15
N GLN A 64 12.93 15.12 11.54
CA GLN A 64 11.60 14.82 10.99
C GLN A 64 11.15 15.84 10.00
N GLY A 65 12.12 16.59 9.48
CA GLY A 65 11.82 17.60 8.49
C GLY A 65 11.01 18.79 9.01
N THR A 66 11.12 19.06 10.30
CA THR A 66 10.38 20.13 10.92
C THR A 66 11.02 20.51 12.25
N THR A 67 10.77 21.75 12.68
CA THR A 67 10.97 22.15 14.04
C THR A 67 9.78 21.77 14.94
N LEU A 68 9.96 21.96 16.27
CA LEU A 68 8.98 21.47 17.19
C LEU A 68 7.78 22.37 17.26
N ASN A 69 8.01 23.67 17.35
CA ASN A 69 6.93 24.64 17.40
C ASN A 69 6.60 25.00 15.95
N ASN A 70 5.77 24.13 15.33
CA ASN A 70 5.55 24.11 13.87
C ASN A 70 4.45 23.07 13.72
N LYS A 71 3.37 23.41 13.03
CA LYS A 71 2.30 22.46 12.79
C LYS A 71 2.71 21.18 12.09
N HIS A 72 3.84 21.18 11.37
CA HIS A 72 4.35 19.97 10.79
C HIS A 72 4.96 18.99 11.82
N SER A 73 5.07 19.37 13.08
CA SER A 73 5.55 18.48 14.07
C SER A 73 4.59 17.31 14.36
N ASN A 74 3.34 17.41 13.94
CA ASN A 74 2.35 16.37 14.21
C ASN A 74 2.70 15.00 13.62
N SER A 75 2.61 13.97 14.48
CA SER A 75 2.63 12.54 14.11
C SER A 75 3.91 12.13 13.45
N THR A 76 4.96 12.28 14.24
CA THR A 76 6.28 11.81 13.93
C THR A 76 6.44 10.40 14.55
N ILE A 77 5.36 9.61 14.45
CA ILE A 77 5.30 8.18 14.84
C ILE A 77 5.32 7.28 13.58
N HIS A 78 5.08 7.90 12.40
CA HIS A 78 5.38 7.28 11.08
C HIS A 78 6.87 7.42 10.92
N ASP A 79 7.58 6.33 11.18
CA ASP A 79 9.00 6.40 11.46
C ASP A 79 9.79 6.70 10.17
N ARG A 80 9.23 6.41 9.03
CA ARG A 80 10.04 6.48 7.82
C ARG A 80 9.25 7.32 6.87
N THR A 81 9.65 8.58 6.70
CA THR A 81 9.17 9.42 5.64
C THR A 81 10.35 10.01 4.86
N SER A 82 10.01 10.60 3.73
CA SER A 82 10.99 11.08 2.81
C SER A 82 11.53 12.45 3.29
N HIS A 83 10.91 13.02 4.29
CA HIS A 83 11.40 14.34 4.88
C HIS A 83 12.58 14.06 5.84
N ARG A 84 12.83 12.81 6.29
CA ARG A 84 13.80 12.58 7.29
C ARG A 84 15.21 12.72 6.71
N THR A 85 16.06 13.51 7.41
CA THR A 85 17.46 13.76 7.05
C THR A 85 18.35 13.57 8.28
N LEU A 86 19.61 13.25 8.07
CA LEU A 86 20.54 13.01 9.11
C LEU A 86 21.13 14.41 9.47
N LEU A 87 20.96 14.83 10.69
CA LEU A 87 21.50 16.15 11.17
C LEU A 87 22.85 15.87 11.76
N MET A 88 23.74 16.86 11.67
CA MET A 88 25.05 16.74 12.26
C MET A 88 25.51 18.10 12.78
N ASN A 89 25.75 18.16 14.10
CA ASN A 89 26.31 19.36 14.78
C ASN A 89 27.44 18.98 15.67
N GLU A 90 28.28 19.95 16.07
CA GLU A 90 29.25 19.66 17.13
C GLU A 90 28.50 19.25 18.37
N LEU A 91 29.08 18.33 19.13
CA LEU A 91 28.39 17.85 20.34
C LEU A 91 28.12 18.99 21.30
N GLY A 92 26.86 19.18 21.68
CA GLY A 92 26.53 20.17 22.64
C GLY A 92 25.85 21.37 22.02
N VAL A 93 25.93 21.42 20.67
CA VAL A 93 25.21 22.42 19.88
C VAL A 93 23.89 21.82 19.57
N PRO A 94 22.80 22.34 20.19
CA PRO A 94 21.49 21.83 19.88
C PRO A 94 21.08 21.99 18.41
N PHE A 95 20.13 21.17 17.96
CA PHE A 95 19.76 21.22 16.52
C PHE A 95 18.88 22.43 16.13
N HIS A 96 19.54 23.56 16.03
CA HIS A 96 18.95 24.84 15.67
C HIS A 96 18.81 24.89 14.10
N LEU A 97 18.20 25.97 13.60
CA LEU A 97 18.00 26.09 12.14
C LEU A 97 19.22 26.14 11.23
N GLY A 98 20.38 26.41 11.82
CA GLY A 98 21.67 26.31 11.08
C GLY A 98 22.29 24.95 10.96
N THR A 99 21.62 23.94 11.47
CA THR A 99 22.11 22.59 11.46
C THR A 99 22.16 22.06 10.01
N LYS A 100 23.27 21.42 9.66
CA LYS A 100 23.43 20.84 8.39
C LYS A 100 22.73 19.45 8.36
N GLN A 101 21.97 19.25 7.32
CA GLN A 101 21.30 17.95 6.95
C GLN A 101 22.25 17.25 5.99
N VAL A 102 23.02 16.34 6.52
CA VAL A 102 24.16 15.74 5.80
C VAL A 102 23.73 14.71 4.63
N CYS A 103 22.56 14.16 4.72
CA CYS A 103 21.99 13.18 3.76
C CYS A 103 20.54 12.98 4.06
N ILE A 104 19.87 12.29 3.13
CA ILE A 104 18.48 11.92 3.25
C ILE A 104 18.45 10.54 3.94
N ALA A 105 17.77 10.43 5.08
CA ALA A 105 17.87 9.24 5.89
C ALA A 105 16.72 9.06 6.89
N TRP A 106 16.11 7.86 6.84
CA TRP A 106 15.30 7.41 7.95
C TRP A 106 15.93 6.23 8.76
N SER A 107 17.18 5.88 8.38
CA SER A 107 18.08 5.05 9.17
C SER A 107 19.51 5.44 8.79
N SER A 108 20.43 5.51 9.77
CA SER A 108 21.80 5.92 9.43
C SER A 108 22.85 5.35 10.30
N SER A 109 24.08 5.48 9.84
CA SER A 109 25.27 5.26 10.66
C SER A 109 26.37 6.19 10.10
N SER A 110 27.21 6.80 10.99
CA SER A 110 28.33 7.57 10.53
C SER A 110 29.60 7.24 11.25
N CYS A 111 30.72 7.52 10.61
CA CYS A 111 32.02 7.33 11.24
C CYS A 111 33.09 8.01 10.50
N HIS A 112 34.14 8.34 11.23
CA HIS A 112 35.24 9.05 10.64
C HIS A 112 36.43 8.09 10.60
N ASP A 113 37.06 7.97 9.43
CA ASP A 113 38.15 7.01 9.24
C ASP A 113 39.55 7.56 9.55
N GLY A 114 39.60 8.78 10.09
CA GLY A 114 40.84 9.53 10.31
C GLY A 114 41.20 10.57 9.29
N LYS A 115 40.70 10.37 8.09
CA LYS A 115 40.82 11.34 6.98
C LYS A 115 39.50 12.04 6.68
N ALA A 116 38.41 11.31 6.66
CA ALA A 116 37.09 11.95 6.37
C ALA A 116 35.91 11.20 6.97
N TRP A 117 34.75 11.83 6.88
CA TRP A 117 33.46 11.27 7.34
C TRP A 117 32.81 10.35 6.34
N LEU A 118 32.41 9.19 6.84
CA LEU A 118 31.48 8.28 6.14
C LEU A 118 30.10 8.38 6.71
N HIS A 119 29.09 8.62 5.90
CA HIS A 119 27.69 8.50 6.31
C HIS A 119 27.02 7.39 5.48
N VAL A 120 26.34 6.52 6.18
CA VAL A 120 25.48 5.51 5.59
C VAL A 120 24.04 5.97 5.85
N CYS A 121 23.36 6.34 4.80
CA CYS A 121 22.02 6.89 4.82
C CYS A 121 20.96 6.06 4.02
N VAL A 122 19.87 5.66 4.69
CA VAL A 122 18.88 4.75 4.04
C VAL A 122 17.59 5.54 3.94
N THR A 123 17.00 5.64 2.75
CA THR A 123 15.72 6.34 2.59
C THR A 123 14.90 5.61 1.46
N GLY A 124 13.70 6.10 1.15
CA GLY A 124 12.84 5.51 0.13
C GLY A 124 11.74 4.60 0.68
N ASP A 125 11.14 3.85 -0.21
CA ASP A 125 10.03 2.98 0.14
C ASP A 125 10.46 1.84 1.00
N ASP A 126 9.54 1.38 1.87
CA ASP A 126 9.84 0.33 2.82
C ASP A 126 10.28 -0.91 2.06
N ARG A 127 9.61 -1.22 0.93
CA ARG A 127 9.85 -2.50 0.22
C ARG A 127 10.98 -2.45 -0.79
N ASN A 128 11.60 -1.26 -0.94
CA ASN A 128 12.61 -1.09 -1.95
C ASN A 128 13.46 0.13 -1.64
N ALA A 129 14.10 0.10 -0.48
CA ALA A 129 14.83 1.30 0.01
C ALA A 129 16.19 1.44 -0.69
N THR A 130 16.80 2.59 -0.60
CA THR A 130 18.17 2.74 -1.08
C THR A 130 19.08 3.14 0.08
N ALA A 131 20.26 2.55 0.17
CA ALA A 131 21.27 3.12 1.03
C ALA A 131 22.34 3.85 0.24
N SER A 132 22.63 5.11 0.64
CA SER A 132 23.65 5.93 0.00
C SER A 132 24.86 5.96 0.90
N PHE A 133 26.04 5.92 0.32
CA PHE A 133 27.28 5.92 1.04
C PHE A 133 28.01 7.18 0.63
N VAL A 134 28.12 8.11 1.59
CA VAL A 134 28.65 9.45 1.37
C VAL A 134 29.94 9.53 2.11
N TYR A 135 31.01 9.83 1.38
CA TYR A 135 32.34 9.87 1.94
C TYR A 135 33.04 11.17 1.57
N ASN A 136 33.61 11.84 2.56
CA ASN A 136 34.18 13.18 2.35
C ASN A 136 33.25 14.09 1.57
N GLY A 137 31.95 14.05 1.88
CA GLY A 137 30.97 14.86 1.19
C GLY A 137 30.51 14.44 -0.23
N MET A 138 31.01 13.32 -0.76
CA MET A 138 30.61 12.86 -2.07
C MET A 138 29.83 11.55 -1.97
N LEU A 139 28.86 11.41 -2.84
CA LEU A 139 28.21 10.12 -2.99
C LEU A 139 29.11 9.14 -3.73
N VAL A 140 29.58 8.12 -3.02
CA VAL A 140 30.54 7.15 -3.59
C VAL A 140 29.89 5.82 -3.97
N ASP A 141 28.81 5.42 -3.29
CA ASP A 141 28.20 4.09 -3.60
C ASP A 141 26.76 4.10 -3.16
N SER A 142 26.02 3.07 -3.53
CA SER A 142 24.65 2.87 -3.07
C SER A 142 24.29 1.42 -3.26
N ILE A 143 23.38 0.93 -2.43
CA ILE A 143 22.89 -0.39 -2.51
C ILE A 143 21.39 -0.36 -2.32
N GLY A 144 20.71 -1.26 -3.05
CA GLY A 144 19.26 -1.40 -2.90
C GLY A 144 19.00 -2.52 -1.91
N SER A 145 17.75 -2.62 -1.53
CA SER A 145 17.26 -3.58 -0.56
C SER A 145 17.40 -4.98 -1.07
N TRP A 146 17.99 -5.88 -0.29
CA TRP A 146 18.15 -7.29 -0.69
C TRP A 146 16.99 -8.19 -0.28
N SER A 147 16.22 -7.83 0.73
CA SER A 147 15.03 -8.59 1.19
C SER A 147 13.71 -7.84 1.07
N ARG A 148 13.73 -6.58 0.55
CA ARG A 148 12.54 -5.82 0.27
C ARG A 148 11.65 -5.66 1.49
N ASN A 149 12.26 -5.42 2.65
CA ASN A 149 11.51 -5.21 3.82
C ASN A 149 12.34 -4.38 4.82
N ILE A 150 12.42 -3.11 4.51
CA ILE A 150 13.04 -2.11 5.39
C ILE A 150 14.53 -2.35 5.63
N LEU A 151 15.27 -2.13 4.56
CA LEU A 151 16.72 -2.05 4.67
C LEU A 151 17.05 -1.02 5.75
N ARG A 152 17.96 -1.35 6.67
CA ARG A 152 18.12 -0.50 7.88
C ARG A 152 19.44 -0.73 8.54
N THR A 153 19.89 0.22 9.38
CA THR A 153 21.22 0.09 9.94
C THR A 153 21.30 0.51 11.44
N GLN A 154 22.49 0.93 11.86
CA GLN A 154 22.85 0.93 13.27
C GLN A 154 22.16 1.97 14.14
N GLU A 155 22.01 3.17 13.61
CA GLU A 155 21.61 4.37 14.38
C GLU A 155 22.68 4.69 15.45
N SER A 156 23.96 4.36 15.20
CA SER A 156 25.05 4.78 15.98
C SER A 156 26.27 4.65 15.15
N GLU A 157 27.42 4.97 15.71
CA GLU A 157 28.61 5.06 14.90
C GLU A 157 29.06 3.73 14.34
N CYS A 158 29.59 3.80 13.14
CA CYS A 158 30.31 2.71 12.54
C CYS A 158 31.75 2.80 13.01
N VAL A 159 32.56 1.84 12.62
CA VAL A 159 33.91 1.83 13.02
C VAL A 159 34.85 1.55 11.86
N CYS A 160 35.94 2.30 11.81
CA CYS A 160 36.97 2.17 10.77
C CYS A 160 38.34 1.82 11.36
N ILE A 161 39.03 0.84 10.78
CA ILE A 161 40.38 0.48 11.15
C ILE A 161 41.24 0.44 9.90
N ASN A 162 42.24 1.29 9.88
CA ASN A 162 43.22 1.38 8.78
C ASN A 162 42.60 1.64 7.43
N GLY A 163 41.57 2.47 7.44
CA GLY A 163 40.94 2.93 6.20
C GLY A 163 39.71 2.08 5.83
N THR A 164 39.48 0.95 6.49
CA THR A 164 38.29 0.13 6.20
C THR A 164 37.25 0.30 7.27
N CYS A 165 36.08 0.74 6.87
CA CYS A 165 34.96 0.93 7.75
C CYS A 165 33.94 -0.17 7.68
N THR A 166 33.40 -0.57 8.83
CA THR A 166 32.41 -1.63 8.81
C THR A 166 31.14 -1.11 9.38
N VAL A 167 30.06 -1.58 8.82
CA VAL A 167 28.69 -1.29 9.26
C VAL A 167 27.79 -2.50 9.11
N VAL A 168 26.85 -2.65 10.08
CA VAL A 168 25.94 -3.75 10.12
C VAL A 168 24.58 -3.31 9.65
N MET A 169 23.98 -4.04 8.69
CA MET A 169 22.68 -3.69 8.20
C MET A 169 21.76 -4.89 8.23
N THR A 170 20.46 -4.65 8.39
CA THR A 170 19.48 -5.73 8.33
C THR A 170 18.40 -5.42 7.32
N ASP A 171 17.84 -6.49 6.68
CA ASP A 171 16.73 -6.29 5.75
C ASP A 171 15.85 -7.53 5.97
N GLY A 172 14.53 -7.34 6.19
CA GLY A 172 13.58 -8.41 6.47
C GLY A 172 12.79 -8.19 7.78
N SER A 173 12.18 -9.25 8.24
CA SER A 173 11.20 -9.16 9.36
C SER A 173 11.81 -8.52 10.64
N ALA A 174 10.97 -7.77 11.35
CA ALA A 174 11.36 -7.26 12.70
C ALA A 174 10.98 -8.25 13.78
N SER A 175 10.38 -9.36 13.40
CA SER A 175 9.85 -10.30 14.41
C SER A 175 9.93 -11.74 13.98
N GLY A 176 11.00 -12.05 13.26
CA GLY A 176 11.23 -13.38 12.71
C GLY A 176 12.60 -13.27 12.04
N ARG A 177 13.07 -14.37 11.50
CA ARG A 177 14.38 -14.42 10.86
C ARG A 177 14.48 -13.32 9.80
N ALA A 178 15.62 -12.63 9.76
CA ALA A 178 15.84 -11.58 8.74
C ALA A 178 17.21 -11.84 8.10
N ASP A 179 17.61 -10.97 7.21
CA ASP A 179 18.89 -11.08 6.47
C ASP A 179 19.80 -9.89 6.86
N THR A 180 20.74 -10.20 7.74
CA THR A 180 21.70 -9.27 8.21
C THR A 180 23.02 -9.49 7.46
N ARG A 181 23.63 -8.38 7.04
CA ARG A 181 24.93 -8.39 6.36
C ARG A 181 25.84 -7.34 6.96
N ILE A 182 27.13 -7.61 6.91
CA ILE A 182 28.17 -6.71 7.46
C ILE A 182 28.98 -6.24 6.25
N LEU A 183 29.00 -4.91 6.08
CA LEU A 183 29.62 -4.28 4.92
C LEU A 183 30.97 -3.78 5.34
N PHE A 184 31.90 -3.84 4.42
CA PHE A 184 33.25 -3.30 4.58
C PHE A 184 33.48 -2.27 3.46
N ILE A 185 33.82 -1.05 3.84
CA ILE A 185 33.76 0.10 2.97
C ILE A 185 35.08 0.89 3.09
N ARG A 186 35.70 1.21 1.97
CA ARG A 186 36.92 1.99 1.94
C ARG A 186 36.67 3.22 1.11
N GLU A 187 36.92 4.38 1.70
CA GLU A 187 36.64 5.64 1.00
C GLU A 187 35.26 5.75 0.37
N GLY A 188 34.28 5.22 1.06
CA GLY A 188 32.91 5.28 0.58
C GLY A 188 32.47 4.11 -0.33
N LYS A 189 33.40 3.32 -0.78
CA LYS A 189 33.15 2.25 -1.72
C LYS A 189 32.96 0.94 -0.95
N ILE A 190 31.91 0.18 -1.25
CA ILE A 190 31.76 -1.15 -0.68
C ILE A 190 32.77 -2.10 -1.33
N ILE A 191 33.63 -2.68 -0.51
CA ILE A 191 34.60 -3.64 -1.03
C ILE A 191 34.31 -5.12 -0.71
N HIS A 192 33.50 -5.36 0.32
CA HIS A 192 33.11 -6.73 0.68
C HIS A 192 31.87 -6.68 1.46
N ILE A 193 31.08 -7.73 1.34
CA ILE A 193 29.87 -7.89 2.15
C ILE A 193 29.82 -9.35 2.69
N SER A 194 29.85 -9.51 4.01
CA SER A 194 29.73 -10.81 4.69
C SER A 194 28.35 -11.02 5.32
N PRO A 195 27.68 -12.13 4.98
CA PRO A 195 26.44 -12.35 5.67
C PRO A 195 26.74 -12.55 7.15
N LEU A 196 25.75 -12.28 7.97
CA LEU A 196 25.84 -12.66 9.39
C LEU A 196 26.09 -14.16 9.51
N SER A 197 26.88 -14.56 10.53
CA SER A 197 27.11 -15.96 10.79
C SER A 197 27.19 -16.10 12.29
N GLY A 198 26.94 -17.31 12.75
CA GLY A 198 27.01 -17.65 14.18
C GLY A 198 25.66 -17.82 14.84
N SER A 199 25.60 -17.74 16.18
CA SER A 199 24.39 -18.16 16.86
C SER A 199 23.37 -17.03 17.14
N ALA A 200 23.71 -15.74 16.87
CA ALA A 200 22.71 -14.68 17.00
C ALA A 200 21.61 -14.94 16.01
N GLN A 201 20.38 -14.83 16.46
CA GLN A 201 19.28 -15.16 15.63
C GLN A 201 18.50 -13.98 15.07
N HIS A 202 18.74 -12.77 15.58
CA HIS A 202 18.06 -11.63 15.08
C HIS A 202 18.89 -10.41 15.45
N ILE A 203 19.10 -9.54 14.47
CA ILE A 203 19.97 -8.35 14.65
C ILE A 203 19.31 -7.03 14.23
N GLU A 204 19.30 -6.06 15.16
CA GLU A 204 18.85 -4.72 14.92
C GLU A 204 19.81 -3.76 15.57
N GLU A 205 19.99 -2.62 14.91
CA GLU A 205 20.54 -1.41 15.60
C GLU A 205 21.82 -1.67 16.41
N CYS A 206 22.88 -2.15 15.74
CA CYS A 206 24.04 -2.54 16.43
C CYS A 206 24.79 -1.34 17.00
N SER A 207 25.32 -1.50 18.20
CA SER A 207 26.28 -0.54 18.85
C SER A 207 27.67 -1.15 18.80
N CYS A 208 28.51 -0.59 17.95
CA CYS A 208 29.81 -1.22 17.59
C CYS A 208 30.99 -0.40 18.09
N TYR A 209 32.10 -1.11 18.35
CA TYR A 209 33.29 -0.43 18.81
C TYR A 209 34.54 -1.13 18.35
N PRO A 210 35.65 -0.39 18.27
CA PRO A 210 36.93 -0.98 17.88
C PRO A 210 37.47 -1.84 19.01
N ARG A 211 37.91 -3.01 18.66
CA ARG A 211 38.65 -3.87 19.56
C ARG A 211 39.83 -4.37 18.72
N TYR A 212 40.84 -3.52 18.59
CA TYR A 212 41.92 -3.67 17.58
C TYR A 212 42.49 -5.07 17.63
N PRO A 213 42.67 -5.74 16.45
CA PRO A 213 42.51 -5.26 15.05
C PRO A 213 41.14 -5.39 14.48
N ASN A 214 40.18 -5.76 15.32
CA ASN A 214 38.82 -6.08 14.90
C ASN A 214 37.76 -5.15 15.45
N VAL A 215 36.50 -5.46 15.16
CA VAL A 215 35.34 -4.71 15.67
C VAL A 215 34.38 -5.64 16.37
N ARG A 216 33.73 -5.09 17.39
CA ARG A 216 32.76 -5.84 18.09
C ARG A 216 31.48 -5.01 18.21
N CYS A 217 30.35 -5.67 18.09
CA CYS A 217 29.04 -5.03 18.20
C CYS A 217 28.16 -5.76 19.20
N VAL A 218 27.34 -5.00 19.91
CA VAL A 218 26.29 -5.48 20.73
C VAL A 218 25.01 -4.83 20.22
N CYS A 219 24.01 -5.68 19.92
CA CYS A 219 22.87 -5.23 19.17
C CYS A 219 21.57 -5.48 19.92
N ARG A 220 20.46 -5.45 19.19
CA ARG A 220 19.12 -5.66 19.72
C ARG A 220 18.53 -6.84 18.94
N ASP A 221 18.11 -7.84 19.72
CA ASP A 221 17.30 -8.97 19.16
C ASP A 221 15.79 -8.62 19.33
N ASN A 222 15.07 -8.46 18.22
CA ASN A 222 13.67 -8.06 18.29
C ASN A 222 12.66 -9.18 18.20
N TRP A 223 13.21 -10.38 18.16
CA TRP A 223 12.41 -11.59 17.84
C TRP A 223 12.26 -12.46 19.14
N LYS A 224 13.26 -13.24 19.52
CA LYS A 224 13.11 -14.11 20.69
C LYS A 224 13.94 -13.77 21.92
N GLY A 225 14.71 -12.69 21.84
CA GLY A 225 15.74 -12.50 22.85
C GLY A 225 15.52 -11.23 23.65
N SER A 226 15.56 -11.31 24.99
CA SER A 226 15.78 -10.10 25.76
C SER A 226 17.21 -9.97 26.22
N ASN A 227 18.03 -10.99 25.91
CA ASN A 227 19.46 -10.88 26.02
C ASN A 227 19.93 -10.23 24.68
N ARG A 228 21.00 -9.46 24.73
CA ARG A 228 21.53 -8.77 23.56
C ARG A 228 22.48 -9.65 22.78
N PRO A 229 22.27 -9.72 21.45
CA PRO A 229 23.27 -10.40 20.58
C PRO A 229 24.54 -9.67 20.45
N VAL A 230 25.58 -10.42 20.17
CA VAL A 230 26.93 -9.88 19.97
C VAL A 230 27.42 -10.31 18.61
N ILE A 231 28.04 -9.41 17.87
CA ILE A 231 28.74 -9.71 16.57
C ILE A 231 30.21 -9.35 16.62
N ASP A 232 31.04 -10.30 16.23
CA ASP A 232 32.48 -10.08 16.10
C ASP A 232 32.84 -10.06 14.63
N ILE A 233 33.54 -9.02 14.23
CA ILE A 233 33.82 -8.74 12.82
C ILE A 233 35.32 -8.74 12.68
N ASN A 234 35.83 -9.76 11.99
CA ASN A 234 37.27 -9.87 11.79
C ASN A 234 37.65 -9.03 10.58
N MET A 235 38.44 -7.96 10.83
CA MET A 235 38.72 -7.01 9.79
C MET A 235 39.73 -7.51 8.75
N ALA A 236 40.53 -8.50 9.11
CA ALA A 236 41.59 -8.99 8.20
C ALA A 236 41.02 -10.01 7.18
N ASP A 237 40.04 -10.79 7.60
CA ASP A 237 39.52 -11.87 6.68
C ASP A 237 38.00 -11.82 6.43
N TYR A 238 37.33 -10.79 6.93
CA TYR A 238 35.89 -10.60 6.76
C TYR A 238 35.01 -11.64 7.41
N ASN A 239 35.55 -12.34 8.41
CA ASN A 239 34.85 -13.43 9.06
C ASN A 239 33.95 -12.89 10.14
N ILE A 240 32.74 -13.39 10.18
CA ILE A 240 31.76 -12.93 11.15
C ILE A 240 31.42 -14.06 12.07
N ASN A 241 31.47 -13.80 13.38
CA ASN A 241 30.79 -14.75 14.31
C ASN A 241 29.88 -13.98 15.25
N SER A 242 29.00 -14.70 15.93
CA SER A 242 27.97 -14.04 16.72
C SER A 242 27.49 -14.97 17.82
N SER A 243 26.90 -14.37 18.84
CA SER A 243 26.48 -15.08 20.06
C SER A 243 25.64 -14.07 20.85
N TYR A 244 25.55 -14.24 22.17
CA TYR A 244 24.76 -13.34 23.02
C TYR A 244 25.55 -12.98 24.24
N VAL A 245 25.33 -11.77 24.78
CA VAL A 245 26.02 -11.40 25.97
C VAL A 245 25.66 -12.40 27.07
N CYS A 246 26.67 -12.91 27.73
CA CYS A 246 26.49 -13.96 28.79
C CYS A 246 25.62 -13.57 29.97
N SER A 247 25.68 -12.27 30.37
CA SER A 247 25.06 -11.82 31.59
C SER A 247 23.58 -12.22 31.77
N GLY A 248 23.29 -12.76 32.95
CA GLY A 248 21.90 -13.04 33.31
C GLY A 248 21.10 -11.80 33.64
N LEU A 249 21.80 -10.68 33.86
CA LEU A 249 21.18 -9.40 33.89
C LEU A 249 21.22 -8.95 32.44
N VAL A 250 20.06 -8.93 31.83
CA VAL A 250 19.97 -8.74 30.39
C VAL A 250 19.71 -7.26 30.11
N GLY A 251 20.00 -6.87 28.88
CA GLY A 251 20.00 -5.46 28.53
C GLY A 251 18.88 -4.90 27.75
N ASP A 252 18.04 -5.78 27.19
CA ASP A 252 16.97 -5.35 26.39
C ASP A 252 15.77 -4.88 27.23
N THR A 253 14.88 -4.15 26.57
CA THR A 253 13.54 -3.82 27.06
C THR A 253 12.51 -4.11 25.95
N PRO A 254 11.51 -4.99 26.21
CA PRO A 254 11.22 -5.67 27.48
C PRO A 254 12.13 -6.82 27.86
N ARG A 255 12.01 -7.23 29.14
CA ARG A 255 12.76 -8.29 29.69
C ARG A 255 12.07 -8.79 30.95
N ASN A 256 12.48 -9.97 31.41
CA ASN A 256 12.05 -10.47 32.71
C ASN A 256 12.72 -9.70 33.84
N ASP A 257 12.15 -9.80 35.04
CA ASP A 257 12.83 -9.10 36.14
C ASP A 257 14.13 -9.86 36.47
N ASP A 258 15.00 -9.24 37.25
CA ASP A 258 16.36 -9.73 37.48
C ASP A 258 16.38 -11.14 38.08
N SER A 259 15.40 -11.47 38.91
CA SER A 259 15.39 -12.79 39.54
C SER A 259 15.07 -13.92 38.55
N SER A 260 14.45 -13.61 37.41
CA SER A 260 14.04 -14.67 36.47
C SER A 260 14.51 -14.49 34.99
N SER A 261 15.42 -13.54 34.77
CA SER A 261 16.04 -13.32 33.46
C SER A 261 17.25 -14.27 33.32
N SER A 262 17.56 -14.66 32.10
CA SER A 262 18.64 -15.61 31.86
C SER A 262 19.32 -15.31 30.55
N SER A 263 20.53 -15.85 30.39
CA SER A 263 21.16 -15.95 29.08
C SER A 263 22.18 -17.06 29.16
N ASN A 264 22.17 -17.91 28.15
CA ASN A 264 23.20 -18.93 27.99
C ASN A 264 24.45 -18.63 27.17
N CYS A 265 24.63 -17.37 26.77
CA CYS A 265 25.76 -16.88 25.98
C CYS A 265 25.60 -17.16 24.47
N LYS A 266 24.59 -17.95 24.09
CA LYS A 266 24.56 -18.66 22.77
C LYS A 266 23.31 -18.43 22.00
N ASP A 267 22.18 -18.56 22.67
CA ASP A 267 20.88 -18.42 22.04
C ASP A 267 19.99 -17.30 22.59
N PRO A 268 19.02 -16.84 21.77
CA PRO A 268 18.03 -15.96 22.36
C PRO A 268 17.35 -16.63 23.56
N ASN A 269 17.06 -15.87 24.60
CA ASN A 269 16.62 -16.50 25.86
C ASN A 269 15.11 -16.83 25.90
N ASN A 270 14.37 -16.43 24.86
CA ASN A 270 12.90 -16.64 24.77
C ASN A 270 12.12 -16.07 25.92
N GLU A 271 12.65 -14.96 26.48
CA GLU A 271 11.98 -14.27 27.56
C GLU A 271 11.61 -12.91 27.02
N ARG A 272 10.32 -12.67 26.89
CA ARG A 272 9.80 -11.43 26.42
C ARG A 272 10.58 -10.93 25.17
N GLY A 273 10.75 -11.81 24.21
CA GLY A 273 11.72 -11.67 23.14
C GLY A 273 11.49 -10.46 22.27
N ASN A 274 10.22 -10.11 22.11
CA ASN A 274 9.87 -9.03 21.14
C ASN A 274 9.11 -7.96 21.92
N PRO A 275 9.31 -6.67 21.60
CA PRO A 275 10.26 -6.18 20.59
C PRO A 275 11.65 -5.93 21.22
N GLY A 276 11.99 -4.70 21.63
CA GLY A 276 13.33 -4.38 22.02
C GLY A 276 13.61 -2.85 21.99
N VAL A 277 14.83 -2.49 22.34
CA VAL A 277 15.30 -1.11 22.33
C VAL A 277 16.79 -1.17 21.96
N LYS A 278 17.27 -0.21 21.14
CA LYS A 278 18.71 -0.12 20.88
C LYS A 278 19.47 0.13 22.18
N GLY A 279 20.61 -0.57 22.35
CA GLY A 279 21.43 -0.53 23.53
C GLY A 279 22.85 -0.93 23.24
N TRP A 280 23.64 -1.14 24.28
CA TRP A 280 25.09 -1.37 24.15
C TRP A 280 25.61 -2.14 25.35
N ALA A 281 26.79 -2.71 25.17
CA ALA A 281 27.54 -3.27 26.29
C ALA A 281 28.95 -3.39 25.72
N PHE A 282 29.94 -3.54 26.58
CA PHE A 282 31.32 -3.89 26.13
C PHE A 282 32.07 -4.70 27.16
N ASP A 283 33.04 -5.47 26.67
CA ASP A 283 33.72 -6.47 27.48
C ASP A 283 34.89 -5.83 28.16
N ASN A 284 35.17 -6.27 29.37
CA ASN A 284 36.48 -6.06 29.94
C ASN A 284 36.93 -7.36 30.56
N ASP A 285 37.83 -8.05 29.88
CA ASP A 285 38.18 -9.44 30.25
C ASP A 285 36.93 -10.36 30.41
N ASN A 286 36.68 -10.88 31.61
CA ASN A 286 35.53 -11.71 31.84
C ASN A 286 34.27 -10.95 32.23
N ASP A 287 34.40 -9.65 32.48
CA ASP A 287 33.28 -8.81 32.98
C ASP A 287 32.67 -7.98 31.86
N VAL A 288 31.41 -7.56 32.02
CA VAL A 288 30.75 -6.71 31.01
C VAL A 288 30.32 -5.46 31.67
N TRP A 289 30.57 -4.36 30.96
CA TRP A 289 29.91 -3.11 31.30
C TRP A 289 28.75 -2.90 30.38
N MET A 290 27.61 -2.50 30.93
CA MET A 290 26.40 -2.41 30.16
C MET A 290 25.46 -1.35 30.69
N GLY A 291 24.69 -0.69 29.78
CA GLY A 291 23.52 0.07 30.16
C GLY A 291 22.22 -0.59 29.91
N ARG A 292 21.16 -0.08 30.55
CA ARG A 292 19.82 -0.57 30.20
C ARG A 292 18.82 0.39 30.79
N THR A 293 17.57 0.34 30.33
CA THR A 293 16.50 1.07 30.98
C THR A 293 16.30 0.52 32.46
N ILE A 294 15.85 1.35 33.38
CA ILE A 294 15.57 0.86 34.72
C ILE A 294 14.32 0.00 34.68
N SER A 295 13.29 0.48 34.00
CA SER A 295 12.08 -0.27 33.88
C SER A 295 12.32 -1.53 33.01
N LYS A 296 11.73 -2.64 33.41
CA LYS A 296 11.85 -3.85 32.57
C LYS A 296 10.86 -3.85 31.44
N ASP A 297 9.88 -2.97 31.51
CA ASP A 297 8.74 -2.98 30.64
C ASP A 297 8.77 -1.81 29.64
N LEU A 298 9.14 -0.63 30.13
CA LEU A 298 9.07 0.61 29.35
C LEU A 298 10.44 1.33 29.26
N ARG A 299 10.55 2.28 28.35
CA ARG A 299 11.79 2.97 28.11
C ARG A 299 11.86 4.10 29.10
N SER A 300 11.93 3.72 30.37
CA SER A 300 11.97 4.66 31.47
C SER A 300 13.23 4.38 32.25
N GLY A 301 13.89 5.46 32.68
CA GLY A 301 15.11 5.35 33.46
C GLY A 301 16.28 4.83 32.65
N TYR A 302 17.47 4.99 33.23
CA TYR A 302 18.67 4.43 32.62
C TYR A 302 19.74 4.26 33.72
N GLU A 303 20.37 3.10 33.70
CA GLU A 303 21.38 2.71 34.63
C GLU A 303 22.48 2.02 33.90
N THR A 304 23.68 2.15 34.43
CA THR A 304 24.82 1.39 34.00
C THR A 304 25.39 0.59 35.22
N PHE A 305 26.06 -0.52 34.90
CA PHE A 305 26.78 -1.27 35.93
C PHE A 305 27.75 -2.24 35.25
N LYS A 306 28.65 -2.83 36.03
CA LYS A 306 29.50 -3.89 35.57
C LYS A 306 28.97 -5.25 36.12
N VAL A 307 28.92 -6.30 35.29
CA VAL A 307 28.57 -7.63 35.74
C VAL A 307 29.83 -8.47 35.78
N ILE A 308 30.12 -8.95 37.00
CA ILE A 308 31.32 -9.75 37.24
C ILE A 308 31.09 -11.10 36.57
N GLY A 309 32.01 -11.49 35.70
CA GLY A 309 31.85 -12.69 34.87
C GLY A 309 30.80 -12.55 33.78
N GLY A 310 30.28 -11.34 33.59
CA GLY A 310 29.18 -11.13 32.72
C GLY A 310 29.49 -11.29 31.23
N TRP A 311 30.77 -11.26 30.86
CA TRP A 311 31.13 -11.51 29.50
C TRP A 311 31.29 -13.01 29.18
N THR A 312 31.75 -13.81 30.14
CA THR A 312 32.15 -15.21 29.86
C THR A 312 31.38 -16.26 30.64
N THR A 313 30.66 -15.86 31.67
CA THR A 313 29.90 -16.78 32.44
C THR A 313 28.41 -16.58 32.29
N ALA A 314 27.75 -17.62 31.74
CA ALA A 314 26.35 -17.58 31.48
C ALA A 314 25.63 -17.31 32.73
N ASN A 315 24.61 -16.48 32.65
CA ASN A 315 23.72 -16.24 33.76
C ASN A 315 24.35 -15.55 35.00
N SER A 316 25.56 -15.02 34.88
CA SER A 316 26.14 -14.23 35.99
C SER A 316 25.28 -13.04 36.32
N LYS A 317 25.05 -12.82 37.61
CA LYS A 317 24.22 -11.72 38.04
C LYS A 317 24.86 -10.89 39.16
N SER A 318 26.15 -11.01 39.37
CA SER A 318 26.76 -10.21 40.44
C SER A 318 27.16 -8.86 39.85
N GLN A 319 26.37 -7.83 40.06
CA GLN A 319 26.77 -6.51 39.57
C GLN A 319 27.55 -5.72 40.61
N VAL A 320 28.21 -4.68 40.14
CA VAL A 320 28.96 -3.74 40.99
C VAL A 320 29.06 -2.45 40.21
N ASN A 321 29.42 -1.35 40.88
CA ASN A 321 29.62 -0.05 40.22
C ASN A 321 28.42 0.44 39.48
N ARG A 322 27.23 0.23 40.04
CA ARG A 322 26.05 0.75 39.41
C ARG A 322 26.09 2.30 39.42
N GLN A 323 25.51 2.91 38.38
CA GLN A 323 25.25 4.33 38.31
C GLN A 323 23.89 4.55 37.67
N VAL A 324 23.08 5.36 38.34
CA VAL A 324 21.90 5.95 37.73
C VAL A 324 22.32 7.08 36.78
N ILE A 325 21.82 7.00 35.57
CA ILE A 325 22.05 8.09 34.56
C ILE A 325 20.80 8.93 34.44
N VAL A 326 19.67 8.26 34.39
CA VAL A 326 18.34 8.85 34.42
C VAL A 326 17.44 8.08 35.41
N ASP A 327 16.84 8.81 36.33
CA ASP A 327 15.97 8.11 37.31
C ASP A 327 14.70 7.53 36.63
N ASN A 328 14.07 6.61 37.34
CA ASN A 328 13.01 5.82 36.72
C ASN A 328 11.69 6.57 36.66
N ASN A 329 11.66 7.80 37.14
CA ASN A 329 10.51 8.66 36.89
C ASN A 329 10.61 9.46 35.58
N ASN A 330 11.70 9.25 34.83
CA ASN A 330 11.93 10.01 33.59
C ASN A 330 12.18 9.09 32.41
N TRP A 331 11.78 9.59 31.24
CA TRP A 331 11.83 8.81 30.01
C TRP A 331 13.24 8.73 29.46
N SER A 332 13.59 7.55 28.96
CA SER A 332 14.83 7.36 28.23
C SER A 332 14.46 7.02 26.77
N GLY A 333 15.07 5.98 26.21
CA GLY A 333 14.98 5.68 24.80
C GLY A 333 16.19 4.88 24.38
N TYR A 334 16.57 5.01 23.12
CA TYR A 334 17.76 4.35 22.58
C TYR A 334 19.03 4.78 23.28
N SER A 335 20.02 3.90 23.24
CA SER A 335 21.30 4.24 23.75
C SER A 335 22.33 3.56 22.89
N GLY A 336 23.51 4.09 22.88
CA GLY A 336 24.58 3.53 22.03
C GLY A 336 25.96 3.91 22.49
N ILE A 337 26.94 3.17 21.99
CA ILE A 337 28.33 3.31 22.29
C ILE A 337 29.05 4.15 21.28
N PHE A 338 29.99 4.95 21.77
CA PHE A 338 31.05 5.46 20.90
C PHE A 338 32.38 5.37 21.61
N SER A 339 33.45 5.37 20.85
CA SER A 339 34.79 5.25 21.40
C SER A 339 35.65 6.46 21.09
N VAL A 340 36.52 6.80 22.04
CA VAL A 340 37.38 7.98 21.93
C VAL A 340 38.82 7.59 22.34
N GLU A 341 39.75 7.75 21.45
CA GLU A 341 41.13 7.44 21.75
C GLU A 341 41.87 8.57 22.48
N GLY A 342 42.38 8.24 23.64
CA GLY A 342 43.07 9.18 24.50
C GLY A 342 44.57 8.95 24.26
N LYS A 343 45.36 9.51 25.13
CA LYS A 343 46.80 9.51 24.99
C LYS A 343 47.34 8.11 25.02
N SER A 344 46.80 7.29 25.91
N SER A 344 46.80 7.29 25.91
CA SER A 344 47.35 5.96 26.14
CA SER A 344 47.35 5.96 26.14
C SER A 344 46.35 4.81 25.94
C SER A 344 46.35 4.80 25.95
N CYS A 345 45.05 5.09 25.87
CA CYS A 345 44.07 4.03 25.79
C CYS A 345 42.85 4.46 25.03
N VAL A 346 42.09 3.48 24.52
CA VAL A 346 40.80 3.74 23.89
C VAL A 346 39.70 3.71 24.97
N ASN A 347 38.99 4.81 25.10
CA ASN A 347 37.87 4.96 26.02
C ASN A 347 36.56 4.60 25.40
N ARG A 348 35.60 4.16 26.24
CA ARG A 348 34.26 3.96 25.81
C ARG A 348 33.32 4.92 26.44
N CYS A 349 32.40 5.46 25.60
CA CYS A 349 31.40 6.45 26.04
C CYS A 349 30.04 6.00 25.56
N PHE A 350 28.97 6.62 26.04
CA PHE A 350 27.67 6.26 25.56
C PHE A 350 26.75 7.43 25.65
N TYR A 351 25.71 7.44 24.79
CA TYR A 351 24.66 8.43 24.83
C TYR A 351 23.36 7.76 25.17
N VAL A 352 22.45 8.53 25.75
CA VAL A 352 21.10 8.11 25.99
C VAL A 352 20.18 9.12 25.32
N GLU A 353 19.27 8.61 24.54
CA GLU A 353 18.15 9.35 23.94
C GLU A 353 17.07 9.49 24.97
N LEU A 354 16.65 10.74 25.20
CA LEU A 354 15.59 11.04 26.14
C LEU A 354 14.32 11.44 25.34
N ILE A 355 13.47 10.46 25.13
CA ILE A 355 12.33 10.66 24.26
C ILE A 355 11.19 11.35 25.01
N ARG A 356 10.66 12.40 24.38
CA ARG A 356 9.50 13.10 24.91
C ARG A 356 8.40 13.11 23.88
N GLY A 357 7.16 13.18 24.35
CA GLY A 357 6.02 13.08 23.53
C GLY A 357 5.71 11.63 23.24
N GLY A 358 5.15 11.36 22.07
CA GLY A 358 4.37 10.11 21.88
C GLY A 358 5.25 8.89 22.16
N PRO A 359 4.64 7.74 22.54
CA PRO A 359 3.22 7.43 22.79
C PRO A 359 2.90 7.56 24.27
N GLN A 360 3.92 7.80 25.08
CA GLN A 360 3.79 7.79 26.51
C GLN A 360 3.29 9.14 27.07
N GLU A 361 3.43 10.20 26.28
CA GLU A 361 3.01 11.51 26.68
C GLU A 361 2.12 12.07 25.59
N THR A 362 0.82 11.84 25.71
CA THR A 362 -0.07 12.16 24.63
C THR A 362 -0.64 13.58 24.68
N ARG A 363 -0.31 14.39 25.67
CA ARG A 363 -0.67 15.79 25.60
C ARG A 363 -0.24 16.48 24.27
N VAL A 364 0.90 16.10 23.67
CA VAL A 364 1.48 16.90 22.53
C VAL A 364 1.33 16.66 20.98
N TRP A 365 1.17 15.45 20.56
CA TRP A 365 1.07 15.10 19.10
C TRP A 365 2.39 14.84 18.41
N TRP A 366 3.48 15.51 18.83
CA TRP A 366 4.82 15.19 18.33
C TRP A 366 5.58 14.19 19.20
N THR A 367 6.70 13.72 18.66
CA THR A 367 7.66 12.94 19.42
C THR A 367 9.03 13.46 19.04
N SER A 368 9.86 13.78 20.03
CA SER A 368 11.21 14.27 19.80
C SER A 368 12.08 13.80 20.95
N ASN A 369 13.36 14.16 20.94
CA ASN A 369 14.25 13.69 22.01
C ASN A 369 15.31 14.74 22.31
N SER A 370 15.86 14.66 23.50
CA SER A 370 17.13 15.31 23.82
C SER A 370 18.15 14.22 24.09
N ILE A 371 19.39 14.60 24.41
CA ILE A 371 20.42 13.61 24.72
C ILE A 371 21.16 13.91 26.01
N VAL A 372 21.63 12.83 26.67
CA VAL A 372 22.65 12.99 27.65
C VAL A 372 23.78 12.02 27.28
N VAL A 373 24.99 12.39 27.63
CA VAL A 373 26.18 11.67 27.19
C VAL A 373 27.19 11.54 28.36
N PHE A 374 27.73 10.37 28.53
CA PHE A 374 28.66 10.05 29.62
C PHE A 374 29.89 9.35 28.96
N CYS A 375 31.06 9.53 29.56
CA CYS A 375 32.25 8.81 29.07
C CYS A 375 32.91 8.00 30.15
N GLY A 376 33.57 6.92 29.75
CA GLY A 376 34.30 6.13 30.75
C GLY A 376 35.34 6.96 31.54
N THR A 377 35.58 6.60 32.80
CA THR A 377 36.57 7.27 33.59
C THR A 377 37.30 6.20 34.37
N SER A 378 38.56 6.46 34.64
CA SER A 378 39.35 5.66 35.59
C SER A 378 39.50 6.43 36.92
N GLY A 379 38.84 7.58 37.07
CA GLY A 379 38.85 8.33 38.33
C GLY A 379 37.65 7.99 39.19
N THR A 380 37.16 8.98 39.93
CA THR A 380 36.06 8.80 40.85
C THR A 380 34.90 9.73 40.50
N TYR A 381 33.78 9.52 41.14
CA TYR A 381 32.51 10.16 40.80
C TYR A 381 31.52 9.91 41.86
N GLY A 382 30.40 10.61 41.75
CA GLY A 382 29.34 10.56 42.69
C GLY A 382 28.07 10.08 42.09
N THR A 383 26.98 10.80 42.38
CA THR A 383 25.65 10.33 41.89
C THR A 383 24.83 11.49 41.39
N GLY A 384 23.79 11.16 40.61
CA GLY A 384 22.80 12.12 40.19
C GLY A 384 21.80 11.53 39.21
N SER A 385 21.03 12.39 38.58
CA SER A 385 20.10 11.99 37.54
C SER A 385 20.08 13.18 36.56
N TRP A 386 20.13 12.83 35.28
CA TRP A 386 20.18 13.86 34.19
C TRP A 386 19.14 13.61 33.10
N PRO A 387 17.86 13.77 33.44
CA PRO A 387 16.77 13.57 32.54
C PRO A 387 16.62 14.76 31.56
N ASP A 388 15.65 14.58 30.65
CA ASP A 388 15.39 15.58 29.66
C ASP A 388 15.14 16.99 30.27
N GLY A 389 14.26 17.00 31.26
CA GLY A 389 13.91 18.16 32.07
C GLY A 389 12.84 19.10 31.56
N ALA A 390 12.21 18.82 30.42
CA ALA A 390 11.15 19.67 30.00
C ALA A 390 9.90 19.34 30.77
N ASN A 391 9.06 20.33 30.98
CA ASN A 391 7.73 20.16 31.53
C ASN A 391 6.76 20.11 30.36
N ILE A 392 6.16 18.94 30.14
CA ILE A 392 5.32 18.70 29.01
C ILE A 392 4.17 19.73 28.89
N ASN A 393 3.73 20.33 30.01
CA ASN A 393 2.63 21.29 29.96
C ASN A 393 3.12 22.63 29.46
N PHE A 394 4.45 22.87 29.39
CA PHE A 394 4.98 24.11 28.86
C PHE A 394 5.22 24.03 27.33
N MET A 395 4.98 22.88 26.68
CA MET A 395 5.33 22.73 25.30
C MET A 395 4.19 23.10 24.36
N PRO A 396 4.53 23.63 23.19
CA PRO A 396 3.51 23.71 22.18
C PRO A 396 3.11 22.28 21.82
N ILE A 397 1.88 22.10 21.44
CA ILE A 397 1.29 20.77 21.27
C ILE A 397 1.58 20.12 19.88
N LEU B 10 -3.05 -23.68 -18.13
CA LEU B 10 -3.88 -22.45 -18.33
C LEU B 10 -2.99 -21.18 -18.32
N GLU B 11 -3.36 -20.24 -19.17
CA GLU B 11 -2.58 -19.04 -19.47
C GLU B 11 -3.43 -17.78 -19.28
N TYR B 12 -2.80 -16.67 -18.86
CA TYR B 12 -3.50 -15.39 -18.76
C TYR B 12 -3.91 -14.88 -20.14
N ARG B 13 -5.11 -14.30 -20.25
CA ARG B 13 -5.55 -13.61 -21.46
C ARG B 13 -4.76 -12.33 -21.65
N ASN B 14 -4.33 -12.11 -22.88
CA ASN B 14 -3.65 -10.87 -23.24
C ASN B 14 -4.47 -10.03 -24.19
N TRP B 15 -5.39 -10.66 -24.91
CA TRP B 15 -6.24 -9.93 -25.83
C TRP B 15 -5.44 -9.17 -26.90
N SER B 16 -4.29 -9.72 -27.26
CA SER B 16 -3.34 -9.04 -28.13
C SER B 16 -3.59 -9.40 -29.56
N LYS B 17 -4.78 -9.06 -30.02
CA LYS B 17 -5.12 -9.17 -31.44
C LYS B 17 -5.82 -7.88 -31.81
N PRO B 18 -5.84 -7.56 -33.11
CA PRO B 18 -6.50 -6.27 -33.44
C PRO B 18 -8.01 -6.37 -33.25
N GLN B 19 -8.65 -5.22 -33.06
CA GLN B 19 -10.11 -5.18 -33.07
C GLN B 19 -10.69 -5.68 -34.40
N CYS B 20 -11.71 -6.52 -34.32
CA CYS B 20 -12.34 -7.00 -35.55
C CYS B 20 -12.91 -5.81 -36.30
N GLN B 21 -12.91 -5.95 -37.63
CA GLN B 21 -13.69 -5.11 -38.49
C GLN B 21 -15.15 -5.37 -38.12
N ILE B 22 -15.94 -4.32 -38.01
CA ILE B 22 -17.35 -4.56 -37.89
C ILE B 22 -18.15 -3.75 -38.88
N THR B 23 -19.15 -4.40 -39.44
CA THR B 23 -20.12 -3.76 -40.30
C THR B 23 -21.42 -3.47 -39.55
N GLY B 24 -21.51 -3.91 -38.29
CA GLY B 24 -22.74 -3.83 -37.50
C GLY B 24 -22.73 -5.03 -36.52
N PHE B 25 -23.91 -5.42 -36.05
CA PHE B 25 -24.05 -6.48 -35.04
C PHE B 25 -25.07 -7.53 -35.47
N ALA B 26 -24.85 -8.78 -35.03
CA ALA B 26 -25.76 -9.87 -35.35
C ALA B 26 -26.34 -10.43 -34.03
N PRO B 27 -27.58 -10.95 -34.09
CA PRO B 27 -28.21 -11.50 -32.88
C PRO B 27 -27.43 -12.63 -32.29
N PHE B 28 -27.38 -12.69 -30.95
CA PHE B 28 -26.51 -13.69 -30.30
C PHE B 28 -27.24 -14.49 -29.26
N SER B 29 -28.00 -13.82 -28.38
CA SER B 29 -28.70 -14.54 -27.32
C SER B 29 -29.87 -13.75 -26.80
N LYS B 30 -30.80 -14.49 -26.23
CA LYS B 30 -31.97 -13.90 -25.59
C LYS B 30 -32.48 -14.87 -24.53
N ASP B 31 -32.84 -14.36 -23.37
CA ASP B 31 -33.25 -15.27 -22.31
C ASP B 31 -34.72 -15.39 -22.04
N ASN B 32 -35.53 -14.43 -22.48
CA ASN B 32 -36.99 -14.52 -22.28
C ASN B 32 -37.44 -14.65 -20.80
N SER B 33 -36.71 -14.01 -19.92
CA SER B 33 -36.84 -14.23 -18.50
C SER B 33 -38.27 -13.92 -17.99
N ILE B 34 -38.86 -12.83 -18.48
CA ILE B 34 -40.14 -12.35 -17.95
C ILE B 34 -41.27 -13.22 -18.45
N ARG B 35 -41.25 -13.54 -19.74
CA ARG B 35 -42.22 -14.50 -20.25
C ARG B 35 -42.24 -15.82 -19.47
N LEU B 36 -41.05 -16.36 -19.21
CA LEU B 36 -40.95 -17.64 -18.45
C LEU B 36 -41.43 -17.47 -16.99
N SER B 37 -41.26 -16.24 -16.44
CA SER B 37 -41.58 -15.98 -15.04
C SER B 37 -43.08 -16.10 -14.81
N ALA B 38 -43.88 -16.09 -15.88
CA ALA B 38 -45.34 -16.31 -15.77
C ALA B 38 -45.74 -17.78 -15.72
N GLY B 39 -44.77 -18.69 -15.79
CA GLY B 39 -45.09 -20.13 -15.73
C GLY B 39 -43.87 -20.88 -15.36
N GLY B 40 -43.29 -20.44 -14.22
CA GLY B 40 -42.05 -21.00 -13.74
C GLY B 40 -41.49 -20.12 -12.66
N ASP B 41 -40.59 -20.71 -11.87
CA ASP B 41 -39.90 -19.99 -10.81
C ASP B 41 -38.60 -19.40 -11.37
N ILE B 42 -38.61 -18.09 -11.59
CA ILE B 42 -37.51 -17.40 -12.18
C ILE B 42 -37.16 -16.19 -11.30
N TRP B 43 -35.89 -15.98 -11.09
CA TRP B 43 -35.38 -14.83 -10.30
C TRP B 43 -35.81 -13.49 -10.80
N VAL B 44 -36.12 -12.63 -9.83
CA VAL B 44 -36.22 -11.15 -10.05
C VAL B 44 -34.82 -10.57 -10.09
N THR B 45 -34.51 -9.83 -11.13
CA THR B 45 -33.16 -9.33 -11.31
C THR B 45 -33.18 -7.88 -11.82
N ARG B 46 -32.00 -7.27 -11.82
CA ARG B 46 -31.72 -6.09 -12.67
C ARG B 46 -30.23 -5.95 -12.78
N GLU B 47 -29.78 -4.96 -13.55
CA GLU B 47 -28.38 -4.70 -13.81
C GLU B 47 -27.66 -5.94 -14.32
N PRO B 48 -28.15 -6.54 -15.43
CA PRO B 48 -27.49 -7.72 -15.95
C PRO B 48 -26.22 -7.36 -16.73
N TYR B 49 -25.40 -8.37 -17.00
CA TYR B 49 -24.28 -8.23 -17.94
C TYR B 49 -23.80 -9.57 -18.42
N VAL B 50 -22.83 -9.57 -19.34
CA VAL B 50 -22.34 -10.77 -19.98
C VAL B 50 -20.83 -10.72 -19.91
N SER B 51 -20.21 -11.86 -19.66
CA SER B 51 -18.75 -11.98 -19.69
C SER B 51 -18.39 -13.39 -19.97
N CYS B 52 -17.24 -13.62 -20.63
CA CYS B 52 -16.99 -14.96 -21.21
C CYS B 52 -15.65 -15.53 -20.76
N ASP B 53 -15.63 -16.84 -20.56
CA ASP B 53 -14.43 -17.60 -20.13
C ASP B 53 -14.03 -18.17 -21.44
N HIS B 54 -13.03 -17.54 -22.02
CA HIS B 54 -12.64 -17.82 -23.38
C HIS B 54 -13.92 -17.66 -24.23
N SER B 55 -14.33 -18.66 -25.00
CA SER B 55 -15.56 -18.53 -25.82
C SER B 55 -16.87 -18.93 -25.14
N LYS B 56 -16.77 -19.47 -23.92
CA LYS B 56 -17.92 -19.83 -23.16
C LYS B 56 -18.45 -18.60 -22.36
N CYS B 57 -19.61 -18.09 -22.75
CA CYS B 57 -20.16 -16.87 -22.20
C CYS B 57 -21.14 -17.17 -21.09
N TYR B 58 -21.12 -16.29 -20.11
CA TYR B 58 -22.05 -16.30 -19.01
C TYR B 58 -22.89 -15.06 -18.96
N GLN B 59 -24.15 -15.24 -18.54
CA GLN B 59 -24.97 -14.13 -18.07
C GLN B 59 -24.96 -13.92 -16.54
N PHE B 60 -24.89 -12.63 -16.17
CA PHE B 60 -24.84 -12.21 -14.79
C PHE B 60 -25.97 -11.22 -14.54
N ALA B 61 -26.40 -11.15 -13.29
CA ALA B 61 -27.32 -10.09 -12.84
C ALA B 61 -27.39 -10.00 -11.33
N LEU B 62 -27.90 -8.85 -10.83
CA LEU B 62 -28.12 -8.65 -9.42
C LEU B 62 -29.50 -9.15 -9.11
N GLY B 63 -29.56 -10.25 -8.34
CA GLY B 63 -30.81 -10.76 -7.84
C GLY B 63 -31.44 -9.83 -6.86
N GLN B 64 -32.74 -9.97 -6.69
CA GLN B 64 -33.44 -9.29 -5.58
C GLN B 64 -33.85 -10.25 -4.44
N GLY B 65 -33.13 -11.35 -4.32
CA GLY B 65 -33.35 -12.30 -3.26
C GLY B 65 -34.75 -12.96 -3.32
N THR B 66 -35.33 -13.01 -4.51
CA THR B 66 -36.65 -13.62 -4.67
C THR B 66 -36.91 -14.01 -6.11
N THR B 67 -37.86 -14.94 -6.34
CA THR B 67 -38.43 -15.14 -7.64
C THR B 67 -39.59 -14.17 -7.91
N LEU B 68 -40.09 -14.20 -9.13
CA LEU B 68 -41.07 -13.25 -9.54
C LEU B 68 -42.46 -13.58 -9.02
N ASN B 69 -42.89 -14.84 -9.10
CA ASN B 69 -44.16 -15.28 -8.63
C ASN B 69 -43.96 -15.67 -7.17
N ASN B 70 -43.94 -14.64 -6.31
CA ASN B 70 -43.47 -14.77 -4.91
C ASN B 70 -43.84 -13.42 -4.29
N LYS B 71 -44.55 -13.41 -3.15
CA LYS B 71 -44.89 -12.13 -2.51
C LYS B 71 -43.69 -11.25 -2.16
N HIS B 72 -42.49 -11.83 -2.01
CA HIS B 72 -41.33 -11.02 -1.81
C HIS B 72 -40.89 -10.22 -3.01
N SER B 73 -41.54 -10.38 -4.14
CA SER B 73 -41.14 -9.64 -5.32
C SER B 73 -41.54 -8.18 -5.27
N ASN B 74 -42.40 -7.82 -4.33
CA ASN B 74 -42.83 -6.43 -4.18
C ASN B 74 -41.69 -5.43 -3.89
N SER B 75 -41.68 -4.33 -4.66
CA SER B 75 -40.89 -3.09 -4.41
C SER B 75 -39.42 -3.35 -4.41
N THR B 76 -38.99 -3.80 -5.57
CA THR B 76 -37.60 -3.97 -5.91
C THR B 76 -37.11 -2.68 -6.59
N ILE B 77 -37.57 -1.53 -6.05
CA ILE B 77 -37.14 -0.17 -6.42
C ILE B 77 -36.18 0.40 -5.36
N HIS B 78 -36.15 -0.24 -4.17
CA HIS B 78 -35.09 -0.02 -3.15
C HIS B 78 -33.87 -0.78 -3.64
N ASP B 79 -32.93 -0.03 -4.20
CA ASP B 79 -31.96 -0.63 -5.09
C ASP B 79 -30.92 -1.43 -4.31
N ARG B 80 -30.74 -1.17 -3.04
CA ARG B 80 -29.61 -1.72 -2.30
C ARG B 80 -30.11 -2.35 -1.02
N THR B 81 -30.36 -3.64 -1.05
CA THR B 81 -30.68 -4.38 0.16
C THR B 81 -29.65 -5.44 0.38
N SER B 82 -29.69 -5.99 1.59
CA SER B 82 -28.76 -6.99 2.01
C SER B 82 -29.12 -8.38 1.32
N HIS B 83 -30.28 -8.49 0.67
CA HIS B 83 -30.72 -9.76 -0.01
C HIS B 83 -30.12 -9.86 -1.41
N ARG B 84 -29.58 -8.76 -1.96
CA ARG B 84 -29.11 -8.83 -3.34
C ARG B 84 -27.81 -9.62 -3.45
N THR B 85 -27.79 -10.51 -4.45
CA THR B 85 -26.64 -11.36 -4.74
C THR B 85 -26.39 -11.33 -6.21
N LEU B 86 -25.14 -11.58 -6.61
CA LEU B 86 -24.77 -11.64 -7.99
C LEU B 86 -25.10 -13.08 -8.47
N LEU B 87 -25.91 -13.20 -9.51
CA LEU B 87 -26.27 -14.50 -10.12
C LEU B 87 -25.38 -14.74 -11.34
N MET B 88 -25.06 -15.99 -11.61
CA MET B 88 -24.19 -16.35 -12.74
C MET B 88 -24.64 -17.67 -13.35
N ASN B 89 -25.00 -17.62 -14.63
CA ASN B 89 -25.39 -18.82 -15.41
C ASN B 89 -24.66 -18.80 -16.74
N GLU B 90 -24.58 -19.94 -17.41
CA GLU B 90 -24.19 -19.94 -18.81
C GLU B 90 -25.16 -19.03 -19.60
N LEU B 91 -24.62 -18.31 -20.59
CA LEU B 91 -25.48 -17.41 -21.37
C LEU B 91 -26.63 -18.19 -22.05
N GLY B 92 -27.87 -17.75 -21.82
CA GLY B 92 -28.99 -18.37 -22.46
C GLY B 92 -29.78 -19.27 -21.49
N VAL B 93 -29.16 -19.59 -20.36
CA VAL B 93 -29.82 -20.33 -19.27
C VAL B 93 -30.49 -19.27 -18.42
N PRO B 94 -31.82 -19.24 -18.43
CA PRO B 94 -32.51 -18.25 -17.61
C PRO B 94 -32.25 -18.48 -16.11
N PHE B 95 -32.42 -17.44 -15.32
CA PHE B 95 -32.14 -17.53 -13.90
C PHE B 95 -33.20 -18.31 -13.13
N HIS B 96 -33.10 -19.63 -13.21
CA HIS B 96 -33.99 -20.59 -12.52
C HIS B 96 -33.47 -20.81 -11.09
N LEU B 97 -34.17 -21.63 -10.31
CA LEU B 97 -33.77 -21.86 -8.87
C LEU B 97 -32.44 -22.57 -8.61
N GLY B 98 -31.87 -23.18 -9.64
CA GLY B 98 -30.51 -23.76 -9.57
C GLY B 98 -29.39 -22.81 -9.90
N THR B 99 -29.72 -21.56 -10.11
CA THR B 99 -28.72 -20.50 -10.38
C THR B 99 -27.81 -20.27 -9.17
N LYS B 100 -26.50 -20.20 -9.41
CA LYS B 100 -25.52 -19.93 -8.37
C LYS B 100 -25.46 -18.42 -8.03
N GLN B 101 -25.56 -18.12 -6.72
CA GLN B 101 -25.37 -16.75 -6.16
C GLN B 101 -23.90 -16.68 -5.79
N VAL B 102 -23.14 -16.05 -6.63
CA VAL B 102 -21.67 -16.05 -6.59
C VAL B 102 -21.05 -15.15 -5.48
N CYS B 103 -21.78 -14.15 -5.04
CA CYS B 103 -21.41 -13.28 -3.91
C CYS B 103 -22.60 -12.42 -3.51
N ILE B 104 -22.44 -11.73 -2.39
CA ILE B 104 -23.42 -10.76 -1.88
C ILE B 104 -23.10 -9.43 -2.54
N ALA B 105 -24.08 -8.84 -3.22
CA ALA B 105 -23.81 -7.70 -4.04
C ALA B 105 -25.07 -6.92 -4.47
N TRP B 106 -25.03 -5.59 -4.21
CA TRP B 106 -25.94 -4.68 -4.83
C TRP B 106 -25.28 -3.81 -5.88
N SER B 107 -24.00 -4.07 -6.15
CA SER B 107 -23.24 -3.51 -7.28
C SER B 107 -22.12 -4.49 -7.56
N SER B 108 -21.82 -4.73 -8.83
CA SER B 108 -20.78 -5.74 -9.16
C SER B 108 -20.11 -5.53 -10.52
N SER B 109 -19.00 -6.23 -10.68
CA SER B 109 -18.32 -6.39 -11.93
C SER B 109 -17.61 -7.78 -11.87
N SER B 110 -17.59 -8.48 -12.99
CA SER B 110 -16.85 -9.75 -13.07
C SER B 110 -16.03 -9.84 -14.33
N CYS B 111 -14.97 -10.65 -14.26
CA CYS B 111 -14.18 -10.91 -15.45
C CYS B 111 -13.28 -12.12 -15.24
N HIS B 112 -12.87 -12.66 -16.37
CA HIS B 112 -12.05 -13.87 -16.36
C HIS B 112 -10.67 -13.50 -16.87
N ASP B 113 -9.64 -13.84 -16.11
CA ASP B 113 -8.26 -13.46 -16.47
C ASP B 113 -7.57 -14.46 -17.41
N GLY B 114 -8.31 -15.50 -17.83
CA GLY B 114 -7.79 -16.63 -18.59
C GLY B 114 -7.56 -17.91 -17.80
N LYS B 115 -7.35 -17.76 -16.50
CA LYS B 115 -7.19 -18.84 -15.53
C LYS B 115 -8.39 -18.97 -14.60
N ALA B 116 -8.94 -17.85 -14.14
CA ALA B 116 -10.11 -17.91 -13.25
C ALA B 116 -10.96 -16.65 -13.30
N TRP B 117 -12.17 -16.77 -12.71
CA TRP B 117 -13.10 -15.70 -12.54
C TRP B 117 -12.69 -14.77 -11.37
N LEU B 118 -12.72 -13.47 -11.69
CA LEU B 118 -12.76 -12.42 -10.64
C LEU B 118 -14.16 -11.81 -10.53
N HIS B 119 -14.69 -11.74 -9.28
CA HIS B 119 -15.92 -10.99 -9.00
C HIS B 119 -15.64 -9.86 -7.97
N VAL B 120 -16.09 -8.68 -8.33
CA VAL B 120 -16.06 -7.51 -7.43
C VAL B 120 -17.48 -7.25 -6.97
N CYS B 121 -17.73 -7.48 -5.68
CA CYS B 121 -19.05 -7.45 -5.08
C CYS B 121 -19.20 -6.43 -3.92
N VAL B 122 -20.12 -5.49 -4.07
CA VAL B 122 -20.28 -4.40 -3.08
C VAL B 122 -21.62 -4.57 -2.36
N THR B 123 -21.60 -4.63 -1.02
CA THR B 123 -22.83 -4.75 -0.23
C THR B 123 -22.68 -3.97 1.08
N GLY B 124 -23.71 -3.99 1.92
CA GLY B 124 -23.67 -3.22 3.20
C GLY B 124 -24.40 -1.87 3.18
N ASP B 125 -24.18 -1.10 4.24
CA ASP B 125 -24.83 0.20 4.39
C ASP B 125 -24.38 1.20 3.35
N ASP B 126 -25.27 2.08 2.97
CA ASP B 126 -24.92 3.07 1.92
C ASP B 126 -23.68 3.94 2.36
N ARG B 127 -23.59 4.28 3.65
CA ARG B 127 -22.56 5.25 4.12
C ARG B 127 -21.26 4.54 4.52
N ASN B 128 -21.24 3.24 4.45
CA ASN B 128 -20.09 2.48 4.92
C ASN B 128 -20.12 1.07 4.31
N ALA B 129 -20.08 1.00 2.97
CA ALA B 129 -20.21 -0.27 2.26
C ALA B 129 -18.86 -1.08 2.26
N THR B 130 -18.95 -2.37 1.97
CA THR B 130 -17.75 -3.18 1.78
C THR B 130 -17.70 -3.72 0.34
N ALA B 131 -16.55 -3.65 -0.32
CA ALA B 131 -16.34 -4.40 -1.56
C ALA B 131 -15.46 -5.60 -1.33
N SER B 132 -15.94 -6.76 -1.80
CA SER B 132 -15.26 -7.99 -1.67
C SER B 132 -14.72 -8.37 -3.02
N PHE B 133 -13.51 -8.94 -3.01
CA PHE B 133 -12.84 -9.39 -4.24
C PHE B 133 -12.68 -10.87 -4.14
N VAL B 134 -13.43 -11.57 -4.99
CA VAL B 134 -13.51 -13.02 -5.00
C VAL B 134 -12.80 -13.50 -6.26
N TYR B 135 -11.79 -14.31 -6.06
CA TYR B 135 -11.01 -14.85 -7.18
C TYR B 135 -10.90 -16.33 -7.10
N ASN B 136 -11.21 -16.98 -8.23
CA ASN B 136 -11.24 -18.45 -8.28
C ASN B 136 -11.99 -19.03 -7.10
N GLY B 137 -13.12 -18.41 -6.77
CA GLY B 137 -13.95 -18.85 -5.67
C GLY B 137 -13.53 -18.51 -4.23
N MET B 138 -12.39 -17.82 -4.04
CA MET B 138 -11.91 -17.47 -2.69
C MET B 138 -11.98 -15.97 -2.47
N LEU B 139 -12.30 -15.57 -1.25
CA LEU B 139 -12.25 -14.13 -0.91
C LEU B 139 -10.80 -13.71 -0.66
N VAL B 140 -10.29 -12.87 -1.56
CA VAL B 140 -8.87 -12.52 -1.53
C VAL B 140 -8.61 -11.17 -0.95
N ASP B 141 -9.54 -10.24 -1.13
CA ASP B 141 -9.35 -8.89 -0.64
C ASP B 141 -10.67 -8.23 -0.36
N SER B 142 -10.61 -7.08 0.29
CA SER B 142 -11.80 -6.26 0.51
C SER B 142 -11.34 -4.85 0.76
N ILE B 143 -12.22 -3.89 0.42
CA ILE B 143 -12.00 -2.52 0.72
C ILE B 143 -13.29 -1.91 1.26
N GLY B 144 -13.14 -0.98 2.20
CA GLY B 144 -14.28 -0.21 2.68
C GLY B 144 -14.46 1.03 1.81
N SER B 145 -15.55 1.73 2.06
CA SER B 145 -15.92 2.96 1.38
C SER B 145 -14.95 4.11 1.74
N TRP B 146 -14.46 4.84 0.73
CA TRP B 146 -13.54 5.96 0.96
C TRP B 146 -14.24 7.33 1.09
N SER B 147 -15.44 7.47 0.49
CA SER B 147 -16.25 8.69 0.62
C SER B 147 -17.55 8.53 1.40
N ARG B 148 -17.84 7.32 1.90
CA ARG B 148 -18.99 7.06 2.76
C ARG B 148 -20.29 7.49 2.04
N ASN B 149 -20.41 7.16 0.77
CA ASN B 149 -21.59 7.50 0.02
C ASN B 149 -21.77 6.60 -1.21
N ILE B 150 -22.14 5.34 -0.93
CA ILE B 150 -22.47 4.36 -1.97
C ILE B 150 -21.28 3.98 -2.87
N LEU B 151 -20.29 3.34 -2.23
CA LEU B 151 -19.21 2.72 -2.96
C LEU B 151 -19.89 1.83 -4.02
N ARG B 152 -19.47 1.94 -5.26
CA ARG B 152 -20.20 1.28 -6.32
C ARG B 152 -19.36 1.08 -7.56
N THR B 153 -19.82 0.21 -8.49
CA THR B 153 -18.91 -0.20 -9.60
C THR B 153 -19.66 -0.40 -10.91
N GLN B 154 -19.08 -1.17 -11.81
CA GLN B 154 -19.42 -1.05 -13.23
C GLN B 154 -20.78 -1.55 -13.65
N GLU B 155 -21.19 -2.67 -13.05
CA GLU B 155 -22.36 -3.43 -13.53
C GLU B 155 -22.14 -4.00 -14.94
N SER B 156 -20.87 -4.28 -15.31
CA SER B 156 -20.54 -4.97 -16.55
C SER B 156 -19.12 -5.47 -16.39
N GLU B 157 -18.62 -6.16 -17.38
CA GLU B 157 -17.36 -6.91 -17.19
C GLU B 157 -16.17 -6.01 -16.97
N CYS B 158 -15.28 -6.48 -16.12
CA CYS B 158 -13.97 -5.85 -15.94
C CYS B 158 -13.08 -6.45 -17.00
N VAL B 159 -11.83 -6.02 -17.05
CA VAL B 159 -10.90 -6.48 -18.08
C VAL B 159 -9.53 -6.80 -17.52
N CYS B 160 -8.98 -7.96 -17.96
CA CYS B 160 -7.70 -8.43 -17.48
C CYS B 160 -6.73 -8.57 -18.64
N ILE B 161 -5.50 -8.06 -18.46
CA ILE B 161 -4.43 -8.25 -19.42
C ILE B 161 -3.19 -8.76 -18.71
N ASN B 162 -2.76 -9.96 -19.11
CA ASN B 162 -1.59 -10.62 -18.57
C ASN B 162 -1.63 -10.84 -17.06
N GLY B 163 -2.83 -11.15 -16.56
CA GLY B 163 -3.00 -11.50 -15.14
C GLY B 163 -3.40 -10.31 -14.29
N THR B 164 -3.37 -9.11 -14.83
CA THR B 164 -3.84 -7.94 -14.09
C THR B 164 -5.22 -7.50 -14.58
N CYS B 165 -6.18 -7.47 -13.64
CA CYS B 165 -7.53 -7.02 -13.93
C CYS B 165 -7.78 -5.60 -13.43
N THR B 166 -8.51 -4.80 -14.22
CA THR B 166 -8.82 -3.46 -13.80
C THR B 166 -10.35 -3.27 -13.72
N VAL B 167 -10.77 -2.51 -12.68
CA VAL B 167 -12.16 -2.17 -12.45
C VAL B 167 -12.27 -0.73 -11.94
N VAL B 168 -13.33 -0.06 -12.40
CA VAL B 168 -13.58 1.35 -12.08
C VAL B 168 -14.67 1.43 -11.03
N MET B 169 -14.43 2.18 -9.96
CA MET B 169 -15.40 2.29 -8.87
C MET B 169 -15.55 3.72 -8.50
N THR B 170 -16.73 4.07 -8.02
CA THR B 170 -17.00 5.43 -7.60
C THR B 170 -17.55 5.44 -6.17
N ASP B 171 -17.32 6.51 -5.42
CA ASP B 171 -17.89 6.66 -4.07
C ASP B 171 -18.12 8.16 -4.01
N GLY B 172 -19.30 8.56 -3.55
CA GLY B 172 -19.68 9.97 -3.44
C GLY B 172 -20.94 10.30 -4.24
N SER B 173 -21.19 11.57 -4.44
CA SER B 173 -22.48 12.07 -4.92
C SER B 173 -22.82 11.50 -6.30
N ALA B 174 -24.10 11.29 -6.53
CA ALA B 174 -24.60 10.87 -7.87
C ALA B 174 -24.95 12.08 -8.71
N SER B 175 -24.76 13.29 -8.16
CA SER B 175 -25.19 14.49 -8.83
C SER B 175 -24.30 15.69 -8.51
N GLY B 176 -23.00 15.43 -8.40
CA GLY B 176 -22.00 16.41 -8.07
C GLY B 176 -20.68 15.65 -8.12
N ARG B 177 -19.59 16.36 -7.90
CA ARG B 177 -18.25 15.77 -7.95
C ARG B 177 -18.17 14.57 -7.01
N ALA B 178 -17.59 13.48 -7.48
CA ALA B 178 -17.45 12.28 -6.64
C ALA B 178 -15.99 11.83 -6.73
N ASP B 179 -15.66 10.75 -6.03
CA ASP B 179 -14.30 10.21 -5.97
C ASP B 179 -14.24 8.82 -6.67
N THR B 180 -13.83 8.85 -7.93
CA THR B 180 -13.66 7.69 -8.75
C THR B 180 -12.20 7.22 -8.73
N ARG B 181 -12.01 5.91 -8.58
CA ARG B 181 -10.72 5.29 -8.55
C ARG B 181 -10.73 4.07 -9.44
N ILE B 182 -9.56 3.77 -10.00
CA ILE B 182 -9.39 2.61 -10.88
C ILE B 182 -8.46 1.64 -10.13
N LEU B 183 -8.95 0.42 -9.94
CA LEU B 183 -8.26 -0.58 -9.15
C LEU B 183 -7.59 -1.58 -10.12
N PHE B 184 -6.45 -2.08 -9.70
CA PHE B 184 -5.68 -3.09 -10.43
C PHE B 184 -5.46 -4.25 -9.52
N ILE B 185 -5.89 -5.41 -9.99
CA ILE B 185 -6.06 -6.57 -9.14
C ILE B 185 -5.43 -7.81 -9.81
N ARG B 186 -4.57 -8.51 -9.08
CA ARG B 186 -3.96 -9.72 -9.59
C ARG B 186 -4.32 -10.83 -8.68
N GLU B 187 -4.88 -11.88 -9.26
CA GLU B 187 -5.31 -13.00 -8.47
C GLU B 187 -6.16 -12.60 -7.25
N GLY B 188 -7.03 -11.63 -7.44
CA GLY B 188 -7.95 -11.19 -6.40
C GLY B 188 -7.40 -10.14 -5.43
N LYS B 189 -6.09 -9.91 -5.50
CA LYS B 189 -5.39 -8.98 -4.57
C LYS B 189 -5.27 -7.62 -5.21
N ILE B 190 -5.68 -6.56 -4.51
CA ILE B 190 -5.49 -5.20 -5.02
C ILE B 190 -4.00 -4.88 -4.93
N ILE B 191 -3.40 -4.59 -6.08
CA ILE B 191 -2.01 -4.24 -6.10
C ILE B 191 -1.74 -2.76 -6.34
N HIS B 192 -2.70 -2.02 -6.90
CA HIS B 192 -2.55 -0.60 -7.08
C HIS B 192 -3.93 0.02 -7.21
N ILE B 193 -4.04 1.28 -6.80
CA ILE B 193 -5.26 2.05 -6.99
C ILE B 193 -4.88 3.45 -7.52
N SER B 194 -5.38 3.80 -8.70
CA SER B 194 -5.14 5.14 -9.28
C SER B 194 -6.41 6.01 -9.22
N PRO B 195 -6.30 7.23 -8.70
CA PRO B 195 -7.48 8.11 -8.83
C PRO B 195 -7.79 8.41 -10.30
N LEU B 196 -9.03 8.72 -10.58
CA LEU B 196 -9.42 9.26 -11.88
C LEU B 196 -8.63 10.53 -12.15
N SER B 197 -8.26 10.73 -13.42
CA SER B 197 -7.56 11.92 -13.83
C SER B 197 -8.05 12.26 -15.21
N GLY B 198 -7.90 13.53 -15.57
CA GLY B 198 -8.28 14.03 -16.91
C GLY B 198 -9.54 14.86 -16.89
N SER B 199 -10.20 15.03 -18.05
CA SER B 199 -11.32 15.99 -18.13
C SER B 199 -12.74 15.45 -17.89
N ALA B 200 -12.90 14.13 -17.74
CA ALA B 200 -14.20 13.60 -17.28
C ALA B 200 -14.50 14.13 -15.88
N GLN B 201 -15.74 14.60 -15.69
CA GLN B 201 -16.10 15.22 -14.46
C GLN B 201 -17.01 14.38 -13.55
N HIS B 202 -17.59 13.30 -14.07
CA HIS B 202 -18.43 12.43 -13.26
C HIS B 202 -18.47 11.07 -13.90
N ILE B 203 -18.25 10.03 -13.09
CA ILE B 203 -18.17 8.64 -13.59
C ILE B 203 -19.11 7.68 -12.84
N GLU B 204 -19.94 7.00 -13.61
CA GLU B 204 -20.77 5.88 -13.10
C GLU B 204 -20.74 4.72 -14.10
N GLU B 205 -20.79 3.50 -13.57
CA GLU B 205 -21.20 2.32 -14.39
C GLU B 205 -20.44 2.16 -15.71
N CYS B 206 -19.11 2.08 -15.61
CA CYS B 206 -18.28 2.07 -16.85
C CYS B 206 -18.41 0.77 -17.62
N SER B 207 -18.45 0.88 -18.94
CA SER B 207 -18.41 -0.22 -19.86
C SER B 207 -17.00 -0.27 -20.48
N CYS B 208 -16.21 -1.28 -20.10
CA CYS B 208 -14.77 -1.30 -20.40
C CYS B 208 -14.43 -2.42 -21.32
N TYR B 209 -13.33 -2.22 -22.09
CA TYR B 209 -12.91 -3.24 -23.00
C TYR B 209 -11.40 -3.19 -23.19
N PRO B 210 -10.81 -4.36 -23.51
CA PRO B 210 -9.38 -4.40 -23.85
C PRO B 210 -9.07 -3.67 -25.13
N ARG B 211 -8.04 -2.84 -25.05
CA ARG B 211 -7.46 -2.20 -26.22
C ARG B 211 -5.94 -2.37 -26.08
N TYR B 212 -5.46 -3.57 -26.45
CA TYR B 212 -4.14 -4.06 -26.03
C TYR B 212 -3.07 -3.01 -26.41
N PRO B 213 -2.15 -2.70 -25.48
CA PRO B 213 -1.90 -3.31 -24.14
C PRO B 213 -2.71 -2.75 -22.98
N ASN B 214 -3.68 -1.90 -23.30
CA ASN B 214 -4.38 -1.09 -22.30
C ASN B 214 -5.88 -1.36 -22.31
N VAL B 215 -6.60 -0.60 -21.51
CA VAL B 215 -8.04 -0.76 -21.36
C VAL B 215 -8.71 0.59 -21.53
N ARG B 216 -9.90 0.56 -22.13
CA ARG B 216 -10.65 1.76 -22.37
C ARG B 216 -12.08 1.54 -21.91
N CYS B 217 -12.66 2.56 -21.31
CA CYS B 217 -14.03 2.48 -20.79
C CYS B 217 -14.78 3.65 -21.30
N VAL B 218 -16.06 3.41 -21.48
CA VAL B 218 -17.04 4.45 -21.76
C VAL B 218 -18.11 4.33 -20.68
N CYS B 219 -18.38 5.44 -20.00
CA CYS B 219 -19.19 5.41 -18.81
C CYS B 219 -20.42 6.31 -18.88
N ARG B 220 -20.97 6.65 -17.72
CA ARG B 220 -22.17 7.45 -17.58
C ARG B 220 -21.81 8.62 -16.68
N ASP B 221 -22.03 9.83 -17.19
CA ASP B 221 -21.96 11.05 -16.40
C ASP B 221 -23.38 11.31 -15.86
N ASN B 222 -23.52 11.31 -14.53
CA ASN B 222 -24.84 11.53 -13.93
C ASN B 222 -25.11 12.97 -13.44
N TRP B 223 -24.14 13.83 -13.70
CA TRP B 223 -24.09 15.21 -13.11
C TRP B 223 -24.38 16.28 -14.20
N LYS B 224 -23.42 16.61 -15.06
CA LYS B 224 -23.64 17.67 -16.07
C LYS B 224 -23.69 17.20 -17.53
N GLY B 225 -23.48 15.91 -17.75
CA GLY B 225 -23.20 15.43 -19.13
C GLY B 225 -24.24 14.51 -19.64
N SER B 226 -24.77 14.76 -20.85
CA SER B 226 -25.47 13.71 -21.57
C SER B 226 -24.58 13.08 -22.62
N ASN B 227 -23.36 13.62 -22.77
CA ASN B 227 -22.31 12.97 -23.55
C ASN B 227 -21.65 11.98 -22.58
N ARG B 228 -21.12 10.88 -23.09
CA ARG B 228 -20.53 9.83 -22.26
C ARG B 228 -19.10 10.05 -22.05
N PRO B 229 -18.69 10.06 -20.77
CA PRO B 229 -17.26 10.12 -20.52
C PRO B 229 -16.48 8.89 -20.97
N VAL B 230 -15.19 9.10 -21.25
CA VAL B 230 -14.29 8.02 -21.61
C VAL B 230 -13.10 7.99 -20.65
N ILE B 231 -12.69 6.80 -20.22
CA ILE B 231 -11.48 6.60 -19.41
C ILE B 231 -10.50 5.69 -20.11
N ASP B 232 -9.24 6.11 -20.14
CA ASP B 232 -8.19 5.25 -20.63
C ASP B 232 -7.29 4.83 -19.46
N ILE B 233 -6.99 3.55 -19.40
CA ILE B 233 -6.26 2.95 -18.27
C ILE B 233 -4.99 2.30 -18.79
N ASN B 234 -3.85 2.86 -18.43
CA ASN B 234 -2.56 2.35 -18.95
C ASN B 234 -2.17 1.22 -18.04
N MET B 235 -2.11 -0.01 -18.60
CA MET B 235 -1.90 -1.17 -17.77
C MET B 235 -0.44 -1.37 -17.36
N ALA B 236 0.50 -0.72 -18.04
CA ALA B 236 1.92 -0.82 -17.66
C ALA B 236 2.27 0.10 -16.47
N ASP B 237 1.72 1.31 -16.45
CA ASP B 237 2.15 2.29 -15.45
C ASP B 237 1.03 2.84 -14.56
N TYR B 238 -0.18 2.32 -14.74
CA TYR B 238 -1.35 2.70 -13.94
C TYR B 238 -1.83 4.11 -14.15
N ASN B 239 -1.39 4.71 -15.23
CA ASN B 239 -1.77 6.08 -15.53
C ASN B 239 -3.21 6.10 -16.07
N ILE B 240 -3.97 7.10 -15.64
CA ILE B 240 -5.34 7.29 -16.07
C ILE B 240 -5.50 8.61 -16.81
N ASN B 241 -6.15 8.60 -17.98
CA ASN B 241 -6.65 9.86 -18.56
C ASN B 241 -8.11 9.69 -18.98
N SER B 242 -8.78 10.82 -19.23
CA SER B 242 -10.23 10.79 -19.41
C SER B 242 -10.69 12.01 -20.21
N SER B 243 -11.87 11.88 -20.80
CA SER B 243 -12.39 12.90 -21.73
C SER B 243 -13.84 12.52 -21.98
N TYR B 244 -14.40 12.95 -23.11
CA TYR B 244 -15.79 12.56 -23.45
C TYR B 244 -15.81 12.06 -24.89
N VAL B 245 -16.74 11.17 -25.17
CA VAL B 245 -16.90 10.77 -26.56
C VAL B 245 -17.22 12.00 -27.40
N CYS B 246 -16.50 12.14 -28.50
CA CYS B 246 -16.63 13.35 -29.40
C CYS B 246 -18.02 13.54 -30.07
N SER B 247 -18.69 12.42 -30.37
CA SER B 247 -19.93 12.48 -31.16
C SER B 247 -20.94 13.50 -30.67
N GLY B 248 -21.47 14.27 -31.64
CA GLY B 248 -22.63 15.12 -31.34
C GLY B 248 -23.94 14.36 -31.17
N LEU B 249 -23.97 13.10 -31.62
CA LEU B 249 -25.06 12.19 -31.32
C LEU B 249 -24.64 11.52 -30.03
N VAL B 250 -25.27 11.93 -28.94
CA VAL B 250 -24.77 11.55 -27.63
C VAL B 250 -25.48 10.30 -27.16
N GLY B 251 -24.88 9.66 -26.17
CA GLY B 251 -25.34 8.32 -25.81
C GLY B 251 -26.16 8.15 -24.55
N ASP B 252 -26.30 9.20 -23.75
CA ASP B 252 -26.98 9.07 -22.46
C ASP B 252 -28.45 9.30 -22.65
N THR B 253 -29.19 8.92 -21.62
CA THR B 253 -30.61 9.24 -21.45
C THR B 253 -30.81 9.72 -20.01
N PRO B 254 -31.30 10.97 -19.82
CA PRO B 254 -31.79 11.89 -20.86
C PRO B 254 -30.72 12.59 -21.69
N ARG B 255 -31.18 13.17 -22.79
CA ARG B 255 -30.37 13.94 -23.66
C ARG B 255 -31.25 14.90 -24.49
N ASN B 256 -30.57 15.87 -25.13
CA ASN B 256 -31.28 16.72 -26.11
C ASN B 256 -31.60 15.92 -27.39
N ASP B 257 -32.51 16.42 -28.21
CA ASP B 257 -32.73 15.71 -29.43
C ASP B 257 -31.51 15.91 -30.32
N ASP B 258 -31.44 15.14 -31.39
CA ASP B 258 -30.24 15.09 -32.26
C ASP B 258 -29.87 16.48 -32.84
N SER B 259 -30.88 17.30 -33.16
CA SER B 259 -30.59 18.61 -33.75
C SER B 259 -29.92 19.59 -32.77
N SER B 260 -30.05 19.37 -31.45
CA SER B 260 -29.49 20.32 -30.47
C SER B 260 -28.57 19.70 -29.40
N SER B 261 -28.18 18.45 -29.59
CA SER B 261 -27.20 17.80 -28.73
C SER B 261 -25.77 18.14 -29.20
N SER B 262 -24.82 18.20 -28.26
CA SER B 262 -23.45 18.55 -28.56
C SER B 262 -22.47 17.80 -27.69
N SER B 263 -21.25 17.71 -28.17
CA SER B 263 -20.11 17.32 -27.34
C SER B 263 -18.86 17.91 -27.92
N ASN B 264 -18.08 18.54 -27.07
CA ASN B 264 -16.75 19.04 -27.47
C ASN B 264 -15.53 18.09 -27.28
N CYS B 265 -15.78 16.81 -26.96
CA CYS B 265 -14.74 15.77 -26.72
C CYS B 265 -14.07 15.87 -25.37
N LYS B 266 -14.34 16.95 -24.62
CA LYS B 266 -13.52 17.37 -23.46
C LYS B 266 -14.27 17.57 -22.17
N ASP B 267 -15.42 18.25 -22.24
CA ASP B 267 -16.20 18.56 -21.05
C ASP B 267 -17.64 18.02 -21.09
N PRO B 268 -18.25 17.84 -19.90
CA PRO B 268 -19.67 17.53 -19.92
C PRO B 268 -20.42 18.61 -20.68
N ASN B 269 -21.44 18.22 -21.43
CA ASN B 269 -22.05 19.17 -22.38
C ASN B 269 -23.10 20.11 -21.72
N ASN B 270 -23.41 19.89 -20.45
CA ASN B 270 -24.44 20.65 -19.71
C ASN B 270 -25.79 20.64 -20.34
N GLU B 271 -26.10 19.54 -21.03
CA GLU B 271 -27.41 19.35 -21.66
C GLU B 271 -28.11 18.17 -21.00
N ARG B 272 -29.15 18.47 -20.22
CA ARG B 272 -29.91 17.46 -19.51
C ARG B 272 -28.98 16.49 -18.76
N GLY B 273 -28.03 17.08 -18.04
CA GLY B 273 -26.88 16.39 -17.48
C GLY B 273 -27.21 15.24 -16.55
N ASN B 274 -28.29 15.40 -15.79
CA ASN B 274 -28.64 14.44 -14.71
C ASN B 274 -30.05 13.95 -14.99
N PRO B 275 -30.31 12.64 -14.76
CA PRO B 275 -29.36 11.62 -14.29
C PRO B 275 -28.62 10.93 -15.47
N GLY B 276 -29.05 9.73 -15.89
CA GLY B 276 -28.33 8.99 -16.90
C GLY B 276 -28.76 7.52 -16.95
N VAL B 277 -28.07 6.74 -17.79
CA VAL B 277 -28.32 5.29 -17.94
C VAL B 277 -26.97 4.69 -18.30
N LYS B 278 -26.66 3.54 -17.74
CA LYS B 278 -25.47 2.82 -18.17
C LYS B 278 -25.54 2.52 -19.69
N GLY B 279 -24.41 2.70 -20.38
CA GLY B 279 -24.29 2.47 -21.79
C GLY B 279 -22.85 2.19 -22.19
N TRP B 280 -22.59 2.19 -23.49
CA TRP B 280 -21.29 1.81 -24.03
C TRP B 280 -21.05 2.49 -25.40
N ALA B 281 -19.78 2.48 -25.81
CA ALA B 281 -19.41 2.87 -27.18
C ALA B 281 -18.00 2.29 -27.33
N PHE B 282 -17.53 2.15 -28.55
CA PHE B 282 -16.08 1.89 -28.77
C PHE B 282 -15.60 2.54 -30.06
N ASP B 283 -14.28 2.74 -30.12
CA ASP B 283 -13.62 3.47 -31.20
C ASP B 283 -13.28 2.53 -32.31
N ASN B 284 -13.42 3.01 -33.54
CA ASN B 284 -12.69 2.37 -34.65
C ASN B 284 -12.05 3.44 -35.48
N ASP B 285 -10.75 3.61 -35.32
CA ASP B 285 -10.05 4.77 -35.88
C ASP B 285 -10.74 6.11 -35.50
N ASN B 286 -11.22 6.85 -36.51
CA ASN B 286 -11.85 8.13 -36.23
C ASN B 286 -13.35 8.03 -35.94
N ASP B 287 -13.92 6.84 -36.13
CA ASP B 287 -15.37 6.67 -36.01
C ASP B 287 -15.70 6.04 -34.65
N VAL B 288 -16.96 6.17 -34.20
CA VAL B 288 -17.43 5.48 -32.98
C VAL B 288 -18.59 4.58 -33.33
N TRP B 289 -18.57 3.38 -32.76
CA TRP B 289 -19.77 2.53 -32.71
C TRP B 289 -20.38 2.69 -31.35
N MET B 290 -21.69 2.89 -31.30
CA MET B 290 -22.35 3.17 -30.02
C MET B 290 -23.76 2.69 -30.02
N GLY B 291 -24.28 2.34 -28.82
CA GLY B 291 -25.70 2.18 -28.63
C GLY B 291 -26.33 3.27 -27.86
N ARG B 292 -27.67 3.35 -27.92
CA ARG B 292 -28.37 4.24 -27.00
C ARG B 292 -29.84 3.91 -27.01
N THR B 293 -30.59 4.41 -26.02
CA THR B 293 -32.08 4.26 -26.07
C THR B 293 -32.60 5.06 -27.27
N ILE B 294 -33.69 4.62 -27.89
CA ILE B 294 -34.25 5.41 -28.99
C ILE B 294 -34.88 6.70 -28.45
N SER B 295 -35.59 6.60 -27.35
CA SER B 295 -36.19 7.75 -26.73
C SER B 295 -35.09 8.62 -26.12
N LYS B 296 -35.22 9.93 -26.26
CA LYS B 296 -34.25 10.81 -25.61
C LYS B 296 -34.54 11.04 -24.10
N ASP B 297 -35.74 10.65 -23.68
CA ASP B 297 -36.30 10.99 -22.37
C ASP B 297 -36.38 9.79 -21.46
N LEU B 298 -36.82 8.66 -22.02
CA LEU B 298 -37.05 7.42 -21.23
C LEU B 298 -36.22 6.25 -21.73
N ARG B 299 -36.14 5.19 -20.92
CA ARG B 299 -35.37 4.02 -21.26
C ARG B 299 -36.29 3.14 -22.12
N SER B 300 -36.58 3.66 -23.31
CA SER B 300 -37.43 2.98 -24.27
C SER B 300 -36.66 2.85 -25.57
N GLY B 301 -36.77 1.69 -26.19
CA GLY B 301 -36.14 1.43 -27.45
C GLY B 301 -34.65 1.25 -27.30
N TYR B 302 -34.04 0.73 -28.35
CA TYR B 302 -32.57 0.63 -28.38
C TYR B 302 -32.13 0.55 -29.83
N GLU B 303 -31.12 1.39 -30.15
CA GLU B 303 -30.52 1.47 -31.47
C GLU B 303 -29.00 1.51 -31.37
N THR B 304 -28.35 0.98 -32.39
CA THR B 304 -26.91 1.11 -32.58
C THR B 304 -26.64 1.80 -33.92
N PHE B 305 -25.48 2.48 -34.01
CA PHE B 305 -25.02 3.04 -35.30
C PHE B 305 -23.54 3.40 -35.18
N LYS B 306 -22.92 3.69 -36.31
CA LYS B 306 -21.59 4.24 -36.35
C LYS B 306 -21.70 5.74 -36.65
N VAL B 307 -20.91 6.55 -35.94
CA VAL B 307 -20.81 7.98 -36.22
C VAL B 307 -19.45 8.29 -36.87
N ILE B 308 -19.51 8.79 -38.10
CA ILE B 308 -18.36 9.03 -38.91
C ILE B 308 -17.65 10.21 -38.28
N GLY B 309 -16.37 10.04 -37.96
CA GLY B 309 -15.64 11.06 -37.24
C GLY B 309 -16.01 11.16 -35.75
N GLY B 310 -16.85 10.24 -35.28
CA GLY B 310 -17.45 10.37 -33.98
C GLY B 310 -16.46 10.21 -32.84
N TRP B 311 -15.28 9.63 -33.13
CA TRP B 311 -14.31 9.39 -32.08
C TRP B 311 -13.37 10.59 -31.97
N THR B 312 -13.09 11.29 -33.06
CA THR B 312 -12.06 12.31 -33.08
C THR B 312 -12.54 13.73 -33.47
N THR B 313 -13.73 13.87 -34.02
CA THR B 313 -14.27 15.16 -34.40
C THR B 313 -15.49 15.57 -33.58
N ALA B 314 -15.31 16.63 -32.81
CA ALA B 314 -16.33 17.11 -31.91
C ALA B 314 -17.56 17.38 -32.66
N ASN B 315 -18.69 17.01 -32.08
CA ASN B 315 -19.99 17.35 -32.68
C ASN B 315 -20.31 16.72 -34.07
N SER B 316 -19.55 15.71 -34.50
CA SER B 316 -19.92 14.93 -35.68
C SER B 316 -21.26 14.23 -35.52
N LYS B 317 -22.10 14.34 -36.55
CA LYS B 317 -23.43 13.80 -36.48
C LYS B 317 -23.80 13.01 -37.71
N SER B 318 -22.84 12.69 -38.55
CA SER B 318 -23.17 11.88 -39.70
C SER B 318 -23.17 10.42 -39.28
N GLN B 319 -24.34 9.82 -39.10
CA GLN B 319 -24.36 8.36 -38.80
C GLN B 319 -24.54 7.47 -40.05
N VAL B 320 -24.25 6.18 -39.88
CA VAL B 320 -24.44 5.17 -40.93
C VAL B 320 -24.58 3.80 -40.20
N ASN B 321 -25.11 2.79 -40.89
CA ASN B 321 -25.22 1.41 -40.38
C ASN B 321 -26.08 1.33 -39.14
N ARG B 322 -27.15 2.13 -39.09
CA ARG B 322 -28.04 2.05 -37.96
C ARG B 322 -28.77 0.68 -37.89
N GLN B 323 -28.99 0.19 -36.66
CA GLN B 323 -29.81 -1.02 -36.43
C GLN B 323 -30.71 -0.78 -35.27
N VAL B 324 -31.99 -1.09 -35.47
CA VAL B 324 -32.90 -1.19 -34.36
C VAL B 324 -32.68 -2.51 -33.61
N ILE B 325 -32.47 -2.44 -32.31
CA ILE B 325 -32.31 -3.68 -31.52
C ILE B 325 -33.63 -3.95 -30.82
N VAL B 326 -34.17 -2.90 -30.22
CA VAL B 326 -35.50 -2.92 -29.60
C VAL B 326 -36.29 -1.70 -30.11
N ASP B 327 -37.46 -1.94 -30.69
CA ASP B 327 -38.27 -0.81 -31.15
C ASP B 327 -38.73 0.14 -30.01
N ASN B 328 -39.08 1.35 -30.38
CA ASN B 328 -39.35 2.38 -29.38
C ASN B 328 -40.71 2.24 -28.69
N ASN B 329 -41.49 1.23 -29.06
CA ASN B 329 -42.68 0.88 -28.29
C ASN B 329 -42.38 -0.10 -27.15
N ASN B 330 -41.10 -0.46 -26.96
CA ASN B 330 -40.75 -1.44 -25.92
C ASN B 330 -39.68 -0.90 -24.99
N TRP B 331 -39.65 -1.45 -23.78
CA TRP B 331 -38.75 -0.97 -22.75
C TRP B 331 -37.37 -1.58 -22.87
N SER B 332 -36.35 -0.74 -22.66
CA SER B 332 -35.00 -1.17 -22.62
C SER B 332 -34.49 -0.96 -21.20
N GLY B 333 -33.30 -0.40 -21.05
CA GLY B 333 -32.64 -0.30 -19.74
C GLY B 333 -31.15 -0.13 -19.93
N TYR B 334 -30.40 -0.56 -18.92
CA TYR B 334 -28.94 -0.53 -19.00
C TYR B 334 -28.42 -1.33 -20.24
N SER B 335 -27.24 -0.94 -20.71
CA SER B 335 -26.59 -1.68 -21.78
C SER B 335 -25.10 -1.61 -21.53
N GLY B 336 -24.39 -2.61 -22.03
CA GLY B 336 -22.94 -2.67 -21.75
C GLY B 336 -22.22 -3.52 -22.74
N ILE B 337 -20.89 -3.34 -22.75
CA ILE B 337 -20.03 -3.98 -23.68
C ILE B 337 -19.39 -5.23 -23.08
N PHE B 338 -19.18 -6.24 -23.92
CA PHE B 338 -18.19 -7.27 -23.61
C PHE B 338 -17.42 -7.62 -24.85
N SER B 339 -16.25 -8.20 -24.64
CA SER B 339 -15.34 -8.53 -25.76
C SER B 339 -15.09 -10.07 -25.85
N VAL B 340 -14.93 -10.58 -27.08
CA VAL B 340 -14.73 -12.00 -27.33
C VAL B 340 -13.61 -12.15 -28.38
N GLU B 341 -12.54 -12.86 -28.01
CA GLU B 341 -11.43 -13.07 -28.90
C GLU B 341 -11.67 -14.22 -29.82
N GLY B 342 -11.65 -13.91 -31.12
CA GLY B 342 -11.86 -14.88 -32.15
C GLY B 342 -10.50 -15.39 -32.60
N LYS B 343 -10.50 -16.06 -33.74
CA LYS B 343 -9.30 -16.65 -34.29
C LYS B 343 -8.25 -15.59 -34.63
N SER B 344 -8.69 -14.48 -35.21
N SER B 344 -8.68 -14.48 -35.22
CA SER B 344 -7.77 -13.46 -35.70
CA SER B 344 -7.75 -13.45 -35.69
C SER B 344 -7.99 -12.05 -35.12
C SER B 344 -7.99 -12.04 -35.12
N CYS B 345 -9.10 -11.80 -34.44
CA CYS B 345 -9.37 -10.45 -33.93
C CYS B 345 -10.21 -10.48 -32.68
N VAL B 346 -10.19 -9.38 -31.91
CA VAL B 346 -11.03 -9.22 -30.76
C VAL B 346 -12.36 -8.51 -31.17
N ASN B 347 -13.46 -9.21 -30.92
CA ASN B 347 -14.78 -8.75 -31.30
C ASN B 347 -15.43 -8.02 -30.14
N ARG B 348 -16.35 -7.11 -30.49
CA ARG B 348 -17.11 -6.39 -29.48
C ARG B 348 -18.57 -6.81 -29.59
N CYS B 349 -19.16 -7.08 -28.43
CA CYS B 349 -20.57 -7.41 -28.32
C CYS B 349 -21.21 -6.52 -27.34
N PHE B 350 -22.52 -6.60 -27.23
CA PHE B 350 -23.20 -5.83 -26.18
C PHE B 350 -24.50 -6.51 -25.80
N TYR B 351 -24.93 -6.23 -24.56
CA TYR B 351 -26.22 -6.70 -24.08
C TYR B 351 -27.11 -5.48 -23.81
N VAL B 352 -28.41 -5.71 -23.91
CA VAL B 352 -29.40 -4.72 -23.47
C VAL B 352 -30.32 -5.31 -22.42
N GLU B 353 -30.44 -4.62 -21.28
CA GLU B 353 -31.38 -4.97 -20.20
C GLU B 353 -32.75 -4.50 -20.58
N LEU B 354 -33.72 -5.40 -20.54
CA LEU B 354 -35.09 -5.06 -20.90
C LEU B 354 -35.94 -5.06 -19.64
N ILE B 355 -36.10 -3.88 -19.05
CA ILE B 355 -36.73 -3.73 -17.81
C ILE B 355 -38.22 -3.84 -17.98
N ARG B 356 -38.86 -4.67 -17.14
CA ARG B 356 -40.32 -4.71 -17.08
C ARG B 356 -40.78 -4.46 -15.67
N GLY B 357 -41.99 -3.94 -15.53
CA GLY B 357 -42.50 -3.53 -14.23
C GLY B 357 -42.01 -2.14 -13.88
N GLY B 358 -41.83 -1.84 -12.60
CA GLY B 358 -41.80 -0.44 -12.15
C GLY B 358 -40.68 0.36 -12.82
N PRO B 359 -40.82 1.71 -12.92
CA PRO B 359 -41.92 2.59 -12.52
C PRO B 359 -42.87 2.85 -13.69
N GLN B 360 -42.52 2.33 -14.87
CA GLN B 360 -43.22 2.61 -16.11
C GLN B 360 -44.44 1.70 -16.32
N GLU B 361 -44.48 0.58 -15.62
CA GLU B 361 -45.56 -0.39 -15.75
C GLU B 361 -46.05 -0.71 -14.34
N THR B 362 -47.01 0.06 -13.87
CA THR B 362 -47.38 -0.04 -12.47
C THR B 362 -48.44 -1.10 -12.19
N ARG B 363 -48.94 -1.79 -13.20
CA ARG B 363 -49.83 -2.92 -12.92
C ARG B 363 -49.23 -3.94 -11.94
N VAL B 364 -47.91 -4.15 -11.92
CA VAL B 364 -47.34 -5.27 -11.14
C VAL B 364 -46.67 -5.21 -9.69
N TRP B 365 -46.10 -4.11 -9.29
CA TRP B 365 -45.39 -3.98 -7.97
C TRP B 365 -43.95 -4.39 -7.97
N TRP B 366 -43.56 -5.36 -8.80
CA TRP B 366 -42.14 -5.72 -8.95
C TRP B 366 -41.47 -4.98 -10.14
N THR B 367 -40.16 -5.11 -10.19
CA THR B 367 -39.38 -4.69 -11.33
C THR B 367 -38.38 -5.78 -11.60
N SER B 368 -38.26 -6.20 -12.83
CA SER B 368 -37.30 -7.25 -13.22
C SER B 368 -36.89 -7.00 -14.64
N ASN B 369 -36.01 -7.82 -15.18
CA ASN B 369 -35.57 -7.65 -16.58
C ASN B 369 -35.31 -8.97 -17.27
N SER B 370 -35.38 -8.94 -18.61
CA SER B 370 -34.79 -9.97 -19.41
C SER B 370 -33.60 -9.35 -20.14
N ILE B 371 -32.94 -10.14 -20.99
CA ILE B 371 -31.82 -9.63 -21.77
C ILE B 371 -31.88 -10.03 -23.23
N VAL B 372 -31.28 -9.16 -24.07
CA VAL B 372 -31.01 -9.51 -25.44
C VAL B 372 -29.54 -9.12 -25.72
N VAL B 373 -28.89 -9.89 -26.59
CA VAL B 373 -27.42 -9.80 -26.75
C VAL B 373 -27.10 -9.92 -28.22
N PHE B 374 -26.20 -9.04 -28.66
CA PHE B 374 -25.78 -8.99 -30.03
C PHE B 374 -24.28 -8.96 -30.03
N CYS B 375 -23.69 -9.52 -31.07
CA CYS B 375 -22.22 -9.41 -31.22
C CYS B 375 -21.81 -8.76 -32.54
N GLY B 376 -20.67 -8.06 -32.53
CA GLY B 376 -20.15 -7.53 -33.76
C GLY B 376 -19.99 -8.57 -34.87
N THR B 377 -20.20 -8.13 -36.10
CA THR B 377 -20.03 -9.03 -37.27
C THR B 377 -19.32 -8.24 -38.37
N SER B 378 -18.53 -8.94 -39.17
CA SER B 378 -17.96 -8.38 -40.39
C SER B 378 -18.75 -8.87 -41.62
N GLY B 379 -19.83 -9.63 -41.37
CA GLY B 379 -20.69 -10.15 -42.47
C GLY B 379 -21.87 -9.20 -42.71
N THR B 380 -23.01 -9.78 -43.09
CA THR B 380 -24.19 -9.02 -43.41
C THR B 380 -25.34 -9.45 -42.51
N TYR B 381 -26.42 -8.68 -42.60
CA TYR B 381 -27.51 -8.76 -41.68
C TYR B 381 -28.72 -8.00 -42.18
N GLY B 382 -29.84 -8.20 -41.51
CA GLY B 382 -31.08 -7.58 -41.89
C GLY B 382 -31.61 -6.68 -40.82
N THR B 383 -32.90 -6.78 -40.56
CA THR B 383 -33.52 -5.96 -39.52
C THR B 383 -34.46 -6.76 -38.66
N GLY B 384 -34.82 -6.16 -37.54
CA GLY B 384 -35.88 -6.72 -36.67
C GLY B 384 -35.98 -5.96 -35.39
N SER B 385 -36.71 -6.55 -34.42
CA SER B 385 -36.82 -5.96 -33.09
C SER B 385 -36.94 -7.14 -32.13
N TRP B 386 -36.21 -7.06 -31.03
CA TRP B 386 -36.16 -8.19 -30.04
C TRP B 386 -36.43 -7.73 -28.64
N PRO B 387 -37.68 -7.35 -28.36
CA PRO B 387 -38.04 -6.84 -27.08
C PRO B 387 -38.24 -7.99 -26.07
N ASP B 388 -38.56 -7.60 -24.85
CA ASP B 388 -38.77 -8.59 -23.80
C ASP B 388 -39.83 -9.64 -24.19
N GLY B 389 -40.96 -9.12 -24.67
CA GLY B 389 -42.06 -9.90 -25.19
C GLY B 389 -43.11 -10.45 -24.20
N ALA B 390 -43.00 -10.13 -22.92
CA ALA B 390 -44.07 -10.55 -21.99
C ALA B 390 -45.25 -9.61 -22.11
N ASN B 391 -46.41 -10.14 -21.89
CA ASN B 391 -47.63 -9.33 -21.79
C ASN B 391 -47.82 -9.06 -20.30
N ILE B 392 -47.75 -7.79 -19.91
CA ILE B 392 -47.83 -7.42 -18.52
C ILE B 392 -49.14 -7.91 -17.86
N ASN B 393 -50.20 -8.08 -18.62
CA ASN B 393 -51.49 -8.51 -18.05
C ASN B 393 -51.50 -10.01 -17.78
N PHE B 394 -50.50 -10.75 -18.27
CA PHE B 394 -50.38 -12.17 -17.94
C PHE B 394 -49.49 -12.41 -16.72
N MET B 395 -48.97 -11.38 -16.07
CA MET B 395 -48.01 -11.64 -15.04
C MET B 395 -48.67 -11.70 -13.67
N PRO B 396 -48.16 -12.55 -12.77
CA PRO B 396 -48.52 -12.30 -11.40
C PRO B 396 -48.05 -10.89 -10.97
N ILE B 397 -48.78 -10.28 -10.07
CA ILE B 397 -48.60 -8.87 -9.73
C ILE B 397 -47.49 -8.60 -8.64
N LEU C 10 -3.44 -35.66 -8.32
CA LEU C 10 -4.06 -35.05 -7.10
C LEU C 10 -3.24 -35.39 -5.84
N GLU C 11 -3.16 -34.42 -4.94
CA GLU C 11 -2.31 -34.45 -3.77
C GLU C 11 -3.14 -34.17 -2.51
N TYR C 12 -2.72 -34.76 -1.37
CA TYR C 12 -3.35 -34.49 -0.08
C TYR C 12 -3.09 -33.05 0.35
N ARG C 13 -4.10 -32.39 0.91
CA ARG C 13 -3.94 -31.07 1.52
C ARG C 13 -3.11 -31.20 2.80
N ASN C 14 -2.18 -30.28 2.97
CA ASN C 14 -1.37 -30.19 4.18
C ASN C 14 -1.67 -28.93 4.96
N TRP C 15 -2.21 -27.91 4.30
CA TRP C 15 -2.55 -26.66 4.97
C TRP C 15 -1.33 -26.04 5.66
N SER C 16 -0.16 -26.26 5.10
CA SER C 16 1.10 -25.85 5.73
C SER C 16 1.48 -24.48 5.26
N LYS C 17 0.63 -23.51 5.56
CA LYS C 17 0.97 -22.11 5.39
C LYS C 17 0.53 -21.40 6.66
N PRO C 18 1.11 -20.22 6.92
CA PRO C 18 0.70 -19.57 8.20
C PRO C 18 -0.73 -19.06 8.10
N GLN C 19 -1.37 -18.89 9.25
CA GLN C 19 -2.67 -18.23 9.29
C GLN C 19 -2.61 -16.81 8.73
N CYS C 20 -3.57 -16.46 7.88
CA CYS C 20 -3.61 -15.10 7.34
C CYS C 20 -3.77 -14.12 8.48
N GLN C 21 -3.21 -12.94 8.25
CA GLN C 21 -3.48 -11.78 9.05
C GLN C 21 -4.95 -11.46 8.82
N ILE C 22 -5.69 -11.18 9.88
CA ILE C 22 -7.03 -10.68 9.64
C ILE C 22 -7.27 -9.39 10.42
N THR C 23 -7.93 -8.47 9.73
CA THR C 23 -8.40 -7.24 10.32
C THR C 23 -9.90 -7.32 10.64
N GLY C 24 -10.53 -8.43 10.26
CA GLY C 24 -11.99 -8.60 10.40
C GLY C 24 -12.45 -9.53 9.26
N PHE C 25 -13.72 -9.44 8.91
CA PHE C 25 -14.31 -10.34 7.91
C PHE C 25 -15.08 -9.57 6.84
N ALA C 26 -15.11 -10.10 5.61
CA ALA C 26 -15.81 -9.46 4.50
C ALA C 26 -16.93 -10.42 3.99
N PRO C 27 -18.01 -9.84 3.46
CA PRO C 27 -19.12 -10.68 3.00
C PRO C 27 -18.71 -11.61 1.90
N PHE C 28 -19.26 -12.83 1.91
CA PHE C 28 -18.80 -13.82 0.97
C PHE C 28 -19.94 -14.48 0.24
N SER C 29 -20.99 -14.90 0.95
CA SER C 29 -22.10 -15.58 0.29
C SER C 29 -23.37 -15.47 1.10
N LYS C 30 -24.47 -15.59 0.39
CA LYS C 30 -25.79 -15.62 1.01
C LYS C 30 -26.75 -16.39 0.11
N ASP C 31 -27.58 -17.25 0.68
CA ASP C 31 -28.42 -18.09 -0.18
C ASP C 31 -29.86 -17.70 -0.28
N ASN C 32 -30.36 -16.90 0.67
CA ASN C 32 -31.77 -16.38 0.60
C ASN C 32 -32.84 -17.51 0.55
N SER C 33 -32.56 -18.61 1.23
CA SER C 33 -33.32 -19.84 1.10
C SER C 33 -34.81 -19.64 1.41
N ILE C 34 -35.10 -18.89 2.46
CA ILE C 34 -36.47 -18.79 2.97
C ILE C 34 -37.27 -17.87 2.07
N ARG C 35 -36.70 -16.75 1.69
CA ARG C 35 -37.37 -15.88 0.69
C ARG C 35 -37.77 -16.65 -0.60
N LEU C 36 -36.83 -17.43 -1.13
CA LEU C 36 -37.09 -18.24 -2.34
C LEU C 36 -38.17 -19.31 -2.09
N SER C 37 -38.26 -19.83 -0.84
CA SER C 37 -39.13 -20.90 -0.49
C SER C 37 -40.59 -20.46 -0.60
N ALA C 38 -40.83 -19.15 -0.65
CA ALA C 38 -42.20 -18.62 -0.84
C ALA C 38 -42.60 -18.54 -2.34
N GLY C 39 -41.71 -18.94 -3.24
CA GLY C 39 -42.09 -18.94 -4.69
C GLY C 39 -41.15 -19.84 -5.39
N GLY C 40 -41.11 -21.10 -4.91
CA GLY C 40 -40.24 -22.12 -5.44
C GLY C 40 -40.20 -23.29 -4.49
N ASP C 41 -39.77 -24.42 -5.02
CA ASP C 41 -39.61 -25.64 -4.23
C ASP C 41 -38.18 -25.69 -3.69
N ILE C 42 -38.05 -25.42 -2.39
CA ILE C 42 -36.79 -25.35 -1.72
C ILE C 42 -36.84 -26.23 -0.44
N TRP C 43 -35.79 -26.99 -0.23
CA TRP C 43 -35.66 -27.88 0.95
C TRP C 43 -35.77 -27.19 2.26
N VAL C 44 -36.48 -27.87 3.17
CA VAL C 44 -36.44 -27.55 4.63
C VAL C 44 -35.12 -28.10 5.17
N THR C 45 -34.37 -27.27 5.86
CA THR C 45 -33.08 -27.66 6.37
C THR C 45 -32.85 -27.12 7.79
N ARG C 46 -31.78 -27.62 8.42
CA ARG C 46 -31.14 -26.93 9.55
C ARG C 46 -29.72 -27.50 9.67
N GLU C 47 -28.95 -26.95 10.61
CA GLU C 47 -27.59 -27.31 10.86
C GLU C 47 -26.74 -27.24 9.58
N PRO C 48 -26.70 -26.07 8.92
CA PRO C 48 -25.89 -25.95 7.71
C PRO C 48 -24.42 -25.82 8.03
N TYR C 49 -23.59 -25.98 7.00
CA TYR C 49 -22.16 -25.64 7.11
C TYR C 49 -21.53 -25.47 5.73
N VAL C 50 -20.25 -25.08 5.69
CA VAL C 50 -19.55 -24.80 4.45
C VAL C 50 -18.24 -25.52 4.50
N SER C 51 -17.84 -26.09 3.37
CA SER C 51 -16.52 -26.73 3.28
C SER C 51 -16.11 -26.69 1.82
N CYS C 52 -14.80 -26.61 1.55
CA CYS C 52 -14.35 -26.28 0.20
C CYS C 52 -13.37 -27.32 -0.33
N ASP C 53 -13.48 -27.59 -1.63
CA ASP C 53 -12.59 -28.51 -2.37
C ASP C 53 -11.67 -27.54 -3.01
N HIS C 54 -10.51 -27.43 -2.43
CA HIS C 54 -9.56 -26.40 -2.78
C HIS C 54 -10.33 -25.07 -2.66
N SER C 55 -10.36 -24.23 -3.70
CA SER C 55 -11.09 -22.97 -3.62
C SER C 55 -12.58 -23.03 -3.98
N LYS C 56 -13.03 -24.19 -4.45
CA LYS C 56 -14.44 -24.39 -4.77
C LYS C 56 -15.24 -24.81 -3.51
N CYS C 57 -16.12 -23.93 -3.03
CA CYS C 57 -16.80 -24.10 -1.74
C CYS C 57 -18.17 -24.66 -1.97
N TYR C 58 -18.60 -25.48 -1.03
CA TYR C 58 -19.92 -26.07 -0.98
C TYR C 58 -20.65 -25.69 0.25
N GLN C 59 -21.98 -25.52 0.08
CA GLN C 59 -22.87 -25.53 1.22
C GLN C 59 -23.53 -26.88 1.50
N PHE C 60 -23.61 -27.19 2.81
CA PHE C 60 -24.17 -28.40 3.32
C PHE C 60 -25.26 -28.08 4.31
N ALA C 61 -26.20 -29.00 4.44
CA ALA C 61 -27.20 -28.94 5.52
C ALA C 61 -27.94 -30.25 5.70
N LEU C 62 -28.60 -30.40 6.86
CA LEU C 62 -29.39 -31.57 7.15
C LEU C 62 -30.78 -31.26 6.69
N GLY C 63 -31.19 -31.98 5.63
CA GLY C 63 -32.56 -31.91 5.15
C GLY C 63 -33.54 -32.46 6.15
N GLN C 64 -34.79 -32.04 6.03
CA GLN C 64 -35.88 -32.66 6.76
C GLN C 64 -36.77 -33.57 5.86
N GLY C 65 -36.21 -34.03 4.76
CA GLY C 65 -36.91 -34.92 3.85
C GLY C 65 -38.14 -34.29 3.19
N THR C 66 -38.14 -32.97 3.08
CA THR C 66 -39.27 -32.28 2.47
C THR C 66 -38.85 -30.89 1.99
N THR C 67 -39.62 -30.33 1.05
CA THR C 67 -39.57 -28.91 0.78
C THR C 67 -40.44 -28.10 1.71
N LEU C 68 -40.35 -26.78 1.62
CA LEU C 68 -41.02 -25.94 2.55
C LEU C 68 -42.53 -25.81 2.25
N ASN C 69 -42.90 -25.58 0.99
CA ASN C 69 -44.27 -25.48 0.58
C ASN C 69 -44.75 -26.90 0.27
N ASN C 70 -45.10 -27.63 1.34
CA ASN C 70 -45.30 -29.09 1.31
C ASN C 70 -45.87 -29.40 2.68
N LYS C 71 -46.98 -30.13 2.75
CA LYS C 71 -47.56 -30.46 4.07
C LYS C 71 -46.62 -31.26 4.97
N HIS C 72 -45.63 -31.96 4.41
CA HIS C 72 -44.66 -32.62 5.22
C HIS C 72 -43.72 -31.70 5.97
N SER C 73 -43.80 -30.41 5.72
CA SER C 73 -42.90 -29.49 6.41
C SER C 73 -43.26 -29.27 7.87
N ASN C 74 -44.43 -29.74 8.29
CA ASN C 74 -44.86 -29.59 9.68
C ASN C 74 -43.94 -30.32 10.69
N SER C 75 -43.56 -29.58 11.73
CA SER C 75 -42.93 -30.09 12.98
C SER C 75 -41.62 -30.76 12.72
N THR C 76 -40.72 -29.92 12.22
CA THR C 76 -39.34 -30.25 12.03
C THR C 76 -38.56 -29.80 13.28
N ILE C 77 -39.19 -30.03 14.45
CA ILE C 77 -38.61 -29.82 15.78
C ILE C 77 -38.21 -31.18 16.40
N HIS C 78 -38.71 -32.29 15.83
CA HIS C 78 -38.21 -33.66 16.10
C HIS C 78 -36.93 -33.79 15.34
N ASP C 79 -35.81 -33.67 16.05
CA ASP C 79 -34.57 -33.35 15.40
C ASP C 79 -34.00 -34.54 14.65
N ARG C 80 -34.42 -35.76 14.97
CA ARG C 80 -33.72 -36.94 14.48
C ARG C 80 -34.74 -37.91 13.91
N THR C 81 -34.96 -37.83 12.63
CA THR C 81 -35.82 -38.81 11.97
C THR C 81 -35.03 -39.53 10.90
N SER C 82 -35.64 -40.57 10.37
CA SER C 82 -35.01 -41.43 9.42
C SER C 82 -35.08 -40.73 8.00
N HIS C 83 -35.83 -39.64 7.86
CA HIS C 83 -35.93 -38.89 6.56
C HIS C 83 -34.76 -37.92 6.39
N ARG C 84 -34.02 -37.61 7.45
CA ARG C 84 -32.97 -36.59 7.33
C ARG C 84 -31.78 -37.09 6.54
N THR C 85 -31.34 -36.25 5.60
CA THR C 85 -30.19 -36.53 4.71
C THR C 85 -29.32 -35.33 4.68
N LEU C 86 -28.03 -35.55 4.43
CA LEU C 86 -27.09 -34.49 4.26
C LEU C 86 -27.19 -33.98 2.78
N LEU C 87 -27.44 -32.69 2.61
CA LEU C 87 -27.54 -32.05 1.28
C LEU C 87 -26.20 -31.38 0.97
N MET C 88 -25.84 -31.33 -0.30
CA MET C 88 -24.58 -30.73 -0.72
C MET C 88 -24.73 -30.05 -2.08
N ASN C 89 -24.50 -28.73 -2.10
CA ASN C 89 -24.53 -27.91 -3.33
C ASN C 89 -23.28 -27.05 -3.37
N GLU C 90 -22.94 -26.54 -4.56
CA GLU C 90 -21.96 -25.45 -4.63
C GLU C 90 -22.46 -24.28 -3.79
N LEU C 91 -21.53 -23.60 -3.10
CA LEU C 91 -21.93 -22.48 -2.24
C LEU C 91 -22.68 -21.40 -3.05
N GLY C 92 -23.89 -21.02 -2.60
CA GLY C 92 -24.63 -19.99 -3.28
C GLY C 92 -25.77 -20.54 -4.12
N VAL C 93 -25.73 -21.85 -4.38
CA VAL C 93 -26.82 -22.57 -5.02
C VAL C 93 -27.79 -22.99 -3.94
N PRO C 94 -28.98 -22.38 -3.92
CA PRO C 94 -29.92 -22.76 -2.89
C PRO C 94 -30.36 -24.23 -3.01
N PHE C 95 -30.86 -24.81 -1.93
CA PHE C 95 -31.23 -26.23 -1.95
C PHE C 95 -32.55 -26.50 -2.69
N HIS C 96 -32.46 -26.51 -4.02
CA HIS C 96 -33.57 -26.77 -4.93
C HIS C 96 -33.74 -28.29 -5.11
N LEU C 97 -34.74 -28.72 -5.89
CA LEU C 97 -35.03 -30.19 -6.02
C LEU C 97 -33.98 -31.03 -6.73
N GLY C 98 -33.02 -30.39 -7.38
CA GLY C 98 -31.84 -31.11 -7.95
C GLY C 98 -30.67 -31.31 -6.99
N THR C 99 -30.84 -30.89 -5.74
CA THR C 99 -29.81 -31.05 -4.71
C THR C 99 -29.52 -32.50 -4.35
N LYS C 100 -28.23 -32.86 -4.32
CA LYS C 100 -27.78 -34.22 -4.03
C LYS C 100 -27.83 -34.49 -2.52
N GLN C 101 -28.50 -35.58 -2.14
CA GLN C 101 -28.55 -36.11 -0.76
C GLN C 101 -27.41 -37.08 -0.67
N VAL C 102 -26.34 -36.64 -0.08
CA VAL C 102 -25.04 -37.34 -0.07
C VAL C 102 -24.95 -38.57 0.90
N CYS C 103 -25.81 -38.60 1.90
CA CYS C 103 -25.94 -39.72 2.83
C CYS C 103 -27.16 -39.50 3.73
N ILE C 104 -27.50 -40.55 4.48
CA ILE C 104 -28.57 -40.52 5.48
C ILE C 104 -27.96 -40.00 6.77
N ALA C 105 -28.52 -38.92 7.32
CA ALA C 105 -27.89 -38.25 8.40
C ALA C 105 -28.79 -37.27 9.17
N TRP C 106 -28.82 -37.42 10.51
CA TRP C 106 -29.35 -36.42 11.38
C TRP C 106 -28.28 -35.73 12.20
N SER C 107 -27.02 -36.09 11.91
CA SER C 107 -25.83 -35.39 12.38
C SER C 107 -24.74 -35.69 11.38
N SER C 108 -23.92 -34.70 11.09
CA SER C 108 -22.85 -34.91 10.07
C SER C 108 -21.66 -33.99 10.21
N SER C 109 -20.60 -34.38 9.51
CA SER C 109 -19.42 -33.56 9.26
C SER C 109 -18.86 -34.02 7.88
N SER C 110 -18.35 -33.06 7.12
CA SER C 110 -17.69 -33.38 5.85
C SER C 110 -16.40 -32.60 5.69
N CYS C 111 -15.50 -33.18 4.88
CA CYS C 111 -14.28 -32.48 4.56
C CYS C 111 -13.59 -33.13 3.38
N HIS C 112 -12.74 -32.34 2.76
CA HIS C 112 -12.04 -32.76 1.57
C HIS C 112 -10.57 -32.89 1.93
N ASP C 113 -9.97 -34.03 1.61
CA ASP C 113 -8.58 -34.31 1.97
C ASP C 113 -7.57 -33.84 0.91
N GLY C 114 -8.06 -33.20 -0.16
CA GLY C 114 -7.28 -32.81 -1.32
C GLY C 114 -7.48 -33.66 -2.54
N LYS C 115 -7.89 -34.90 -2.31
CA LYS C 115 -8.19 -35.88 -3.34
C LYS C 115 -9.69 -36.18 -3.43
N ALA C 116 -10.35 -36.30 -2.29
CA ALA C 116 -11.80 -36.60 -2.29
C ALA C 116 -12.50 -36.11 -1.05
N TRP C 117 -13.84 -36.11 -1.14
CA TRP C 117 -14.72 -35.81 -0.05
C TRP C 117 -14.86 -36.98 0.93
N LEU C 118 -14.70 -36.63 2.22
CA LEU C 118 -15.18 -37.50 3.32
C LEU C 118 -16.48 -36.95 3.91
N HIS C 119 -17.50 -37.82 4.07
CA HIS C 119 -18.70 -37.48 4.85
C HIS C 119 -18.86 -38.46 6.03
N VAL C 120 -19.12 -37.90 7.18
CA VAL C 120 -19.46 -38.65 8.41
C VAL C 120 -20.93 -38.41 8.73
N CYS C 121 -21.71 -39.47 8.57
CA CYS C 121 -23.16 -39.41 8.62
C CYS C 121 -23.78 -40.33 9.68
N VAL C 122 -24.54 -39.75 10.60
CA VAL C 122 -25.10 -40.54 11.74
C VAL C 122 -26.61 -40.59 11.59
N THR C 123 -27.19 -41.80 11.61
CA THR C 123 -28.64 -41.96 11.54
C THR C 123 -29.06 -43.15 12.39
N GLY C 124 -30.37 -43.45 12.41
CA GLY C 124 -30.89 -44.57 13.25
C GLY C 124 -31.50 -44.17 14.60
N ASP C 125 -31.74 -45.17 15.44
CA ASP C 125 -32.36 -44.97 16.74
C ASP C 125 -31.46 -44.19 17.68
N ASP C 126 -32.05 -43.40 18.54
CA ASP C 126 -31.28 -42.58 19.46
C ASP C 126 -30.34 -43.48 20.35
N ARG C 127 -30.82 -44.64 20.78
CA ARG C 127 -30.08 -45.47 21.77
C ARG C 127 -29.11 -46.44 21.10
N ASN C 128 -29.11 -46.47 19.78
CA ASN C 128 -28.28 -47.42 19.05
C ASN C 128 -28.06 -46.92 17.59
N ALA C 129 -27.46 -45.76 17.46
CA ALA C 129 -27.27 -45.10 16.15
C ALA C 129 -26.10 -45.74 15.34
N THR C 130 -26.08 -45.52 14.02
CA THR C 130 -24.94 -45.93 13.20
C THR C 130 -24.27 -44.71 12.60
N ALA C 131 -22.94 -44.65 12.63
CA ALA C 131 -22.22 -43.64 11.82
C ALA C 131 -21.57 -44.29 10.64
N SER C 132 -21.81 -43.71 9.46
CA SER C 132 -21.28 -44.20 8.23
C SER C 132 -20.20 -43.24 7.77
N PHE C 133 -19.13 -43.80 7.22
CA PHE C 133 -18.01 -43.02 6.70
C PHE C 133 -17.94 -43.27 5.21
N VAL C 134 -18.26 -42.21 4.47
CA VAL C 134 -18.37 -42.24 3.02
C VAL C 134 -17.19 -41.45 2.49
N TYR C 135 -16.38 -42.10 1.69
CA TYR C 135 -15.20 -41.48 1.09
C TYR C 135 -15.14 -41.69 -0.38
N ASN C 136 -14.94 -40.58 -1.10
CA ASN C 136 -15.00 -40.60 -2.56
C ASN C 136 -16.20 -41.34 -3.06
N GLY C 137 -17.35 -41.12 -2.42
CA GLY C 137 -18.61 -41.74 -2.80
C GLY C 137 -18.88 -43.19 -2.37
N MET C 138 -17.93 -43.83 -1.67
CA MET C 138 -18.08 -45.23 -1.27
C MET C 138 -18.19 -45.34 0.24
N LEU C 139 -19.01 -46.27 0.70
CA LEU C 139 -19.08 -46.52 2.14
C LEU C 139 -17.87 -47.36 2.57
N VAL C 140 -17.01 -46.76 3.38
CA VAL C 140 -15.73 -47.39 3.73
C VAL C 140 -15.73 -47.96 5.12
N ASP C 141 -16.47 -47.33 6.02
CA ASP C 141 -16.48 -47.80 7.39
C ASP C 141 -17.76 -47.42 8.07
N SER C 142 -17.98 -47.99 9.25
CA SER C 142 -19.12 -47.59 10.08
C SER C 142 -18.81 -47.94 11.50
N ILE C 143 -19.41 -47.20 12.44
CA ILE C 143 -19.31 -47.50 13.83
C ILE C 143 -20.70 -47.39 14.46
N GLY C 144 -20.97 -48.25 15.43
CA GLY C 144 -22.16 -48.14 16.24
C GLY C 144 -21.89 -47.23 17.45
N SER C 145 -22.97 -46.91 18.15
CA SER C 145 -22.96 -46.06 19.35
C SER C 145 -22.22 -46.76 20.51
N TRP C 146 -21.29 -46.06 21.17
CA TRP C 146 -20.57 -46.62 22.31
C TRP C 146 -21.21 -46.35 23.69
N SER C 147 -22.02 -45.28 23.79
CA SER C 147 -22.78 -44.96 25.03
C SER C 147 -24.29 -45.10 24.91
N ARG C 148 -24.81 -45.50 23.72
CA ARG C 148 -26.23 -45.76 23.52
C ARG C 148 -27.08 -44.53 23.89
N ASN C 149 -26.62 -43.36 23.48
CA ASN C 149 -27.36 -42.14 23.79
C ASN C 149 -26.98 -41.00 22.83
N ILE C 150 -27.46 -41.15 21.59
CA ILE C 150 -27.32 -40.14 20.56
C ILE C 150 -25.86 -39.86 20.15
N LEU C 151 -25.27 -40.89 19.56
CA LEU C 151 -24.00 -40.74 18.86
C LEU C 151 -24.16 -39.55 17.91
N ARG C 152 -23.23 -38.61 17.96
CA ARG C 152 -23.44 -37.35 17.25
C ARG C 152 -22.14 -36.64 16.95
N THR C 153 -22.15 -35.66 16.03
CA THR C 153 -20.86 -35.08 15.58
C THR C 153 -20.94 -33.60 15.32
N GLN C 154 -20.05 -33.08 14.49
CA GLN C 154 -19.71 -31.66 14.53
C GLN C 154 -20.76 -30.69 14.03
N GLU C 155 -21.42 -31.08 12.95
CA GLU C 155 -22.29 -30.16 12.15
C GLU C 155 -21.46 -29.04 11.51
N SER C 156 -20.16 -29.28 11.25
CA SER C 156 -19.35 -28.38 10.45
C SER C 156 -18.18 -29.19 9.95
N GLU C 157 -17.29 -28.56 9.19
CA GLU C 157 -16.27 -29.32 8.47
C GLU C 157 -15.25 -29.97 9.38
N CYS C 158 -14.84 -31.15 8.98
CA CYS C 158 -13.75 -31.86 9.62
C CYS C 158 -12.49 -31.34 8.95
N VAL C 159 -11.35 -31.85 9.37
CA VAL C 159 -10.09 -31.36 8.84
C VAL C 159 -9.10 -32.49 8.55
N CYS C 160 -8.43 -32.39 7.38
CA CYS C 160 -7.52 -33.40 6.94
C CYS C 160 -6.14 -32.81 6.74
N ILE C 161 -5.10 -33.49 7.27
CA ILE C 161 -3.71 -33.10 7.01
C ILE C 161 -2.92 -34.33 6.55
N ASN C 162 -2.40 -34.22 5.34
CA ASN C 162 -1.62 -35.27 4.70
C ASN C 162 -2.34 -36.61 4.55
N GLY C 163 -3.63 -36.54 4.27
CA GLY C 163 -4.43 -37.75 4.00
C GLY C 163 -5.15 -38.26 5.24
N THR C 164 -4.84 -37.74 6.42
CA THR C 164 -5.56 -38.14 7.62
C THR C 164 -6.56 -37.06 8.03
N CYS C 165 -7.83 -37.48 8.12
CA CYS C 165 -8.91 -36.61 8.53
C CYS C 165 -9.33 -36.87 9.99
N THR C 166 -9.61 -35.79 10.72
CA THR C 166 -10.03 -35.97 12.09
C THR C 166 -11.44 -35.35 12.28
N VAL C 167 -12.25 -36.06 13.09
CA VAL C 167 -13.60 -35.64 13.45
C VAL C 167 -13.89 -35.96 14.91
N VAL C 168 -14.60 -35.05 15.57
CA VAL C 168 -14.95 -35.18 16.98
C VAL C 168 -16.40 -35.63 17.11
N MET C 169 -16.64 -36.62 17.95
CA MET C 169 -17.97 -37.15 18.12
C MET C 169 -18.23 -37.34 19.57
N THR C 170 -19.49 -37.22 19.94
CA THR C 170 -19.90 -37.42 21.33
C THR C 170 -21.04 -38.45 21.41
N ASP C 171 -21.13 -39.18 22.52
CA ASP C 171 -22.23 -40.14 22.76
C ASP C 171 -22.43 -40.04 24.26
N GLY C 172 -23.70 -39.89 24.68
CA GLY C 172 -24.06 -39.75 26.09
C GLY C 172 -24.80 -38.45 26.36
N SER C 173 -24.93 -38.11 27.63
CA SER C 173 -25.85 -37.06 28.09
C SER C 173 -25.56 -35.72 27.42
N ALA C 174 -26.61 -34.95 27.20
CA ALA C 174 -26.48 -33.54 26.72
C ALA C 174 -26.39 -32.58 27.90
N SER C 175 -26.43 -33.09 29.14
CA SER C 175 -26.48 -32.25 30.31
C SER C 175 -25.80 -32.88 31.52
N GLY C 176 -24.69 -33.54 31.26
CA GLY C 176 -23.92 -34.24 32.25
C GLY C 176 -22.73 -34.82 31.50
N ARG C 177 -21.86 -35.50 32.22
CA ARG C 177 -20.64 -36.08 31.62
C ARG C 177 -21.02 -37.00 30.49
N ALA C 178 -20.32 -36.88 29.36
CA ALA C 178 -20.59 -37.76 28.20
C ALA C 178 -19.25 -38.36 27.75
N ASP C 179 -19.28 -39.18 26.70
CA ASP C 179 -18.09 -39.87 26.17
C ASP C 179 -17.75 -39.35 24.77
N THR C 180 -16.80 -38.42 24.73
CA THR C 180 -16.34 -37.79 23.52
C THR C 180 -15.05 -38.48 23.05
N ARG C 181 -14.99 -38.78 21.75
CA ARG C 181 -13.85 -39.40 21.13
C ARG C 181 -13.49 -38.67 19.84
N ILE C 182 -12.21 -38.71 19.51
CA ILE C 182 -11.68 -38.03 18.31
C ILE C 182 -11.22 -39.18 17.38
N LEU C 183 -11.78 -39.18 16.19
CA LEU C 183 -11.55 -40.24 15.22
C LEU C 183 -10.55 -39.72 14.16
N PHE C 184 -9.71 -40.64 13.67
CA PHE C 184 -8.71 -40.37 12.64
C PHE C 184 -8.95 -41.33 11.56
N ILE C 185 -9.17 -40.78 10.38
CA ILE C 185 -9.72 -41.52 9.26
C ILE C 185 -8.89 -41.26 7.98
N ARG C 186 -8.46 -42.33 7.33
CA ARG C 186 -7.69 -42.20 6.10
C ARG C 186 -8.45 -42.91 5.03
N GLU C 187 -8.74 -42.18 3.96
CA GLU C 187 -9.50 -42.75 2.87
C GLU C 187 -10.78 -43.43 3.33
N GLY C 188 -11.43 -42.82 4.29
CA GLY C 188 -12.71 -43.35 4.80
C GLY C 188 -12.63 -44.42 5.90
N LYS C 189 -11.41 -44.93 6.14
CA LYS C 189 -11.18 -46.03 7.11
C LYS C 189 -10.75 -45.44 8.43
N ILE C 190 -11.41 -45.83 9.52
CA ILE C 190 -10.99 -45.39 10.85
C ILE C 190 -9.69 -46.12 11.20
N ILE C 191 -8.64 -45.35 11.43
CA ILE C 191 -7.37 -45.92 11.76
C ILE C 191 -6.99 -45.76 13.23
N HIS C 192 -7.59 -44.80 13.93
CA HIS C 192 -7.35 -44.62 15.33
C HIS C 192 -8.52 -43.87 15.93
N ILE C 193 -8.74 -44.11 17.21
CA ILE C 193 -9.73 -43.37 17.98
C ILE C 193 -9.12 -43.00 19.35
N SER C 194 -9.03 -41.69 19.64
CA SER C 194 -8.54 -41.23 20.93
C SER C 194 -9.67 -40.67 21.81
N PRO C 195 -9.77 -41.12 23.07
CA PRO C 195 -10.76 -40.44 23.94
C PRO C 195 -10.39 -38.98 24.19
N LEU C 196 -11.38 -38.16 24.48
CA LEU C 196 -11.12 -36.79 24.91
C LEU C 196 -10.27 -36.84 26.18
N SER C 197 -9.35 -35.88 26.30
CA SER C 197 -8.52 -35.75 27.47
C SER C 197 -8.37 -34.27 27.74
N GLY C 198 -8.06 -33.94 28.99
CA GLY C 198 -7.77 -32.56 29.41
C GLY C 198 -8.89 -31.97 30.24
N SER C 199 -8.96 -30.64 30.35
CA SER C 199 -9.90 -30.03 31.29
C SER C 199 -11.30 -29.65 30.76
N ALA C 200 -11.55 -29.79 29.45
CA ALA C 200 -12.91 -29.62 28.95
C ALA C 200 -13.78 -30.72 29.55
N GLN C 201 -14.97 -30.32 30.02
CA GLN C 201 -15.84 -31.22 30.72
C GLN C 201 -17.07 -31.69 29.91
N HIS C 202 -17.38 -31.02 28.80
CA HIS C 202 -18.51 -31.43 27.98
C HIS C 202 -18.30 -30.88 26.58
N ILE C 203 -18.50 -31.75 25.58
CA ILE C 203 -18.24 -31.41 24.18
C ILE C 203 -19.42 -31.70 23.26
N GLU C 204 -19.84 -30.66 22.56
CA GLU C 204 -20.83 -30.81 21.48
C GLU C 204 -20.37 -29.99 20.25
N GLU C 205 -20.67 -30.52 19.07
CA GLU C 205 -20.71 -29.68 17.85
C GLU C 205 -19.45 -28.84 17.63
N CYS C 206 -18.30 -29.51 17.54
CA CYS C 206 -17.04 -28.77 17.45
C CYS C 206 -16.86 -28.08 16.10
N SER C 207 -16.30 -26.87 16.14
CA SER C 207 -15.87 -26.12 14.97
C SER C 207 -14.33 -26.18 14.91
N CYS C 208 -13.81 -26.94 13.94
CA CYS C 208 -12.39 -27.30 13.90
C CYS C 208 -11.71 -26.67 12.73
N TYR C 209 -10.38 -26.46 12.87
CA TYR C 209 -9.63 -25.89 11.80
C TYR C 209 -8.19 -26.39 11.84
N PRO C 210 -7.54 -26.43 10.66
CA PRO C 210 -6.10 -26.77 10.60
C PRO C 210 -5.23 -25.73 11.25
N ARG C 211 -4.32 -26.22 12.08
CA ARG C 211 -3.27 -25.39 12.65
C ARG C 211 -1.96 -26.20 12.51
N TYR C 212 -1.39 -26.14 11.29
CA TYR C 212 -0.40 -27.14 10.83
C TYR C 212 0.72 -27.23 11.84
N PRO C 213 1.15 -28.47 12.22
CA PRO C 213 0.76 -29.80 11.69
C PRO C 213 -0.46 -30.45 12.32
N ASN C 214 -1.18 -29.68 13.14
CA ASN C 214 -2.21 -30.23 14.01
C ASN C 214 -3.55 -29.56 13.73
N VAL C 215 -4.54 -29.94 14.52
CA VAL C 215 -5.91 -29.43 14.36
C VAL C 215 -6.41 -28.90 15.70
N ARG C 216 -7.20 -27.84 15.63
CA ARG C 216 -7.74 -27.21 16.82
C ARG C 216 -9.24 -26.99 16.64
N CYS C 217 -10.00 -27.23 17.70
CA CYS C 217 -11.45 -27.11 17.65
C CYS C 217 -11.88 -26.27 18.79
N VAL C 218 -12.95 -25.55 18.53
CA VAL C 218 -13.66 -24.80 19.55
C VAL C 218 -15.11 -25.30 19.48
N CYS C 219 -15.62 -25.76 20.62
CA CYS C 219 -16.88 -26.46 20.66
C CYS C 219 -17.94 -25.78 21.54
N ARG C 220 -18.95 -26.54 21.93
CA ARG C 220 -20.07 -26.11 22.75
C ARG C 220 -20.08 -27.02 23.97
N ASP C 221 -20.02 -26.42 25.16
CA ASP C 221 -20.30 -27.10 26.41
C ASP C 221 -21.81 -26.92 26.71
N ASN C 222 -22.53 -28.03 26.78
CA ASN C 222 -23.98 -27.99 27.04
C ASN C 222 -24.39 -28.26 28.50
N TRP C 223 -23.39 -28.41 29.36
CA TRP C 223 -23.57 -28.88 30.77
C TRP C 223 -23.32 -27.72 31.77
N LYS C 224 -22.07 -27.36 32.07
CA LYS C 224 -21.80 -26.30 33.07
C LYS C 224 -21.22 -25.00 32.51
N GLY C 225 -20.95 -24.96 31.22
CA GLY C 225 -20.11 -23.87 30.65
C GLY C 225 -20.83 -23.00 29.69
N SER C 226 -20.76 -21.67 29.89
CA SER C 226 -21.10 -20.75 28.80
C SER C 226 -19.85 -20.23 28.12
N ASN C 227 -18.69 -20.62 28.64
CA ASN C 227 -17.42 -20.45 27.91
C ASN C 227 -17.27 -21.66 27.00
N ARG C 228 -16.59 -21.50 25.86
CA ARG C 228 -16.45 -22.54 24.89
C ARG C 228 -15.25 -23.38 25.12
N PRO C 229 -15.45 -24.70 25.17
CA PRO C 229 -14.28 -25.58 25.27
C PRO C 229 -13.42 -25.56 24.02
N VAL C 230 -12.13 -25.87 24.22
CA VAL C 230 -11.20 -25.97 23.12
C VAL C 230 -10.55 -27.36 23.16
N ILE C 231 -10.40 -27.96 21.99
CA ILE C 231 -9.69 -29.25 21.81
C ILE C 231 -8.53 -29.15 20.87
N ASP C 232 -7.38 -29.63 21.31
CA ASP C 232 -6.22 -29.69 20.43
C ASP C 232 -5.96 -31.18 20.08
N ILE C 233 -5.75 -31.42 18.79
CA ILE C 233 -5.63 -32.79 18.25
C ILE C 233 -4.26 -32.90 17.58
N ASN C 234 -3.37 -33.69 18.17
CA ASN C 234 -2.02 -33.84 17.63
C ASN C 234 -2.11 -34.88 16.54
N MET C 235 -1.82 -34.48 15.30
CA MET C 235 -2.02 -35.39 14.17
C MET C 235 -0.89 -36.41 14.01
N ALA C 236 0.25 -36.18 14.62
CA ALA C 236 1.37 -37.15 14.55
C ALA C 236 1.20 -38.32 15.54
N ASP C 237 0.71 -38.04 16.74
CA ASP C 237 0.67 -39.09 17.78
C ASP C 237 -0.72 -39.34 18.38
N TYR C 238 -1.75 -38.68 17.83
CA TYR C 238 -3.14 -38.86 18.24
C TYR C 238 -3.43 -38.40 19.63
N ASN C 239 -2.56 -37.59 20.19
CA ASN C 239 -2.73 -37.09 21.54
C ASN C 239 -3.76 -35.96 21.53
N ILE C 240 -4.61 -35.96 22.55
CA ILE C 240 -5.65 -34.96 22.70
C ILE C 240 -5.43 -34.16 23.98
N ASN C 241 -5.50 -32.82 23.90
CA ASN C 241 -5.66 -32.02 25.14
C ASN C 241 -6.78 -30.99 24.95
N SER C 242 -7.23 -30.42 26.06
CA SER C 242 -8.45 -29.62 26.01
C SER C 242 -8.48 -28.65 27.18
N SER C 243 -9.27 -27.59 27.01
CA SER C 243 -9.31 -26.51 27.99
C SER C 243 -10.50 -25.65 27.58
N TYR C 244 -10.51 -24.38 27.97
CA TYR C 244 -11.61 -23.46 27.56
C TYR C 244 -11.01 -22.20 26.98
N VAL C 245 -11.74 -21.57 26.06
CA VAL C 245 -11.29 -20.27 25.58
C VAL C 245 -11.15 -19.32 26.77
N CYS C 246 -10.02 -18.63 26.83
CA CYS C 246 -9.71 -17.71 27.99
C CYS C 246 -10.67 -16.50 28.15
N SER C 247 -11.17 -15.98 27.03
CA SER C 247 -11.90 -14.74 27.03
C SER C 247 -13.01 -14.67 28.09
N GLY C 248 -13.02 -13.55 28.82
CA GLY C 248 -14.18 -13.26 29.67
C GLY C 248 -15.43 -12.85 28.93
N LEU C 249 -15.29 -12.49 27.65
CA LEU C 249 -16.42 -12.32 26.76
C LEU C 249 -16.64 -13.68 26.13
N VAL C 250 -17.68 -14.37 26.59
CA VAL C 250 -17.83 -15.78 26.32
C VAL C 250 -18.72 -15.93 25.09
N GLY C 251 -18.64 -17.11 24.50
CA GLY C 251 -19.23 -17.30 23.18
C GLY C 251 -20.52 -18.08 23.08
N ASP C 252 -20.99 -18.68 24.16
CA ASP C 252 -22.16 -19.55 24.11
C ASP C 252 -23.41 -18.72 24.32
N THR C 253 -24.52 -19.33 24.00
CA THR C 253 -25.86 -18.81 24.32
C THR C 253 -26.67 -19.99 24.89
N PRO C 254 -27.13 -19.88 26.17
CA PRO C 254 -27.12 -18.68 26.99
C PRO C 254 -25.78 -18.38 27.65
N ARG C 255 -25.70 -17.17 28.19
CA ARG C 255 -24.56 -16.71 28.93
C ARG C 255 -24.96 -15.53 29.83
N ASN C 256 -24.06 -15.19 30.75
CA ASN C 256 -24.23 -13.97 31.55
C ASN C 256 -23.97 -12.73 30.68
N ASP C 257 -24.39 -11.57 31.15
CA ASP C 257 -24.07 -10.39 30.38
C ASP C 257 -22.58 -10.13 30.54
N ASP C 258 -22.06 -9.24 29.71
CA ASP C 258 -20.59 -9.03 29.60
C ASP C 258 -19.96 -8.61 30.96
N SER C 259 -20.70 -7.84 31.75
CA SER C 259 -20.14 -7.38 33.03
C SER C 259 -19.95 -8.51 34.05
N SER C 260 -20.65 -9.62 33.91
CA SER C 260 -20.57 -10.71 34.91
C SER C 260 -20.24 -12.10 34.35
N SER C 261 -19.84 -12.16 33.08
CA SER C 261 -19.35 -13.41 32.48
C SER C 261 -17.85 -13.62 32.77
N SER C 262 -17.42 -14.88 32.87
CA SER C 262 -16.04 -15.19 33.23
C SER C 262 -15.58 -16.44 32.53
N SER C 263 -14.27 -16.56 32.40
CA SER C 263 -13.64 -17.83 32.06
C SER C 263 -12.24 -17.85 32.61
N ASN C 264 -11.91 -18.93 33.30
CA ASN C 264 -10.55 -19.13 33.78
C ASN C 264 -9.56 -19.90 32.84
N CYS C 265 -9.97 -20.13 31.59
CA CYS C 265 -9.17 -20.86 30.55
C CYS C 265 -9.16 -22.37 30.74
N LYS C 266 -9.72 -22.86 31.84
CA LYS C 266 -9.50 -24.23 32.33
C LYS C 266 -10.74 -25.04 32.61
N ASP C 267 -11.72 -24.43 33.30
CA ASP C 267 -12.92 -25.12 33.69
C ASP C 267 -14.22 -24.47 33.14
N PRO C 268 -15.30 -25.27 33.02
CA PRO C 268 -16.56 -24.63 32.69
C PRO C 268 -16.86 -23.56 33.73
N ASN C 269 -17.44 -22.45 33.30
CA ASN C 269 -17.54 -21.30 34.21
C ASN C 269 -18.74 -21.37 35.18
N ASN C 270 -19.60 -22.38 35.03
CA ASN C 270 -20.83 -22.55 35.82
C ASN C 270 -21.75 -21.37 35.79
N GLU C 271 -21.76 -20.68 34.64
CA GLU C 271 -22.66 -19.56 34.41
C GLU C 271 -23.61 -19.89 33.27
N ARG C 272 -24.88 -20.10 33.60
CA ARG C 272 -25.90 -20.45 32.62
C ARG C 272 -25.42 -21.57 31.70
N GLY C 273 -24.88 -22.62 32.34
CA GLY C 273 -24.11 -23.65 31.68
C GLY C 273 -24.85 -24.39 30.58
N ASN C 274 -26.14 -24.59 30.79
CA ASN C 274 -26.95 -25.44 29.89
C ASN C 274 -28.11 -24.59 29.38
N PRO C 275 -28.49 -24.76 28.09
CA PRO C 275 -27.86 -25.65 27.11
C PRO C 275 -26.70 -24.95 26.36
N GLY C 276 -26.91 -24.45 25.13
CA GLY C 276 -25.84 -23.90 24.34
C GLY C 276 -26.23 -23.75 22.87
N VAL C 277 -25.27 -23.34 22.05
CA VAL C 277 -25.45 -23.17 20.59
C VAL C 277 -24.10 -23.48 19.98
N LYS C 278 -24.10 -24.19 18.85
CA LYS C 278 -22.87 -24.36 18.10
C LYS C 278 -22.27 -22.97 17.72
N GLY C 279 -20.95 -22.87 17.86
CA GLY C 279 -20.20 -21.65 17.55
C GLY C 279 -18.75 -21.94 17.23
N TRP C 280 -17.95 -20.89 17.14
CA TRP C 280 -16.54 -21.00 16.74
C TRP C 280 -15.70 -19.82 17.31
N ALA C 281 -14.38 -20.02 17.30
CA ALA C 281 -13.43 -18.96 17.64
C ALA C 281 -12.12 -19.49 17.09
N PHE C 282 -11.15 -18.61 16.88
CA PHE C 282 -9.76 -19.06 16.61
C PHE C 282 -8.73 -18.10 17.16
N ASP C 283 -7.52 -18.62 17.35
CA ASP C 283 -6.45 -17.92 18.05
C ASP C 283 -5.65 -17.14 17.06
N ASN C 284 -5.22 -15.96 17.46
CA ASN C 284 -4.11 -15.33 16.77
C ASN C 284 -3.14 -14.82 17.80
N ASP C 285 -2.04 -15.53 17.98
CA ASP C 285 -1.14 -15.30 19.10
C ASP C 285 -1.90 -15.24 20.45
N ASN C 286 -1.86 -14.10 21.13
CA ASN C 286 -2.53 -13.99 22.43
C ASN C 286 -4.00 -13.59 22.35
N ASP C 287 -4.45 -13.22 21.16
CA ASP C 287 -5.82 -12.69 20.97
C ASP C 287 -6.73 -13.79 20.42
N VAL C 288 -8.06 -13.61 20.57
CA VAL C 288 -9.02 -14.55 19.96
C VAL C 288 -9.95 -13.76 19.05
N TRP C 289 -10.20 -14.33 17.87
CA TRP C 289 -11.30 -13.88 17.03
C TRP C 289 -12.46 -14.81 17.27
N MET C 290 -13.65 -14.27 17.47
CA MET C 290 -14.79 -15.08 17.82
C MET C 290 -16.08 -14.49 17.35
N GLY C 291 -17.07 -15.35 17.06
CA GLY C 291 -18.45 -14.91 16.88
C GLY C 291 -19.33 -15.29 18.01
N ARG C 292 -20.49 -14.63 18.10
CA ARG C 292 -21.49 -15.07 19.04
C ARG C 292 -22.82 -14.42 18.70
N THR C 293 -23.91 -14.95 19.27
CA THR C 293 -25.22 -14.28 19.11
C THR C 293 -25.14 -12.91 19.83
N ILE C 294 -25.87 -11.90 19.35
CA ILE C 294 -25.86 -10.63 20.09
C ILE C 294 -26.63 -10.77 21.40
N SER C 295 -27.77 -11.44 21.33
CA SER C 295 -28.56 -11.66 22.53
C SER C 295 -27.80 -12.67 23.45
N LYS C 296 -27.82 -12.42 24.75
CA LYS C 296 -27.23 -13.39 25.65
C LYS C 296 -28.16 -14.58 25.97
N ASP C 297 -29.42 -14.43 25.62
CA ASP C 297 -30.51 -15.35 26.03
C ASP C 297 -31.02 -16.17 24.88
N LEU C 298 -31.21 -15.52 23.74
CA LEU C 298 -31.79 -16.20 22.52
C LEU C 298 -30.83 -16.19 21.33
N ARG C 299 -31.13 -17.03 20.33
CA ARG C 299 -30.32 -17.13 19.13
C ARG C 299 -30.79 -16.00 18.22
N SER C 300 -30.50 -14.77 18.67
CA SER C 300 -30.86 -13.57 17.92
C SER C 300 -29.57 -12.78 17.72
N GLY C 301 -29.44 -12.21 16.54
CA GLY C 301 -28.31 -11.38 16.20
C GLY C 301 -27.05 -12.18 16.04
N TYR C 302 -26.05 -11.54 15.46
CA TYR C 302 -24.71 -12.17 15.35
C TYR C 302 -23.68 -11.07 15.20
N GLU C 303 -22.64 -11.17 16.04
CA GLU C 303 -21.50 -10.25 16.02
C GLU C 303 -20.20 -11.04 16.05
N THR C 304 -19.18 -10.44 15.46
CA THR C 304 -17.80 -10.89 15.60
C THR C 304 -16.94 -9.77 16.23
N PHE C 305 -15.85 -10.17 16.90
CA PHE C 305 -14.86 -9.21 17.38
C PHE C 305 -13.57 -9.95 17.76
N LYS C 306 -12.51 -9.20 17.97
CA LYS C 306 -11.29 -9.74 18.52
C LYS C 306 -11.23 -9.35 20.01
N VAL C 307 -10.81 -10.31 20.86
CA VAL C 307 -10.56 -10.02 22.27
C VAL C 307 -9.03 -10.02 22.54
N ILE C 308 -8.52 -8.87 23.00
CA ILE C 308 -7.13 -8.65 23.18
C ILE C 308 -6.74 -9.46 24.40
N GLY C 309 -5.75 -10.33 24.24
CA GLY C 309 -5.39 -11.27 25.29
C GLY C 309 -6.39 -12.43 25.48
N GLY C 310 -7.38 -12.53 24.58
CA GLY C 310 -8.48 -13.41 24.79
C GLY C 310 -8.11 -14.88 24.68
N TRP C 311 -6.95 -15.16 24.10
CA TRP C 311 -6.55 -16.56 23.94
C TRP C 311 -5.73 -17.01 25.14
N THR C 312 -4.98 -16.11 25.76
CA THR C 312 -4.01 -16.52 26.78
C THR C 312 -4.23 -15.89 28.16
N THR C 313 -5.06 -14.86 28.25
CA THR C 313 -5.33 -14.22 29.53
C THR C 313 -6.78 -14.39 29.98
N ALA C 314 -6.94 -15.10 31.09
CA ALA C 314 -8.24 -15.44 31.60
C ALA C 314 -8.98 -14.19 31.82
N ASN C 315 -10.28 -14.23 31.49
CA ASN C 315 -11.17 -13.11 31.80
C ASN C 315 -10.85 -11.76 31.10
N SER C 316 -10.00 -11.77 30.07
CA SER C 316 -9.81 -10.57 29.22
C SER C 316 -11.10 -10.16 28.52
N LYS C 317 -11.38 -8.86 28.56
CA LYS C 317 -12.63 -8.36 28.05
C LYS C 317 -12.43 -7.12 27.21
N SER C 318 -11.20 -6.82 26.85
CA SER C 318 -11.01 -5.68 25.98
C SER C 318 -11.25 -6.13 24.54
N GLN C 319 -12.38 -5.78 23.96
CA GLN C 319 -12.58 -6.11 22.52
C GLN C 319 -12.20 -4.96 21.56
N VAL C 320 -12.06 -5.28 20.28
CA VAL C 320 -11.78 -4.33 19.21
C VAL C 320 -12.27 -4.99 17.89
N ASN C 321 -12.45 -4.18 16.82
CA ASN C 321 -12.81 -4.65 15.49
C ASN C 321 -14.13 -5.39 15.48
N ARG C 322 -15.08 -4.91 16.27
CA ARG C 322 -16.39 -5.55 16.25
C ARG C 322 -17.08 -5.36 14.90
N GLN C 323 -17.85 -6.39 14.47
CA GLN C 323 -18.71 -6.27 13.28
C GLN C 323 -20.03 -6.91 13.58
N VAL C 324 -21.10 -6.20 13.24
CA VAL C 324 -22.41 -6.78 13.22
C VAL C 324 -22.58 -7.59 11.93
N ILE C 325 -22.96 -8.85 12.07
CA ILE C 325 -23.21 -9.68 10.89
C ILE C 325 -24.71 -9.74 10.65
N VAL C 326 -25.44 -9.97 11.74
CA VAL C 326 -26.91 -9.93 11.77
C VAL C 326 -27.37 -9.08 12.94
N ASP C 327 -28.16 -8.06 12.67
CA ASP C 327 -28.64 -7.23 13.77
C ASP C 327 -29.54 -7.99 14.76
N ASN C 328 -29.69 -7.43 15.94
CA ASN C 328 -30.34 -8.17 17.03
C ASN C 328 -31.86 -8.19 16.94
N ASN C 329 -32.40 -7.57 15.90
CA ASN C 329 -33.83 -7.73 15.61
C ASN C 329 -34.08 -8.95 14.69
N ASN C 330 -33.03 -9.69 14.33
CA ASN C 330 -33.20 -10.82 13.42
C ASN C 330 -32.64 -12.09 14.02
N TRP C 331 -33.20 -13.22 13.56
CA TRP C 331 -32.82 -14.51 14.09
C TRP C 331 -31.54 -15.04 13.47
N SER C 332 -30.71 -15.67 14.31
CA SER C 332 -29.50 -16.32 13.87
C SER C 332 -29.68 -17.82 14.18
N GLY C 333 -28.68 -18.45 14.76
CA GLY C 333 -28.65 -19.91 14.91
C GLY C 333 -27.23 -20.39 15.05
N TYR C 334 -27.00 -21.64 14.66
CA TYR C 334 -25.68 -22.22 14.71
C TYR C 334 -24.68 -21.39 13.85
N SER C 335 -23.41 -21.48 14.22
CA SER C 335 -22.36 -20.86 13.42
C SER C 335 -21.14 -21.73 13.50
N GLY C 336 -20.32 -21.67 12.48
CA GLY C 336 -19.14 -22.54 12.43
C GLY C 336 -18.06 -21.98 11.56
N ILE C 337 -16.86 -22.56 11.74
CA ILE C 337 -15.69 -22.16 11.02
C ILE C 337 -15.44 -23.04 9.81
N PHE C 338 -14.89 -22.44 8.75
CA PHE C 338 -14.19 -23.18 7.74
C PHE C 338 -12.94 -22.45 7.31
N SER C 339 -12.00 -23.19 6.76
CA SER C 339 -10.71 -22.61 6.37
C SER C 339 -10.48 -22.73 4.82
N VAL C 340 -9.80 -21.74 4.24
CA VAL C 340 -9.54 -21.67 2.82
C VAL C 340 -8.09 -21.24 2.59
N GLU C 341 -7.31 -22.06 1.89
CA GLU C 341 -5.90 -21.77 1.66
C GLU C 341 -5.73 -20.89 0.45
N GLY C 342 -5.15 -19.73 0.68
CA GLY C 342 -4.89 -18.76 -0.36
C GLY C 342 -3.48 -18.98 -0.89
N LYS C 343 -2.99 -18.00 -1.61
CA LYS C 343 -1.69 -18.07 -2.23
C LYS C 343 -0.57 -18.19 -1.18
N SER C 344 -0.69 -17.43 -0.09
N SER C 344 -0.68 -17.42 -0.09
CA SER C 344 0.37 -17.34 0.89
CA SER C 344 0.39 -17.35 0.91
C SER C 344 -0.03 -17.70 2.34
C SER C 344 -0.02 -17.69 2.34
N CYS C 345 -1.32 -17.81 2.63
CA CYS C 345 -1.75 -18.05 3.99
C CYS C 345 -3.08 -18.81 4.03
N VAL C 346 -3.37 -19.45 5.18
CA VAL C 346 -4.63 -20.12 5.40
C VAL C 346 -5.60 -19.12 6.07
N ASN C 347 -6.72 -18.88 5.40
CA ASN C 347 -7.75 -17.94 5.83
C ASN C 347 -8.84 -18.65 6.62
N ARG C 348 -9.47 -17.90 7.53
CA ARG C 348 -10.57 -18.40 8.30
C ARG C 348 -11.83 -17.67 7.88
N CYS C 349 -12.88 -18.46 7.65
CA CYS C 349 -14.21 -17.95 7.33
C CYS C 349 -15.20 -18.51 8.26
N PHE C 350 -16.43 -18.02 8.23
CA PHE C 350 -17.47 -18.62 9.06
C PHE C 350 -18.84 -18.40 8.40
N TYR C 351 -19.78 -19.28 8.74
CA TYR C 351 -21.15 -19.18 8.30
C TYR C 351 -22.03 -18.96 9.53
N VAL C 352 -23.16 -18.31 9.29
CA VAL C 352 -24.21 -18.23 10.30
C VAL C 352 -25.52 -18.78 9.75
N GLU C 353 -26.10 -19.72 10.49
CA GLU C 353 -27.41 -20.30 10.20
C GLU C 353 -28.46 -19.31 10.65
N LEU C 354 -29.37 -18.95 9.75
CA LEU C 354 -30.45 -18.00 10.07
C LEU C 354 -31.78 -18.76 10.15
N ILE C 355 -32.15 -19.14 11.37
CA ILE C 355 -33.26 -19.99 11.60
C ILE C 355 -34.54 -19.19 11.48
N ARG C 356 -35.49 -19.70 10.72
CA ARG C 356 -36.83 -19.11 10.68
C ARG C 356 -37.88 -20.15 11.00
N GLY C 357 -39.02 -19.72 11.51
CA GLY C 357 -40.04 -20.61 11.99
C GLY C 357 -39.70 -21.06 13.41
N GLY C 358 -40.10 -22.27 13.79
CA GLY C 358 -40.26 -22.63 15.22
C GLY C 358 -38.92 -22.48 15.95
N PRO C 359 -38.95 -22.27 17.30
CA PRO C 359 -40.09 -22.10 18.21
C PRO C 359 -40.42 -20.61 18.40
N GLN C 360 -39.60 -19.75 17.82
CA GLN C 360 -39.68 -18.32 18.03
C GLN C 360 -40.71 -17.64 17.10
N GLU C 361 -41.07 -18.29 16.00
CA GLU C 361 -42.02 -17.73 15.04
C GLU C 361 -43.09 -18.78 14.80
N THR C 362 -44.14 -18.74 15.59
CA THR C 362 -45.09 -19.82 15.57
C THR C 362 -46.19 -19.66 14.53
N ARG C 363 -46.21 -18.57 13.78
CA ARG C 363 -47.16 -18.50 12.66
C ARG C 363 -47.09 -19.70 11.70
N VAL C 364 -45.92 -20.31 11.49
CA VAL C 364 -45.77 -21.33 10.41
C VAL C 364 -45.81 -22.90 10.55
N TRP C 365 -45.44 -23.45 11.68
CA TRP C 365 -45.41 -24.94 11.88
C TRP C 365 -44.11 -25.60 11.49
N TRP C 366 -43.42 -25.07 10.48
CA TRP C 366 -42.07 -25.59 10.12
C TRP C 366 -40.94 -24.80 10.79
N THR C 367 -39.75 -25.35 10.68
CA THR C 367 -38.53 -24.66 11.03
C THR C 367 -37.54 -24.92 9.90
N SER C 368 -36.91 -23.88 9.41
CA SER C 368 -35.89 -24.01 8.33
C SER C 368 -34.90 -22.91 8.51
N ASN C 369 -33.90 -22.84 7.64
CA ASN C 369 -32.89 -21.79 7.75
C ASN C 369 -32.39 -21.34 6.39
N SER C 370 -31.84 -20.14 6.35
CA SER C 370 -30.97 -19.74 5.27
C SER C 370 -29.56 -19.57 5.84
N ILE C 371 -28.62 -19.16 5.01
CA ILE C 371 -27.25 -18.92 5.47
C ILE C 371 -26.66 -17.62 4.98
N VAL C 372 -25.73 -17.09 5.80
CA VAL C 372 -24.88 -15.98 5.40
C VAL C 372 -23.45 -16.35 5.78
N VAL C 373 -22.50 -15.92 4.97
CA VAL C 373 -21.12 -16.42 5.04
C VAL C 373 -20.17 -15.27 4.85
N PHE C 374 -19.14 -15.25 5.70
CA PHE C 374 -18.16 -14.19 5.67
C PHE C 374 -16.81 -14.85 5.71
N CYS C 375 -15.84 -14.23 5.08
CA CYS C 375 -14.45 -14.72 5.17
C CYS C 375 -13.48 -13.68 5.75
N GLY C 376 -12.44 -14.15 6.47
CA GLY C 376 -11.41 -13.26 6.91
C GLY C 376 -10.80 -12.39 5.80
N THR C 377 -10.43 -11.18 6.17
CA THR C 377 -9.79 -10.27 5.22
C THR C 377 -8.64 -9.54 5.95
N SER C 378 -7.59 -9.22 5.21
CA SER C 378 -6.54 -8.36 5.70
C SER C 378 -6.72 -6.92 5.15
N GLY C 379 -7.80 -6.71 4.39
CA GLY C 379 -8.09 -5.37 3.84
C GLY C 379 -9.02 -4.58 4.76
N THR C 380 -9.89 -3.76 4.17
CA THR C 380 -10.79 -2.91 4.90
C THR C 380 -12.24 -3.23 4.54
N TYR C 381 -13.15 -2.63 5.29
CA TYR C 381 -14.55 -2.98 5.30
C TYR C 381 -15.39 -1.97 6.01
N GLY C 382 -16.71 -2.07 5.86
CA GLY C 382 -17.62 -1.14 6.47
C GLY C 382 -18.55 -1.81 7.43
N THR C 383 -19.83 -1.49 7.32
CA THR C 383 -20.82 -2.09 8.20
C THR C 383 -22.07 -2.50 7.43
N GLY C 384 -22.87 -3.30 8.10
CA GLY C 384 -24.22 -3.63 7.60
C GLY C 384 -24.86 -4.70 8.42
N SER C 385 -25.95 -5.28 7.88
CA SER C 385 -26.62 -6.39 8.53
C SER C 385 -27.18 -7.23 7.40
N TRP C 386 -27.00 -8.54 7.52
CA TRP C 386 -27.44 -9.51 6.44
C TRP C 386 -28.28 -10.62 6.99
N PRO C 387 -29.53 -10.31 7.39
CA PRO C 387 -30.41 -11.28 7.96
C PRO C 387 -31.07 -12.13 6.86
N ASP C 388 -31.88 -13.06 7.32
CA ASP C 388 -32.54 -13.96 6.41
C ASP C 388 -33.35 -13.19 5.35
N GLY C 389 -34.14 -12.24 5.85
CA GLY C 389 -34.93 -11.32 5.04
C GLY C 389 -36.31 -11.76 4.55
N ALA C 390 -36.77 -12.92 4.93
CA ALA C 390 -38.14 -13.32 4.54
C ALA C 390 -39.12 -12.65 5.47
N ASN C 391 -40.30 -12.37 4.96
CA ASN C 391 -41.41 -11.88 5.75
C ASN C 391 -42.25 -13.10 6.10
N ILE C 392 -42.32 -13.42 7.39
CA ILE C 392 -42.99 -14.61 7.84
C ILE C 392 -44.47 -14.64 7.42
N ASN C 393 -45.07 -13.50 7.18
CA ASN C 393 -46.48 -13.44 6.78
C ASN C 393 -46.65 -13.76 5.32
N PHE C 394 -45.56 -13.81 4.54
CA PHE C 394 -45.65 -14.24 3.16
C PHE C 394 -45.40 -15.73 2.96
N MET C 395 -45.21 -16.51 4.02
CA MET C 395 -44.78 -17.87 3.83
C MET C 395 -45.97 -18.81 3.86
N PRO C 396 -45.93 -19.89 3.08
CA PRO C 396 -46.88 -20.93 3.37
C PRO C 396 -46.61 -21.45 4.80
N ILE C 397 -47.66 -21.89 5.46
CA ILE C 397 -47.62 -22.21 6.89
C ILE C 397 -47.12 -23.67 7.22
N LEU D 10 47.41 25.56 -3.78
CA LEU D 10 46.11 25.32 -4.47
C LEU D 10 46.30 25.28 -5.99
N GLU D 11 45.54 24.38 -6.64
CA GLU D 11 45.67 24.09 -8.05
C GLU D 11 44.34 24.26 -8.77
N TYR D 12 44.36 24.64 -10.05
CA TYR D 12 43.14 24.73 -10.88
C TYR D 12 42.54 23.33 -11.12
N ARG D 13 41.22 23.20 -11.08
CA ARG D 13 40.53 21.96 -11.51
C ARG D 13 40.62 21.77 -12.99
N ASN D 14 40.91 20.53 -13.39
CA ASN D 14 40.96 20.15 -14.81
C ASN D 14 39.85 19.19 -15.16
N TRP D 15 39.30 18.50 -14.14
CA TRP D 15 38.25 17.55 -14.39
C TRP D 15 38.66 16.46 -15.44
N SER D 16 39.93 16.11 -15.46
CA SER D 16 40.47 15.25 -16.50
C SER D 16 40.44 13.80 -16.08
N LYS D 17 39.24 13.30 -15.79
CA LYS D 17 39.00 11.89 -15.55
C LYS D 17 37.78 11.51 -16.39
N PRO D 18 37.62 10.21 -16.67
CA PRO D 18 36.44 9.84 -17.48
C PRO D 18 35.16 9.96 -16.69
N GLN D 19 34.06 10.14 -17.40
CA GLN D 19 32.76 10.15 -16.74
C GLN D 19 32.48 8.83 -16.02
N CYS D 20 31.96 8.91 -14.81
CA CYS D 20 31.61 7.67 -14.10
C CYS D 20 30.56 6.89 -14.87
N GLN D 21 30.63 5.58 -14.73
CA GLN D 21 29.58 4.69 -15.12
C GLN D 21 28.42 5.02 -14.27
N ILE D 22 27.23 5.15 -14.85
CA ILE D 22 26.09 5.29 -14.00
C ILE D 22 25.01 4.27 -14.33
N THR D 23 24.42 3.72 -13.27
CA THR D 23 23.29 2.80 -13.40
C THR D 23 22.00 3.52 -13.05
N GLY D 24 22.12 4.77 -12.59
CA GLY D 24 20.98 5.57 -12.13
C GLY D 24 21.53 6.52 -11.07
N PHE D 25 20.66 6.98 -10.21
CA PHE D 25 20.99 7.97 -9.24
C PHE D 25 20.60 7.55 -7.83
N ALA D 26 21.36 8.04 -6.83
CA ALA D 26 21.05 7.78 -5.44
C ALA D 26 20.75 9.08 -4.70
N PRO D 27 19.81 9.00 -3.72
CA PRO D 27 19.55 10.21 -2.90
C PRO D 27 20.76 10.83 -2.25
N PHE D 28 20.82 12.17 -2.23
CA PHE D 28 22.04 12.83 -1.78
C PHE D 28 21.73 13.89 -0.72
N SER D 29 20.73 14.74 -0.95
CA SER D 29 20.47 15.87 -0.03
C SER D 29 19.08 16.37 -0.21
N LYS D 30 18.59 16.97 0.86
CA LYS D 30 17.23 17.55 0.89
C LYS D 30 17.19 18.60 1.97
N ASP D 31 16.60 19.77 1.70
CA ASP D 31 16.68 20.84 2.69
C ASP D 31 15.43 21.12 3.47
N ASN D 32 14.27 20.66 3.02
CA ASN D 32 13.02 20.81 3.77
C ASN D 32 12.69 22.25 4.09
N SER D 33 13.01 23.13 3.15
CA SER D 33 12.99 24.58 3.41
C SER D 33 11.55 25.07 3.83
N ILE D 34 10.53 24.61 3.14
CA ILE D 34 9.18 25.14 3.28
C ILE D 34 8.59 24.61 4.58
N ARG D 35 8.75 23.32 4.86
CA ARG D 35 8.32 22.75 6.14
C ARG D 35 8.91 23.58 7.28
N LEU D 36 10.19 23.86 7.22
CA LEU D 36 10.87 24.63 8.29
C LEU D 36 10.36 26.09 8.38
N SER D 37 9.96 26.66 7.24
CA SER D 37 9.51 28.03 7.16
C SER D 37 8.22 28.23 7.94
N ALA D 38 7.48 27.14 8.25
CA ALA D 38 6.30 27.24 9.13
C ALA D 38 6.67 27.27 10.65
N GLY D 39 7.94 27.20 10.99
CA GLY D 39 8.36 27.28 12.37
C GLY D 39 9.82 27.65 12.44
N GLY D 40 10.11 28.79 11.85
CA GLY D 40 11.45 29.30 11.80
C GLY D 40 11.51 30.38 10.75
N ASP D 41 12.54 31.23 10.88
CA ASP D 41 12.82 32.30 9.91
C ASP D 41 13.71 31.79 8.84
N ILE D 42 13.13 31.61 7.65
CA ILE D 42 13.77 30.99 6.54
C ILE D 42 13.51 31.90 5.32
N TRP D 43 14.55 32.13 4.55
CA TRP D 43 14.47 32.90 3.27
C TRP D 43 13.47 32.36 2.28
N VAL D 44 12.77 33.31 1.68
CA VAL D 44 12.02 33.08 0.44
C VAL D 44 13.03 33.04 -0.70
N THR D 45 12.96 31.97 -1.51
CA THR D 45 13.91 31.78 -2.62
C THR D 45 13.22 31.24 -3.87
N ARG D 46 13.94 31.25 -4.98
CA ARG D 46 13.64 30.41 -6.15
C ARG D 46 14.94 30.30 -6.93
N GLU D 47 14.91 29.50 -7.98
CA GLU D 47 16.06 29.26 -8.86
C GLU D 47 17.27 28.77 -8.17
N PRO D 48 17.15 27.68 -7.37
CA PRO D 48 18.31 27.18 -6.63
C PRO D 48 19.27 26.43 -7.50
N TYR D 49 20.47 26.17 -6.99
CA TYR D 49 21.39 25.25 -7.65
C TYR D 49 22.44 24.75 -6.65
N VAL D 50 23.33 23.88 -7.12
CA VAL D 50 24.31 23.27 -6.31
C VAL D 50 25.61 23.31 -7.03
N SER D 51 26.69 23.66 -6.31
CA SER D 51 28.07 23.62 -6.87
C SER D 51 29.02 23.32 -5.75
N CYS D 52 30.18 22.71 -6.06
CA CYS D 52 31.00 22.13 -5.00
C CYS D 52 32.45 22.69 -5.15
N ASP D 53 33.07 22.95 -4.00
CA ASP D 53 34.47 23.35 -3.89
C ASP D 53 35.11 22.04 -3.54
N HIS D 54 35.73 21.45 -4.52
CA HIS D 54 36.20 20.07 -4.45
C HIS D 54 35.03 19.22 -4.01
N SER D 55 35.15 18.44 -2.93
CA SER D 55 34.05 17.62 -2.52
C SER D 55 33.07 18.32 -1.59
N LYS D 56 33.40 19.54 -1.14
CA LYS D 56 32.52 20.29 -0.28
C LYS D 56 31.45 21.04 -1.11
N CYS D 57 30.18 20.61 -1.03
CA CYS D 57 29.08 21.09 -1.88
C CYS D 57 28.27 22.19 -1.20
N TYR D 58 27.88 23.18 -1.98
CA TYR D 58 27.06 24.27 -1.53
C TYR D 58 25.78 24.39 -2.26
N GLN D 59 24.74 24.81 -1.56
CA GLN D 59 23.47 25.23 -2.16
C GLN D 59 23.37 26.73 -2.30
N PHE D 60 22.88 27.13 -3.46
CA PHE D 60 22.67 28.44 -3.86
C PHE D 60 21.22 28.67 -4.24
N ALA D 61 20.76 29.88 -4.09
CA ALA D 61 19.46 30.32 -4.59
C ALA D 61 19.35 31.84 -4.71
N LEU D 62 18.36 32.30 -5.48
CA LEU D 62 18.07 33.73 -5.55
C LEU D 62 17.05 34.08 -4.52
N GLY D 63 17.49 34.82 -3.49
CA GLY D 63 16.61 35.30 -2.42
C GLY D 63 15.68 36.36 -2.88
N GLN D 64 14.57 36.51 -2.19
CA GLN D 64 13.61 37.60 -2.51
C GLN D 64 13.68 38.73 -1.55
N GLY D 65 14.79 38.79 -0.80
CA GLY D 65 14.98 39.85 0.15
C GLY D 65 14.07 39.81 1.36
N THR D 66 13.60 38.62 1.68
CA THR D 66 12.67 38.44 2.80
C THR D 66 12.64 36.97 3.24
N THR D 67 12.27 36.76 4.51
CA THR D 67 11.85 35.47 4.99
C THR D 67 10.36 35.18 4.66
N LEU D 68 9.93 33.93 4.94
CA LEU D 68 8.65 33.50 4.48
C LEU D 68 7.55 34.01 5.39
N ASN D 69 7.75 33.88 6.70
CA ASN D 69 6.82 34.40 7.66
C ASN D 69 7.17 35.85 7.95
N ASN D 70 6.67 36.76 7.07
CA ASN D 70 7.13 38.13 6.96
C ASN D 70 6.17 38.70 5.93
N LYS D 71 5.51 39.82 6.23
CA LYS D 71 4.63 40.43 5.24
C LYS D 71 5.30 40.81 3.91
N HIS D 72 6.63 41.00 3.88
CA HIS D 72 7.30 41.23 2.63
C HIS D 72 7.35 39.99 1.69
N SER D 73 6.89 38.83 2.15
CA SER D 73 6.88 37.68 1.31
C SER D 73 5.87 37.78 0.16
N ASN D 74 4.94 38.75 0.22
CA ASN D 74 3.91 38.87 -0.80
C ASN D 74 4.47 39.17 -2.21
N SER D 75 3.98 38.37 -3.16
CA SER D 75 4.12 38.62 -4.63
C SER D 75 5.54 38.62 -5.08
N THR D 76 6.13 37.46 -4.87
CA THR D 76 7.45 37.13 -5.35
C THR D 76 7.29 36.43 -6.72
N ILE D 77 6.34 36.95 -7.52
CA ILE D 77 6.09 36.56 -8.92
C ILE D 77 6.67 37.64 -9.88
N HIS D 78 6.98 38.83 -9.34
CA HIS D 78 7.82 39.85 -10.02
C HIS D 78 9.23 39.34 -9.89
N ASP D 79 9.73 38.76 -10.97
CA ASP D 79 10.87 37.89 -10.88
C ASP D 79 12.15 38.69 -10.65
N ARG D 80 12.16 39.96 -10.97
CA ARG D 80 13.41 40.67 -11.00
C ARG D 80 13.14 41.92 -10.21
N THR D 81 13.60 41.95 -8.97
CA THR D 81 13.66 43.16 -8.19
C THR D 81 15.08 43.38 -7.65
N SER D 82 15.30 44.55 -7.10
CA SER D 82 16.57 44.98 -6.66
C SER D 82 16.88 44.38 -5.25
N HIS D 83 15.89 43.78 -4.64
CA HIS D 83 16.10 43.10 -3.28
C HIS D 83 16.73 41.72 -3.53
N ARG D 84 16.72 41.16 -4.75
CA ARG D 84 17.15 39.79 -4.94
C ARG D 84 18.68 39.70 -4.84
N THR D 85 19.15 38.72 -4.03
CA THR D 85 20.58 38.44 -3.77
C THR D 85 20.83 36.95 -3.89
N LEU D 86 22.04 36.56 -4.23
CA LEU D 86 22.41 35.20 -4.40
C LEU D 86 22.82 34.69 -2.96
N LEU D 87 22.13 33.68 -2.47
CA LEU D 87 22.43 33.08 -1.13
C LEU D 87 23.37 31.93 -1.39
N MET D 88 24.21 31.65 -0.40
CA MET D 88 25.14 30.52 -0.50
C MET D 88 25.36 29.93 0.89
N ASN D 89 24.99 28.63 1.01
CA ASN D 89 25.18 27.84 2.24
C ASN D 89 25.81 26.54 1.92
N GLU D 90 26.39 25.86 2.93
CA GLU D 90 26.83 24.48 2.67
C GLU D 90 25.59 23.67 2.34
N LEU D 91 25.73 22.70 1.44
CA LEU D 91 24.57 21.86 1.04
C LEU D 91 23.92 21.16 2.21
N GLY D 92 22.62 21.38 2.42
CA GLY D 92 21.94 20.74 3.47
C GLY D 92 21.62 21.67 4.63
N VAL D 93 22.29 22.85 4.63
CA VAL D 93 22.01 23.92 5.57
C VAL D 93 20.95 24.80 4.98
N PRO D 94 19.71 24.76 5.53
CA PRO D 94 18.67 25.58 4.99
C PRO D 94 18.96 27.07 5.07
N PHE D 95 18.29 27.86 4.22
CA PHE D 95 18.59 29.31 4.21
C PHE D 95 18.02 30.10 5.38
N HIS D 96 18.68 29.96 6.53
CA HIS D 96 18.35 30.61 7.77
C HIS D 96 18.89 32.08 7.74
N LEU D 97 18.63 32.84 8.80
CA LEU D 97 19.09 34.25 8.86
C LEU D 97 20.59 34.53 8.85
N GLY D 98 21.39 33.52 9.15
CA GLY D 98 22.86 33.60 9.02
C GLY D 98 23.45 33.37 7.63
N THR D 99 22.59 33.14 6.64
CA THR D 99 23.02 32.88 5.28
C THR D 99 23.70 34.13 4.68
N LYS D 100 24.84 33.90 4.05
CA LYS D 100 25.53 34.91 3.35
C LYS D 100 24.85 35.20 1.99
N GLN D 101 24.61 36.48 1.74
CA GLN D 101 24.19 37.05 0.43
C GLN D 101 25.44 37.46 -0.32
N VAL D 102 25.87 36.61 -1.19
CA VAL D 102 27.18 36.68 -1.86
C VAL D 102 27.29 37.85 -2.95
N CYS D 103 26.17 38.29 -3.46
CA CYS D 103 26.08 39.33 -4.50
C CYS D 103 24.63 39.71 -4.70
N ILE D 104 24.43 40.81 -5.44
CA ILE D 104 23.12 41.30 -5.83
C ILE D 104 22.77 40.63 -7.17
N ALA D 105 21.66 39.91 -7.22
CA ALA D 105 21.35 39.09 -8.38
C ALA D 105 19.86 38.67 -8.48
N TRP D 106 19.30 38.91 -9.67
CA TRP D 106 18.07 38.28 -10.08
C TRP D 106 18.27 37.21 -11.19
N SER D 107 19.54 36.96 -11.53
CA SER D 107 19.99 35.85 -12.35
C SER D 107 21.46 35.56 -11.98
N SER D 108 21.85 34.30 -11.88
CA SER D 108 23.22 33.99 -11.48
C SER D 108 23.77 32.72 -12.00
N SER D 109 25.08 32.59 -11.88
CA SER D 109 25.78 31.32 -12.04
C SER D 109 27.04 31.37 -11.15
N SER D 110 27.40 30.25 -10.49
CA SER D 110 28.62 30.18 -9.74
C SER D 110 29.44 28.95 -10.02
N CYS D 111 30.74 29.04 -9.77
CA CYS D 111 31.61 27.91 -9.93
C CYS D 111 32.91 28.13 -9.32
N HIS D 112 33.55 27.04 -8.97
CA HIS D 112 34.81 27.09 -8.27
C HIS D 112 35.87 26.57 -9.21
N ASP D 113 36.94 27.33 -9.40
CA ASP D 113 37.99 26.97 -10.35
C ASP D 113 39.11 26.07 -9.80
N GLY D 114 38.95 25.64 -8.54
CA GLY D 114 39.95 24.93 -7.79
C GLY D 114 40.74 25.71 -6.79
N LYS D 115 40.83 27.01 -7.05
CA LYS D 115 41.44 27.99 -6.16
C LYS D 115 40.43 28.92 -5.47
N ALA D 116 39.45 29.38 -6.18
CA ALA D 116 38.40 30.24 -5.58
C ALA D 116 37.07 30.18 -6.31
N TRP D 117 36.07 30.79 -5.63
CA TRP D 117 34.70 30.93 -6.19
C TRP D 117 34.56 32.07 -7.18
N LEU D 118 33.94 31.75 -8.31
CA LEU D 118 33.40 32.74 -9.25
C LEU D 118 31.92 32.85 -9.10
N HIS D 119 31.38 34.05 -8.97
CA HIS D 119 29.93 34.29 -9.05
C HIS D 119 29.67 35.28 -10.20
N VAL D 120 28.74 34.91 -11.06
CA VAL D 120 28.21 35.80 -12.10
C VAL D 120 26.82 36.24 -11.64
N CYS D 121 26.66 37.52 -11.34
CA CYS D 121 25.46 38.09 -10.78
C CYS D 121 24.83 39.25 -11.61
N VAL D 122 23.56 39.12 -12.00
CA VAL D 122 22.95 40.09 -12.94
C VAL D 122 21.86 40.78 -12.15
N THR D 123 21.86 42.10 -12.12
CA THR D 123 20.81 42.85 -11.43
C THR D 123 20.55 44.16 -12.21
N GLY D 124 19.64 44.98 -11.72
CA GLY D 124 19.31 46.27 -12.37
C GLY D 124 18.09 46.22 -13.28
N ASP D 125 17.93 47.26 -14.08
CA ASP D 125 16.73 47.40 -14.90
C ASP D 125 16.68 46.37 -16.02
N ASP D 126 15.48 45.97 -16.38
CA ASP D 126 15.30 44.93 -17.41
C ASP D 126 16.00 45.37 -18.70
N ARG D 127 15.91 46.66 -19.05
CA ARG D 127 16.39 47.13 -20.36
C ARG D 127 17.85 47.54 -20.37
N ASN D 128 18.49 47.50 -19.18
CA ASN D 128 19.85 47.97 -19.09
C ASN D 128 20.53 47.36 -17.85
N ALA D 129 20.59 46.02 -17.81
CA ALA D 129 21.06 45.30 -16.60
C ALA D 129 22.58 45.35 -16.48
N THR D 130 23.10 45.01 -15.31
CA THR D 130 24.54 44.88 -15.19
C THR D 130 24.85 43.46 -14.75
N ALA D 131 25.86 42.84 -15.35
CA ALA D 131 26.42 41.63 -14.73
C ALA D 131 27.73 41.91 -14.04
N SER D 132 27.84 41.46 -12.75
CA SER D 132 29.07 41.60 -11.97
C SER D 132 29.74 40.26 -11.90
N PHE D 133 31.05 40.25 -12.03
CA PHE D 133 31.85 39.07 -11.95
C PHE D 133 32.72 39.18 -10.68
N VAL D 134 32.41 38.31 -9.72
CA VAL D 134 33.01 38.33 -8.35
C VAL D 134 33.84 37.10 -8.22
N TYR D 135 35.13 37.30 -8.01
CA TYR D 135 36.08 36.21 -7.93
C TYR D 135 36.91 36.31 -6.65
N ASN D 136 36.98 35.19 -5.93
CA ASN D 136 37.60 35.21 -4.59
C ASN D 136 37.16 36.38 -3.75
N GLY D 137 35.85 36.68 -3.75
CA GLY D 137 35.31 37.75 -2.96
C GLY D 137 35.53 39.18 -3.46
N MET D 138 36.16 39.37 -4.64
CA MET D 138 36.38 40.71 -5.14
C MET D 138 35.60 40.90 -6.44
N LEU D 139 35.09 42.10 -6.63
CA LEU D 139 34.55 42.48 -7.93
C LEU D 139 35.67 42.71 -8.95
N VAL D 140 35.77 41.80 -9.93
CA VAL D 140 36.85 41.84 -10.94
C VAL D 140 36.41 42.41 -12.26
N ASP D 141 35.13 42.25 -12.64
CA ASP D 141 34.70 42.71 -14.02
C ASP D 141 33.20 42.94 -13.98
N SER D 142 32.68 43.56 -15.03
CA SER D 142 31.23 43.77 -15.20
C SER D 142 30.98 44.02 -16.65
N ILE D 143 29.79 43.67 -17.11
CA ILE D 143 29.35 43.92 -18.44
C ILE D 143 27.92 44.42 -18.39
N GLY D 144 27.60 45.35 -19.31
CA GLY D 144 26.24 45.81 -19.44
C GLY D 144 25.55 45.00 -20.53
N SER D 145 24.24 45.19 -20.60
CA SER D 145 23.35 44.47 -21.49
C SER D 145 23.67 44.81 -22.93
N TRP D 146 23.85 43.80 -23.79
CA TRP D 146 24.10 44.02 -25.23
C TRP D 146 22.87 44.13 -26.10
N SER D 147 21.75 43.58 -25.65
CA SER D 147 20.47 43.66 -26.39
C SER D 147 19.36 44.39 -25.66
N ARG D 148 19.63 44.92 -24.44
CA ARG D 148 18.71 45.75 -23.70
C ARG D 148 17.38 45.05 -23.46
N ASN D 149 17.44 43.75 -23.13
CA ASN D 149 16.24 43.03 -22.87
C ASN D 149 16.54 41.80 -21.99
N ILE D 150 16.78 42.09 -20.73
CA ILE D 150 16.96 41.08 -19.67
C ILE D 150 18.18 40.21 -19.93
N LEU D 151 19.33 40.84 -19.78
CA LEU D 151 20.59 40.12 -19.71
C LEU D 151 20.46 39.06 -18.59
N ARG D 152 20.82 37.81 -18.87
CA ARG D 152 20.45 36.71 -17.95
C ARG D 152 21.32 35.51 -18.17
N THR D 153 21.36 34.60 -17.18
CA THR D 153 22.32 33.51 -17.26
C THR D 153 21.75 32.13 -16.75
N GLN D 154 22.65 31.25 -16.34
CA GLN D 154 22.35 29.85 -16.24
C GLN D 154 21.35 29.46 -15.16
N GLU D 155 21.48 30.06 -13.98
CA GLU D 155 20.80 29.61 -12.74
C GLU D 155 21.30 28.20 -12.32
N SER D 156 22.56 27.84 -12.68
CA SER D 156 23.20 26.66 -12.23
C SER D 156 24.66 26.83 -12.42
N GLU D 157 25.45 25.84 -12.06
CA GLU D 157 26.87 26.04 -12.03
C GLU D 157 27.47 26.28 -13.36
N CYS D 158 28.48 27.13 -13.37
CA CYS D 158 29.38 27.27 -14.50
C CYS D 158 30.45 26.21 -14.37
N VAL D 159 31.35 26.16 -15.33
CA VAL D 159 32.38 25.21 -15.32
C VAL D 159 33.74 25.81 -15.68
N CYS D 160 34.77 25.39 -14.93
CA CYS D 160 36.15 25.86 -15.11
C CYS D 160 37.08 24.71 -15.41
N ILE D 161 37.95 24.91 -16.40
CA ILE D 161 38.98 23.93 -16.75
C ILE D 161 40.30 24.66 -16.88
N ASN D 162 41.23 24.29 -16.03
CA ASN D 162 42.60 24.84 -16.00
C ASN D 162 42.63 26.32 -15.82
N GLY D 163 41.73 26.82 -14.98
CA GLY D 163 41.73 28.23 -14.61
C GLY D 163 40.81 29.09 -15.49
N THR D 164 40.28 28.53 -16.57
CA THR D 164 39.31 29.28 -17.41
C THR D 164 37.89 28.78 -17.15
N CYS D 165 37.02 29.70 -16.75
CA CYS D 165 35.63 29.41 -16.51
C CYS D 165 34.71 29.87 -17.62
N THR D 166 33.74 29.04 -18.00
CA THR D 166 32.82 29.44 -19.06
C THR D 166 31.44 29.54 -18.49
N VAL D 167 30.73 30.53 -18.95
CA VAL D 167 29.31 30.77 -18.64
C VAL D 167 28.52 31.21 -19.86
N VAL D 168 27.26 30.73 -19.98
CA VAL D 168 26.38 31.06 -21.08
C VAL D 168 25.38 32.10 -20.64
N MET D 169 25.26 33.19 -21.44
CA MET D 169 24.32 34.23 -21.12
C MET D 169 23.46 34.56 -22.32
N THR D 170 22.24 35.01 -22.09
CA THR D 170 21.36 35.44 -23.16
C THR D 170 20.85 36.84 -22.90
N ASP D 171 20.59 37.60 -23.99
CA ASP D 171 20.01 38.92 -23.85
C ASP D 171 19.10 39.05 -25.07
N GLY D 172 17.84 39.47 -24.88
CA GLY D 172 16.84 39.58 -25.93
C GLY D 172 15.55 38.80 -25.63
N SER D 173 14.77 38.58 -26.67
CA SER D 173 13.40 38.02 -26.55
C SER D 173 13.37 36.64 -25.82
N ALA D 174 12.35 36.41 -25.02
CA ALA D 174 12.09 35.06 -24.42
C ALA D 174 11.24 34.21 -25.37
N SER D 175 10.84 34.78 -26.50
CA SER D 175 9.91 34.06 -27.39
C SER D 175 10.14 34.35 -28.85
N GLY D 176 11.42 34.49 -29.21
CA GLY D 176 11.84 34.82 -30.55
C GLY D 176 13.37 34.79 -30.49
N ARG D 177 13.99 35.03 -31.61
CA ARG D 177 15.44 35.01 -31.71
C ARG D 177 16.03 35.95 -30.66
N ALA D 178 17.08 35.50 -29.97
CA ALA D 178 17.77 36.37 -28.96
C ALA D 178 19.28 36.30 -29.24
N ASP D 179 20.06 36.99 -28.42
CA ASP D 179 21.51 37.09 -28.57
C ASP D 179 22.18 36.38 -27.35
N THR D 180 22.62 35.17 -27.62
CA THR D 180 23.32 34.36 -26.69
C THR D 180 24.81 34.43 -26.95
N ARG D 181 25.57 34.63 -25.85
CA ARG D 181 27.04 34.65 -25.89
C ARG D 181 27.62 33.77 -24.81
N ILE D 182 28.79 33.21 -25.09
CA ILE D 182 29.50 32.32 -24.18
C ILE D 182 30.78 33.06 -23.76
N LEU D 183 30.91 33.28 -22.46
CA LEU D 183 31.98 34.08 -21.88
C LEU D 183 33.02 33.11 -21.31
N PHE D 184 34.27 33.50 -21.46
CA PHE D 184 35.40 32.79 -20.93
C PHE D 184 36.13 33.75 -19.95
N ILE D 185 36.29 33.30 -18.72
CA ILE D 185 36.65 34.17 -17.63
C ILE D 185 37.80 33.52 -16.77
N ARG D 186 38.86 34.28 -16.52
CA ARG D 186 40.00 33.80 -15.76
C ARG D 186 40.16 34.72 -14.59
N GLU D 187 40.16 34.14 -13.40
CA GLU D 187 40.25 34.95 -12.17
C GLU D 187 39.30 36.12 -12.10
N GLY D 188 38.09 35.91 -12.57
CA GLY D 188 37.07 36.97 -12.57
C GLY D 188 37.05 37.92 -13.79
N LYS D 189 38.09 37.87 -14.61
CA LYS D 189 38.26 38.76 -15.71
C LYS D 189 37.73 38.09 -17.01
N ILE D 190 36.87 38.78 -17.77
CA ILE D 190 36.43 38.27 -19.07
C ILE D 190 37.60 38.36 -20.04
N ILE D 191 38.02 37.21 -20.54
CA ILE D 191 39.11 37.20 -21.54
C ILE D 191 38.66 36.95 -22.99
N HIS D 192 37.48 36.39 -23.18
CA HIS D 192 36.96 36.18 -24.54
C HIS D 192 35.48 36.04 -24.46
N ILE D 193 34.81 36.45 -25.55
CA ILE D 193 33.36 36.24 -25.66
C ILE D 193 33.02 35.70 -27.07
N SER D 194 32.44 34.50 -27.14
CA SER D 194 32.00 33.89 -28.41
C SER D 194 30.50 33.93 -28.59
N PRO D 195 30.03 34.45 -29.74
CA PRO D 195 28.59 34.40 -29.92
C PRO D 195 28.20 32.94 -30.04
N LEU D 196 26.95 32.64 -29.72
CA LEU D 196 26.40 31.32 -30.00
C LEU D 196 26.52 31.03 -31.50
N SER D 197 26.78 29.77 -31.84
CA SER D 197 26.84 29.34 -33.21
C SER D 197 26.24 27.94 -33.27
N GLY D 198 25.78 27.58 -34.46
CA GLY D 198 25.20 26.26 -34.73
C GLY D 198 23.68 26.30 -34.79
N SER D 199 23.04 25.14 -34.66
CA SER D 199 21.65 25.04 -35.05
C SER D 199 20.64 25.28 -33.93
N ALA D 200 21.11 25.42 -32.65
CA ALA D 200 20.19 25.80 -31.61
C ALA D 200 19.63 27.15 -31.97
N GLN D 201 18.33 27.31 -31.79
CA GLN D 201 17.69 28.52 -32.17
C GLN D 201 17.25 29.44 -31.01
N HIS D 202 17.25 28.93 -29.77
CA HIS D 202 16.92 29.74 -28.66
C HIS D 202 17.52 29.10 -27.41
N ILE D 203 18.18 29.94 -26.60
CA ILE D 203 18.91 29.42 -25.43
C ILE D 203 18.58 30.18 -24.12
N GLU D 204 18.17 29.39 -23.08
CA GLU D 204 17.89 29.89 -21.78
C GLU D 204 18.47 28.90 -20.78
N GLU D 205 18.95 29.47 -19.67
CA GLU D 205 19.17 28.66 -18.44
C GLU D 205 19.94 27.36 -18.65
N CYS D 206 21.16 27.45 -19.15
CA CYS D 206 21.92 26.29 -19.50
C CYS D 206 22.40 25.52 -18.30
N SER D 207 22.33 24.21 -18.38
CA SER D 207 22.89 23.25 -17.38
C SER D 207 24.15 22.65 -18.01
N CYS D 208 25.29 23.07 -17.50
CA CYS D 208 26.60 22.78 -18.14
C CYS D 208 27.45 21.86 -17.30
N TYR D 209 28.32 21.09 -17.97
CA TYR D 209 29.20 20.18 -17.27
C TYR D 209 30.51 20.01 -18.00
N PRO D 210 31.57 19.62 -17.27
CA PRO D 210 32.87 19.38 -17.87
C PRO D 210 32.83 18.07 -18.66
N ARG D 211 33.35 18.14 -19.87
CA ARG D 211 33.59 16.93 -20.68
C ARG D 211 34.99 17.13 -21.20
N TYR D 212 35.96 16.84 -20.37
CA TYR D 212 37.38 17.28 -20.56
C TYR D 212 37.85 16.93 -21.98
N PRO D 213 38.51 17.85 -22.70
CA PRO D 213 39.01 19.20 -22.29
C PRO D 213 38.04 20.33 -22.43
N ASN D 214 36.80 20.00 -22.75
CA ASN D 214 35.77 20.97 -23.11
C ASN D 214 34.59 20.99 -22.14
N VAL D 215 33.57 21.79 -22.46
CA VAL D 215 32.33 21.87 -21.70
C VAL D 215 31.13 21.63 -22.57
N ARG D 216 30.12 21.04 -21.99
CA ARG D 216 28.90 20.78 -22.72
C ARG D 216 27.72 21.28 -21.89
N CYS D 217 26.76 21.88 -22.55
CA CYS D 217 25.56 22.40 -21.90
C CYS D 217 24.31 21.85 -22.58
N VAL D 218 23.28 21.63 -21.77
CA VAL D 218 21.95 21.33 -22.20
C VAL D 218 21.03 22.38 -21.61
N CYS D 219 20.28 23.06 -22.46
CA CYS D 219 19.59 24.26 -22.06
C CYS D 219 18.08 24.15 -22.24
N ARG D 220 17.41 25.29 -22.23
CA ARG D 220 15.98 25.42 -22.42
C ARG D 220 15.74 26.31 -23.66
N ASP D 221 15.02 25.76 -24.63
CA ASP D 221 14.52 26.57 -25.79
C ASP D 221 13.10 27.08 -25.44
N ASN D 222 12.93 28.40 -25.35
CA ASN D 222 11.65 28.99 -24.94
C ASN D 222 10.77 29.49 -26.05
N TRP D 223 11.24 29.23 -27.26
CA TRP D 223 10.64 29.79 -28.50
C TRP D 223 9.91 28.68 -29.32
N LYS D 224 10.62 27.84 -30.06
CA LYS D 224 9.96 26.80 -30.86
C LYS D 224 10.16 25.34 -30.45
N GLY D 225 10.93 25.13 -29.38
CA GLY D 225 11.40 23.76 -29.12
C GLY D 225 10.89 23.22 -27.81
N SER D 226 10.29 22.00 -27.82
CA SER D 226 10.18 21.28 -26.56
C SER D 226 11.29 20.25 -26.40
N ASN D 227 12.10 20.09 -27.44
CA ASN D 227 13.36 19.36 -27.32
C ASN D 227 14.37 20.39 -26.74
N ARG D 228 15.33 19.90 -25.96
CA ARG D 228 16.35 20.76 -25.35
C ARG D 228 17.53 20.99 -26.28
N PRO D 229 17.97 22.26 -26.38
CA PRO D 229 19.21 22.56 -27.13
C PRO D 229 20.44 22.14 -26.41
N VAL D 230 21.47 21.88 -27.18
CA VAL D 230 22.76 21.49 -26.65
C VAL D 230 23.81 22.45 -27.16
N ILE D 231 24.71 22.88 -26.29
CA ILE D 231 25.88 23.73 -26.65
C ILE D 231 27.19 23.08 -26.30
N ASP D 232 28.09 23.01 -27.27
CA ASP D 232 29.43 22.48 -27.05
C ASP D 232 30.41 23.63 -27.13
N ILE D 233 31.25 23.72 -26.12
CA ILE D 233 32.14 24.88 -25.91
C ILE D 233 33.54 24.31 -25.93
N ASN D 234 34.29 24.64 -26.98
CA ASN D 234 35.67 24.22 -27.09
C ASN D 234 36.55 25.18 -26.30
N MET D 235 37.18 24.66 -25.22
CA MET D 235 37.91 25.52 -24.31
C MET D 235 39.27 25.97 -24.87
N ALA D 236 39.81 25.24 -25.82
CA ALA D 236 41.14 25.56 -26.36
C ALA D 236 41.06 26.69 -27.44
N ASP D 237 39.99 26.69 -28.22
CA ASP D 237 39.89 27.71 -29.33
C ASP D 237 38.64 28.62 -29.30
N TYR D 238 37.84 28.52 -28.25
CA TYR D 238 36.63 29.31 -28.07
C TYR D 238 35.52 29.06 -29.09
N ASN D 239 35.56 27.90 -29.74
CA ASN D 239 34.62 27.57 -30.80
C ASN D 239 33.35 27.02 -30.20
N ILE D 240 32.23 27.51 -30.67
CA ILE D 240 30.94 27.09 -30.16
C ILE D 240 30.20 26.34 -31.24
N ASN D 241 29.65 25.19 -30.92
CA ASN D 241 28.61 24.61 -31.81
C ASN D 241 27.39 24.20 -30.99
N SER D 242 26.29 23.94 -31.68
CA SER D 242 25.04 23.74 -30.97
C SER D 242 24.10 22.93 -31.83
N SER D 243 23.13 22.30 -31.18
CA SER D 243 22.21 21.37 -31.84
C SER D 243 21.13 21.07 -30.78
N TYR D 244 20.47 19.93 -30.89
CA TYR D 244 19.39 19.56 -29.93
C TYR D 244 19.57 18.14 -29.50
N VAL D 245 19.17 17.83 -28.25
CA VAL D 245 19.26 16.49 -27.82
C VAL D 245 18.42 15.59 -28.77
N CYS D 246 19.01 14.53 -29.23
CA CYS D 246 18.37 13.61 -30.27
C CYS D 246 17.07 12.95 -29.80
N SER D 247 16.97 12.64 -28.47
CA SER D 247 15.86 11.85 -27.93
C SER D 247 14.45 12.32 -28.31
N GLY D 248 13.66 11.38 -28.82
CA GLY D 248 12.26 11.66 -29.08
C GLY D 248 11.41 11.74 -27.82
N LEU D 249 11.96 11.30 -26.68
CA LEU D 249 11.43 11.61 -25.41
C LEU D 249 12.13 12.92 -25.02
N VAL D 250 11.35 13.98 -25.06
CA VAL D 250 11.93 15.31 -24.95
C VAL D 250 11.86 15.78 -23.49
N GLY D 251 12.69 16.74 -23.20
CA GLY D 251 12.87 17.14 -21.80
C GLY D 251 12.25 18.38 -21.28
N ASP D 252 11.70 19.21 -22.18
CA ASP D 252 11.09 20.42 -21.79
C ASP D 252 9.64 20.23 -21.30
N THR D 253 9.15 21.26 -20.62
CA THR D 253 7.75 21.41 -20.23
C THR D 253 7.32 22.84 -20.56
N PRO D 254 6.30 23.01 -21.43
CA PRO D 254 5.44 21.97 -22.03
C PRO D 254 6.07 21.16 -23.16
N ARG D 255 5.38 20.06 -23.49
CA ARG D 255 5.79 19.17 -24.53
C ARG D 255 4.58 18.31 -24.95
N ASN D 256 4.72 17.68 -26.11
CA ASN D 256 3.74 16.67 -26.53
C ASN D 256 3.85 15.41 -25.69
N ASP D 257 2.82 14.56 -25.72
CA ASP D 257 2.97 13.33 -24.98
C ASP D 257 3.98 12.45 -25.70
N ASP D 258 4.41 11.39 -25.04
CA ASP D 258 5.53 10.56 -25.52
C ASP D 258 5.25 9.93 -26.91
N SER D 259 3.99 9.61 -27.18
CA SER D 259 3.66 8.98 -28.49
C SER D 259 3.79 9.94 -29.65
N SER D 260 3.73 11.25 -29.41
CA SER D 260 3.78 12.23 -30.50
C SER D 260 4.84 13.36 -30.40
N SER D 261 5.77 13.18 -29.48
CA SER D 261 6.93 14.09 -29.35
C SER D 261 8.04 13.64 -30.30
N SER D 262 8.86 14.57 -30.74
CA SER D 262 9.91 14.27 -31.69
C SER D 262 11.13 15.15 -31.48
N SER D 263 12.28 14.73 -32.01
CA SER D 263 13.42 15.60 -32.19
C SER D 263 14.28 15.03 -33.30
N ASN D 264 14.71 15.89 -34.20
CA ASN D 264 15.65 15.52 -35.25
C ASN D 264 17.13 15.73 -35.00
N CYS D 265 17.50 16.05 -33.76
CA CYS D 265 18.90 16.31 -33.34
C CYS D 265 19.42 17.71 -33.71
N LYS D 266 18.64 18.46 -34.48
CA LYS D 266 19.17 19.63 -35.24
C LYS D 266 18.41 20.87 -35.06
N ASP D 267 17.09 20.76 -35.16
CA ASP D 267 16.21 21.91 -35.06
C ASP D 267 15.20 21.86 -33.91
N PRO D 268 14.69 23.04 -33.50
CA PRO D 268 13.57 23.00 -32.58
C PRO D 268 12.43 22.19 -33.20
N ASN D 269 11.73 21.41 -32.38
CA ASN D 269 10.76 20.47 -32.93
C ASN D 269 9.39 21.10 -33.27
N ASN D 270 9.19 22.38 -32.96
CA ASN D 270 7.91 23.09 -33.17
C ASN D 270 6.71 22.42 -32.54
N GLU D 271 6.95 21.76 -31.41
CA GLU D 271 5.90 21.13 -30.62
C GLU D 271 5.84 21.85 -29.29
N ARG D 272 4.75 22.56 -29.05
CA ARG D 272 4.52 23.28 -27.84
C ARG D 272 5.77 24.06 -27.41
N GLY D 273 6.33 24.79 -28.34
CA GLY D 273 7.68 25.32 -28.25
C GLY D 273 7.89 26.27 -27.09
N ASN D 274 6.85 27.01 -26.75
CA ASN D 274 6.97 28.10 -25.74
C ASN D 274 5.97 27.77 -24.64
N PRO D 275 6.32 27.99 -23.35
CA PRO D 275 7.63 28.51 -22.90
C PRO D 275 8.59 27.35 -22.64
N GLY D 276 8.73 26.90 -21.39
CA GLY D 276 9.80 25.97 -21.05
C GLY D 276 10.10 25.96 -19.52
N VAL D 277 11.05 25.11 -19.14
CA VAL D 277 11.52 24.97 -17.78
C VAL D 277 13.00 24.63 -17.84
N LYS D 278 13.81 25.19 -16.92
CA LYS D 278 15.23 24.81 -16.85
C LYS D 278 15.33 23.32 -16.56
N GLY D 279 16.26 22.64 -17.23
CA GLY D 279 16.48 21.21 -17.13
C GLY D 279 17.86 20.82 -17.53
N TRP D 280 18.10 19.52 -17.70
CA TRP D 280 19.46 18.99 -17.92
C TRP D 280 19.39 17.64 -18.61
N ALA D 281 20.51 17.24 -19.19
CA ALA D 281 20.66 15.88 -19.69
C ALA D 281 22.18 15.77 -19.85
N PHE D 282 22.69 14.56 -19.95
CA PHE D 282 24.13 14.35 -20.33
C PHE D 282 24.30 13.02 -21.08
N ASP D 283 25.39 12.97 -21.88
CA ASP D 283 25.60 11.91 -22.83
C ASP D 283 26.37 10.84 -22.17
N ASN D 284 26.06 9.61 -22.55
CA ASN D 284 26.98 8.54 -22.30
C ASN D 284 27.07 7.69 -23.56
N ASP D 285 28.17 7.85 -24.28
CA ASP D 285 28.27 7.31 -25.65
C ASP D 285 27.04 7.69 -26.54
N ASN D 286 26.27 6.69 -26.99
CA ASN D 286 25.12 6.96 -27.84
C ASN D 286 23.84 7.21 -27.05
N ASP D 287 23.89 7.00 -25.74
CA ASP D 287 22.69 7.07 -24.87
C ASP D 287 22.66 8.42 -24.13
N VAL D 288 21.48 8.83 -23.68
CA VAL D 288 21.35 10.07 -22.90
C VAL D 288 20.70 9.77 -21.59
N TRP D 289 21.29 10.33 -20.53
CA TRP D 289 20.58 10.36 -19.25
C TRP D 289 19.95 11.72 -19.10
N MET D 290 18.70 11.76 -18.64
CA MET D 290 17.95 12.99 -18.61
C MET D 290 16.89 12.98 -17.53
N GLY D 291 16.60 14.15 -16.95
CA GLY D 291 15.42 14.37 -16.14
C GLY D 291 14.35 15.20 -16.80
N ARG D 292 13.14 15.12 -16.26
CA ARG D 292 12.07 15.96 -16.78
C ARG D 292 10.94 15.92 -15.80
N THR D 293 10.03 16.88 -15.90
CA THR D 293 8.79 16.81 -15.13
C THR D 293 7.94 15.58 -15.59
N ILE D 294 7.16 14.99 -14.71
CA ILE D 294 6.32 13.89 -15.13
C ILE D 294 5.20 14.41 -15.98
N SER D 295 4.58 15.51 -15.54
CA SER D 295 3.52 16.11 -16.30
C SER D 295 4.09 16.74 -17.59
N LYS D 296 3.37 16.59 -18.67
CA LYS D 296 3.80 17.22 -19.93
C LYS D 296 3.41 18.68 -19.99
N ASP D 297 2.51 19.08 -19.12
CA ASP D 297 1.88 20.40 -19.17
C ASP D 297 2.39 21.32 -18.07
N LEU D 298 2.53 20.78 -16.86
CA LEU D 298 2.86 21.58 -15.68
C LEU D 298 4.16 21.09 -14.98
N ARG D 299 4.70 21.90 -14.08
CA ARG D 299 5.91 21.59 -13.39
C ARG D 299 5.53 20.73 -12.19
N SER D 300 5.05 19.53 -12.51
CA SER D 300 4.61 18.59 -11.52
C SER D 300 5.38 17.33 -11.76
N GLY D 301 5.80 16.70 -10.67
CA GLY D 301 6.55 15.46 -10.70
C GLY D 301 7.94 15.62 -11.25
N TYR D 302 8.74 14.57 -11.10
CA TYR D 302 10.09 14.57 -11.66
C TYR D 302 10.56 13.11 -11.76
N GLU D 303 11.07 12.77 -12.93
CA GLU D 303 11.58 11.50 -13.30
C GLU D 303 12.90 11.64 -14.00
N THR D 304 13.73 10.61 -13.85
CA THR D 304 14.93 10.43 -14.62
C THR D 304 14.88 9.05 -15.37
N PHE D 305 15.59 8.99 -16.49
CA PHE D 305 15.77 7.72 -17.22
C PHE D 305 16.92 7.86 -18.21
N LYS D 306 17.35 6.74 -18.76
CA LYS D 306 18.27 6.72 -19.82
C LYS D 306 17.49 6.40 -21.12
N VAL D 307 17.81 7.11 -22.22
CA VAL D 307 17.26 6.80 -23.53
C VAL D 307 18.36 6.14 -24.37
N ILE D 308 18.08 4.90 -24.78
CA ILE D 308 19.02 4.11 -25.58
C ILE D 308 19.08 4.73 -26.97
N GLY D 309 20.28 5.07 -27.41
CA GLY D 309 20.46 5.84 -28.65
C GLY D 309 20.03 7.28 -28.56
N GLY D 310 19.69 7.75 -27.34
CA GLY D 310 19.10 9.05 -27.19
C GLY D 310 20.02 10.23 -27.42
N TRP D 311 21.34 9.99 -27.45
CA TRP D 311 22.27 11.03 -27.77
C TRP D 311 22.55 11.17 -29.26
N THR D 312 22.51 10.06 -30.01
CA THR D 312 22.95 10.07 -31.41
C THR D 312 21.89 9.63 -32.43
N THR D 313 20.78 9.05 -31.98
CA THR D 313 19.74 8.66 -32.87
C THR D 313 18.46 9.48 -32.67
N ALA D 314 18.10 10.20 -33.72
CA ALA D 314 16.97 11.09 -33.70
C ALA D 314 15.76 10.30 -33.37
N ASN D 315 14.90 10.87 -32.54
CA ASN D 315 13.62 10.29 -32.25
C ASN D 315 13.64 8.94 -31.47
N SER D 316 14.78 8.53 -30.98
CA SER D 316 14.85 7.32 -30.11
C SER D 316 13.96 7.48 -28.89
N LYS D 317 13.19 6.44 -28.60
CA LYS D 317 12.28 6.48 -27.50
C LYS D 317 12.37 5.25 -26.62
N SER D 318 13.43 4.48 -26.72
CA SER D 318 13.51 3.27 -25.87
C SER D 318 14.18 3.65 -24.53
N GLN D 319 13.40 3.86 -23.48
CA GLN D 319 14.00 4.21 -22.18
C GLN D 319 14.27 2.97 -21.35
N VAL D 320 15.10 3.14 -20.35
CA VAL D 320 15.41 2.11 -19.38
C VAL D 320 15.88 2.83 -18.12
N ASN D 321 15.93 2.12 -16.99
CA ASN D 321 16.43 2.68 -15.72
C ASN D 321 15.69 3.91 -15.30
N ARG D 322 14.36 3.92 -15.46
CA ARG D 322 13.60 5.03 -14.99
C ARG D 322 13.66 5.08 -13.41
N GLN D 323 13.64 6.29 -12.87
CA GLN D 323 13.44 6.55 -11.46
C GLN D 323 12.51 7.76 -11.29
N VAL D 324 11.52 7.58 -10.43
CA VAL D 324 10.74 8.65 -9.88
C VAL D 324 11.55 9.36 -8.79
N ILE D 325 11.65 10.67 -8.92
CA ILE D 325 12.35 11.52 -7.92
C ILE D 325 11.30 12.22 -7.09
N VAL D 326 10.31 12.76 -7.77
CA VAL D 326 9.11 13.34 -7.16
C VAL D 326 7.85 12.77 -7.88
N ASP D 327 6.92 12.24 -7.11
CA ASP D 327 5.69 11.74 -7.73
C ASP D 327 4.84 12.87 -8.36
N ASN D 328 3.93 12.49 -9.24
CA ASN D 328 3.23 13.48 -10.05
C ASN D 328 2.09 14.15 -9.32
N ASN D 329 1.89 13.79 -8.06
CA ASN D 329 0.97 14.57 -7.20
C ASN D 329 1.68 15.73 -6.48
N ASN D 330 2.97 15.93 -6.75
CA ASN D 330 3.74 16.98 -6.08
C ASN D 330 4.46 17.87 -7.04
N TRP D 331 4.66 19.09 -6.59
CA TRP D 331 5.23 20.15 -7.46
C TRP D 331 6.71 20.01 -7.56
N SER D 332 7.23 20.26 -8.75
CA SER D 332 8.66 20.32 -8.99
C SER D 332 8.97 21.79 -9.41
N GLY D 333 9.74 21.95 -10.47
CA GLY D 333 10.27 23.24 -10.86
C GLY D 333 11.54 23.04 -11.68
N TYR D 334 12.44 24.03 -11.63
CA TYR D 334 13.70 23.94 -12.32
C TYR D 334 14.53 22.74 -11.85
N SER D 335 15.44 22.31 -12.70
CA SER D 335 16.36 21.29 -12.34
C SER D 335 17.67 21.58 -13.06
N GLY D 336 18.75 21.09 -12.52
CA GLY D 336 20.07 21.35 -13.15
C GLY D 336 21.10 20.33 -12.75
N ILE D 337 22.19 20.32 -13.52
CA ILE D 337 23.31 19.44 -13.35
C ILE D 337 24.42 20.07 -12.57
N PHE D 338 25.07 19.23 -11.75
CA PHE D 338 26.40 19.58 -11.29
C PHE D 338 27.27 18.36 -11.34
N SER D 339 28.57 18.57 -11.37
CA SER D 339 29.53 17.47 -11.45
C SER D 339 30.45 17.42 -10.26
N VAL D 340 30.82 16.22 -9.86
CA VAL D 340 31.68 16.00 -8.69
C VAL D 340 32.78 14.97 -9.07
N GLU D 341 34.02 15.36 -8.96
CA GLU D 341 35.13 14.44 -9.25
C GLU D 341 35.49 13.52 -8.09
N GLY D 342 35.39 12.23 -8.36
CA GLY D 342 35.67 11.20 -7.39
C GLY D 342 37.09 10.75 -7.60
N LYS D 343 37.42 9.63 -7.01
CA LYS D 343 38.77 9.10 -7.02
C LYS D 343 39.21 8.78 -8.41
N SER D 344 38.32 8.17 -9.17
N SER D 344 38.29 8.18 -9.14
CA SER D 344 38.67 7.69 -10.49
CA SER D 344 38.63 7.63 -10.45
C SER D 344 37.84 8.26 -11.66
C SER D 344 37.84 8.24 -11.62
N CYS D 345 36.72 8.92 -11.38
CA CYS D 345 35.86 9.38 -12.43
C CYS D 345 35.12 10.63 -12.05
N VAL D 346 34.64 11.36 -13.05
CA VAL D 346 33.77 12.52 -12.82
C VAL D 346 32.30 12.04 -12.80
N ASN D 347 31.64 12.29 -11.68
CA ASN D 347 30.22 11.94 -11.48
C ASN D 347 29.30 13.09 -11.85
N ARG D 348 28.07 12.75 -12.23
CA ARG D 348 27.05 13.71 -12.50
C ARG D 348 25.97 13.59 -11.51
N CYS D 349 25.56 14.78 -11.01
CA CYS D 349 24.48 14.88 -10.02
C CYS D 349 23.47 15.90 -10.48
N PHE D 350 22.30 15.97 -9.85
CA PHE D 350 21.33 16.94 -10.24
C PHE D 350 20.47 17.32 -9.06
N TYR D 351 19.94 18.56 -9.09
CA TYR D 351 19.01 19.04 -8.10
C TYR D 351 17.69 19.27 -8.75
N VAL D 352 16.63 19.22 -7.94
CA VAL D 352 15.33 19.60 -8.35
C VAL D 352 14.79 20.65 -7.38
N GLU D 353 14.33 21.74 -7.93
CA GLU D 353 13.60 22.80 -7.22
C GLU D 353 12.18 22.37 -7.03
N LEU D 354 11.74 22.39 -5.78
CA LEU D 354 10.37 22.05 -5.43
C LEU D 354 9.60 23.36 -5.08
N ILE D 355 8.91 23.90 -6.08
CA ILE D 355 8.26 25.19 -5.95
C ILE D 355 6.92 25.06 -5.22
N ARG D 356 6.76 25.89 -4.18
CA ARG D 356 5.50 25.96 -3.46
C ARG D 356 4.96 27.37 -3.50
N GLY D 357 3.65 27.50 -3.38
CA GLY D 357 2.98 28.74 -3.52
C GLY D 357 2.79 29.05 -4.98
N GLY D 358 2.82 30.34 -5.34
CA GLY D 358 2.16 30.78 -6.60
C GLY D 358 2.80 30.08 -7.80
N PRO D 359 2.06 29.95 -8.93
CA PRO D 359 0.66 30.34 -9.23
C PRO D 359 -0.29 29.16 -9.01
N GLN D 360 0.27 28.00 -8.72
CA GLN D 360 -0.48 26.77 -8.66
C GLN D 360 -1.13 26.56 -7.26
N GLU D 361 -0.62 27.25 -6.24
CA GLU D 361 -1.14 27.15 -4.92
C GLU D 361 -1.45 28.56 -4.43
N THR D 362 -2.67 29.02 -4.66
CA THR D 362 -2.99 30.41 -4.40
C THR D 362 -3.46 30.70 -2.99
N ARG D 363 -3.57 29.70 -2.12
CA ARG D 363 -3.86 30.00 -0.74
C ARG D 363 -2.85 31.03 -0.11
N VAL D 364 -1.58 31.05 -0.52
CA VAL D 364 -0.55 31.85 0.22
C VAL D 364 0.00 33.29 -0.10
N TRP D 365 0.02 33.69 -1.34
CA TRP D 365 0.58 35.02 -1.75
C TRP D 365 2.06 35.03 -2.05
N TRP D 366 2.84 34.20 -1.38
CA TRP D 366 4.27 34.01 -1.72
C TRP D 366 4.53 32.85 -2.67
N THR D 367 5.77 32.82 -3.16
CA THR D 367 6.28 31.68 -3.89
C THR D 367 7.69 31.42 -3.39
N SER D 368 7.99 30.18 -3.01
CA SER D 368 9.32 29.83 -2.55
C SER D 368 9.58 28.39 -2.96
N ASN D 369 10.75 27.87 -2.63
CA ASN D 369 11.06 26.48 -3.02
C ASN D 369 11.91 25.81 -1.96
N SER D 370 11.85 24.49 -1.97
CA SER D 370 12.86 23.66 -1.29
C SER D 370 13.65 22.92 -2.35
N ILE D 371 14.59 22.07 -1.96
CA ILE D 371 15.37 21.30 -2.92
C ILE D 371 15.47 19.84 -2.56
N VAL D 372 15.60 19.01 -3.59
CA VAL D 372 16.07 17.68 -3.39
C VAL D 372 17.22 17.46 -4.36
N VAL D 373 18.17 16.61 -3.98
CA VAL D 373 19.40 16.42 -4.74
C VAL D 373 19.76 14.92 -4.80
N PHE D 374 20.14 14.48 -5.94
CA PHE D 374 20.54 13.11 -6.22
C PHE D 374 21.88 13.10 -6.95
N CYS D 375 22.67 12.05 -6.75
CA CYS D 375 23.95 11.90 -7.49
C CYS D 375 24.05 10.58 -8.22
N GLY D 376 24.80 10.58 -9.34
CA GLY D 376 24.95 9.33 -10.10
C GLY D 376 25.59 8.21 -9.21
N THR D 377 25.23 6.96 -9.51
CA THR D 377 25.77 5.87 -8.79
C THR D 377 26.06 4.80 -9.81
N SER D 378 27.11 4.04 -9.56
CA SER D 378 27.35 2.79 -10.27
C SER D 378 26.89 1.57 -9.42
N GLY D 379 26.26 1.79 -8.26
CA GLY D 379 25.71 0.67 -7.44
C GLY D 379 24.25 0.41 -7.77
N THR D 380 23.51 -0.01 -6.73
CA THR D 380 22.12 -0.36 -6.87
C THR D 380 21.26 0.54 -5.97
N TYR D 381 19.96 0.46 -6.17
CA TYR D 381 19.01 1.37 -5.53
C TYR D 381 17.65 0.85 -5.67
N GLY D 382 16.73 1.50 -5.00
CA GLY D 382 15.34 1.13 -5.00
C GLY D 382 14.47 2.20 -5.51
N THR D 383 13.35 2.44 -4.81
CA THR D 383 12.38 3.45 -5.31
C THR D 383 11.90 4.33 -4.18
N GLY D 384 11.33 5.48 -4.56
CA GLY D 384 10.64 6.33 -3.64
C GLY D 384 10.13 7.59 -4.26
N SER D 385 9.76 8.55 -3.41
CA SER D 385 9.37 9.87 -3.86
C SER D 385 9.80 10.84 -2.71
N TRP D 386 10.43 11.92 -3.13
CA TRP D 386 10.99 12.95 -2.16
C TRP D 386 10.52 14.37 -2.46
N PRO D 387 9.22 14.66 -2.27
CA PRO D 387 8.64 15.94 -2.54
C PRO D 387 8.95 16.94 -1.42
N ASP D 388 8.49 18.18 -1.64
CA ASP D 388 8.71 19.18 -0.70
C ASP D 388 8.27 18.81 0.73
N GLY D 389 7.05 18.33 0.81
CA GLY D 389 6.40 17.85 2.00
C GLY D 389 5.66 18.81 2.91
N ALA D 390 5.61 20.10 2.58
CA ALA D 390 4.88 20.99 3.41
C ALA D 390 3.41 20.85 3.14
N ASN D 391 2.58 21.10 4.13
CA ASN D 391 1.13 21.17 4.00
C ASN D 391 0.79 22.63 3.85
N ILE D 392 0.32 23.03 2.66
CA ILE D 392 0.08 24.43 2.36
C ILE D 392 -0.87 25.10 3.38
N ASN D 393 -1.72 24.33 4.04
CA ASN D 393 -2.67 24.90 5.00
C ASN D 393 -1.99 25.20 6.32
N PHE D 394 -0.79 24.68 6.55
CA PHE D 394 -0.04 24.98 7.76
C PHE D 394 0.85 26.23 7.60
N MET D 395 0.88 26.86 6.43
CA MET D 395 1.81 27.91 6.19
C MET D 395 1.23 29.28 6.52
N PRO D 396 2.07 30.21 6.99
CA PRO D 396 1.59 31.59 7.01
C PRO D 396 1.38 32.02 5.56
N ILE D 397 0.42 32.90 5.36
CA ILE D 397 -0.06 33.24 4.03
C ILE D 397 0.78 34.36 3.31
C1 NAG E . -2.56 15.69 14.61
C2 NAG E . -3.77 16.56 14.94
C3 NAG E . -4.76 15.71 15.67
C4 NAG E . -5.14 14.50 14.90
C5 NAG E . -3.92 13.67 14.45
C6 NAG E . -4.32 12.88 13.22
C7 NAG E . -3.19 18.82 15.71
C8 NAG E . -2.67 19.63 16.87
N2 NAG E . -3.29 17.51 15.91
O3 NAG E . -5.95 16.42 15.90
O4 NAG E . -6.00 13.83 15.83
O5 NAG E . -2.80 14.43 14.03
O6 NAG E . -4.60 13.75 12.12
O7 NAG E . -3.51 19.33 14.63
C1 NAG E . -7.37 13.93 15.36
C2 NAG E . -8.18 12.83 16.04
C3 NAG E . -9.66 12.88 15.67
C4 NAG E . -10.18 14.31 15.80
C5 NAG E . -9.26 15.31 15.04
C6 NAG E . -9.75 16.77 15.03
C7 NAG E . -6.92 10.77 16.42
C8 NAG E . -6.33 9.57 15.75
N2 NAG E . -7.56 11.60 15.60
O3 NAG E . -10.39 12.02 16.51
O4 NAG E . -11.56 14.35 15.45
O5 NAG E . -7.94 15.22 15.56
O6 NAG E . -9.54 17.36 16.29
O7 NAG E . -6.82 10.96 17.65
C1 NAG F . 12.72 -1.51 -6.94
C2 NAG F . 11.66 -1.92 -8.00
C3 NAG F . 12.19 -2.17 -9.40
C4 NAG F . 13.08 -1.01 -9.77
C5 NAG F . 14.17 -0.76 -8.71
C6 NAG F . 15.13 0.39 -9.04
C7 NAG F . 9.63 -3.25 -7.50
C8 NAG F . 9.10 -4.48 -6.80
N2 NAG F . 10.95 -3.07 -7.47
O3 NAG F . 11.05 -2.27 -10.26
O4 NAG F . 13.67 -1.40 -10.98
O5 NAG F . 13.52 -0.49 -7.48
O6 NAG F . 14.46 1.60 -9.02
O7 NAG F . 8.85 -2.49 -8.06
C1 NAG F . 13.47 -0.42 -12.01
C2 NAG F . 14.39 -0.77 -13.16
C3 NAG F . 14.20 0.14 -14.36
C4 NAG F . 12.81 0.10 -14.83
C5 NAG F . 11.88 0.29 -13.66
C6 NAG F . 10.39 0.10 -13.93
C7 NAG F . 16.71 -1.43 -12.53
C8 NAG F . 18.11 -0.97 -12.22
N2 NAG F . 15.75 -0.51 -12.76
O3 NAG F . 15.14 -0.17 -15.35
O4 NAG F . 12.68 1.11 -15.78
O5 NAG F . 12.20 -0.57 -12.55
O6 NAG F . 10.15 -1.22 -14.39
O7 NAG F . 16.50 -2.63 -12.58
C1 BMA F . 11.89 0.72 -16.93
C2 BMA F . 11.31 2.00 -17.52
C3 BMA F . 10.40 1.54 -18.66
C4 BMA F . 11.22 0.74 -19.67
C5 BMA F . 11.91 -0.44 -18.99
C6 BMA F . 12.83 -1.14 -20.00
O2 BMA F . 12.38 2.82 -17.99
O3 BMA F . 9.75 2.65 -19.27
O4 BMA F . 10.32 0.22 -20.76
O5 BMA F . 12.70 0.01 -17.87
O6 BMA F . 13.61 -2.20 -19.47
C1 MAN F . 8.37 2.48 -19.50
C2 MAN F . 7.82 3.62 -20.32
C3 MAN F . 7.84 4.87 -19.44
C4 MAN F . 7.08 4.60 -18.15
C5 MAN F . 7.69 3.39 -17.44
C6 MAN F . 6.89 2.94 -16.23
O2 MAN F . 6.49 3.31 -20.71
O3 MAN F . 7.20 5.97 -20.00
O4 MAN F . 7.16 5.72 -17.32
O5 MAN F . 7.68 2.31 -18.32
O6 MAN F . 7.65 1.93 -15.62
C1 MAN F . 6.24 3.60 -22.11
C2 MAN F . 4.75 3.73 -22.41
C3 MAN F . 4.13 2.39 -22.03
C4 MAN F . 4.74 1.41 -23.00
C5 MAN F . 6.24 1.32 -22.71
C6 MAN F . 6.92 0.40 -23.72
O2 MAN F . 4.48 4.13 -23.78
O3 MAN F . 2.72 2.42 -22.10
O4 MAN F . 4.26 0.15 -22.71
O5 MAN F . 6.83 2.58 -22.83
O6 MAN F . 8.23 0.24 -23.25
C1 MAN F . 13.20 -3.53 -19.84
C2 MAN F . 14.24 -4.50 -19.29
C3 MAN F . 15.59 -4.25 -19.97
C4 MAN F . 15.44 -4.50 -21.47
C5 MAN F . 14.28 -3.68 -22.00
C6 MAN F . 13.89 -4.21 -23.39
O2 MAN F . 13.74 -5.77 -19.56
O3 MAN F . 16.72 -4.94 -19.51
O4 MAN F . 16.71 -4.15 -22.04
O5 MAN F . 13.11 -3.77 -21.23
O6 MAN F . 13.69 -3.09 -24.22
C1 NAG G . -46.52 -3.77 -2.44
C2 NAG G . -47.99 -4.08 -2.13
C3 NAG G . -48.82 -2.83 -2.28
C4 NAG G . -48.21 -1.66 -1.51
C5 NAG G . -46.68 -1.56 -1.73
C6 NAG G . -46.01 -0.58 -0.76
C7 NAG G . -48.89 -6.22 -2.94
C8 NAG G . -49.40 -6.95 -4.16
N2 NAG G . -48.49 -4.95 -3.15
O3 NAG G . -50.14 -3.13 -1.86
O4 NAG G . -48.88 -0.49 -1.97
O5 NAG G . -46.05 -2.81 -1.56
O6 NAG G . -45.96 -1.14 0.54
O7 NAG G . -48.83 -6.75 -1.83
C1 NAG G . -49.80 0.00 -0.98
C2 NAG G . -50.41 1.29 -1.52
C3 NAG G . -51.49 1.83 -0.58
C4 NAG G . -52.49 0.72 -0.21
C5 NAG G . -51.74 -0.51 0.34
C6 NAG G . -52.61 -1.69 0.80
C7 NAG G . -48.94 2.74 -2.85
C8 NAG G . -47.79 3.70 -2.87
N2 NAG G . -49.31 2.25 -1.66
O3 NAG G . -52.10 3.00 -1.14
O4 NAG G . -53.41 1.21 0.74
O5 NAG G . -50.79 -0.96 -0.62
O6 NAG G . -53.57 -2.12 -0.14
O7 NAG G . -49.52 2.44 -3.90
C1 NAG H . -17.61 1.99 9.19
C2 NAG H . -17.89 2.63 10.54
C3 NAG H . -16.71 2.45 11.51
C4 NAG H . -16.33 0.99 11.54
C5 NAG H . -16.08 0.49 10.11
C6 NAG H . -15.65 -0.96 10.13
C7 NAG H . -19.36 4.55 10.95
C8 NAG H . -19.77 5.98 10.63
N2 NAG H . -18.30 4.02 10.32
O3 NAG H . -17.18 2.69 12.82
O4 NAG H . -15.19 0.93 12.33
O5 NAG H . -17.30 0.62 9.38
O6 NAG H . -16.75 -1.73 10.58
O7 NAG H . -20.01 3.95 11.81
C1 NAG H . -15.26 0.05 13.49
C2 NAG H . -13.86 -0.30 13.98
C3 NAG H . -13.91 -1.23 15.22
C4 NAG H . -14.80 -0.68 16.30
C5 NAG H . -16.16 -0.32 15.61
C6 NAG H . -17.25 0.18 16.52
C7 NAG H . -12.07 -0.64 12.34
C8 NAG H . -11.36 -1.50 11.35
N2 NAG H . -13.14 -1.08 12.99
O3 NAG H . -12.63 -1.60 15.69
O4 NAG H . -14.92 -1.80 17.17
O5 NAG H . -16.00 0.61 14.54
O6 NAG H . -16.73 1.36 17.02
O7 NAG H . -11.62 0.49 12.53
C1 BMA H . -15.00 -1.31 18.50
C2 BMA H . -15.78 -2.26 19.40
C3 BMA H . -15.79 -1.65 20.82
C4 BMA H . -14.35 -1.43 21.29
C5 BMA H . -13.62 -0.56 20.28
C6 BMA H . -12.16 -0.53 20.69
O2 BMA H . -15.31 -3.63 19.48
O3 BMA H . -16.52 -2.57 21.65
O4 BMA H . -14.32 -0.82 22.58
O5 BMA H . -13.68 -1.07 18.94
O6 BMA H . -11.41 0.36 19.84
C1 MAN H . -17.47 -1.90 22.51
C2 MAN H . -18.04 -2.86 23.58
C3 MAN H . -19.01 -3.85 22.95
C4 MAN H . -20.11 -3.15 22.15
C5 MAN H . -19.45 -2.18 21.18
C6 MAN H . -20.46 -1.41 20.33
O2 MAN H . -18.71 -2.11 24.57
O3 MAN H . -19.66 -4.67 23.88
O4 MAN H . -20.84 -4.15 21.44
O5 MAN H . -18.54 -1.32 21.79
O6 MAN H . -19.69 -0.75 19.34
C1 MAN H . -18.34 -2.53 25.89
C2 MAN H . -19.41 -2.17 26.92
C3 MAN H . -19.58 -0.64 26.92
C4 MAN H . -18.25 0.10 27.14
C5 MAN H . -17.03 -0.58 26.54
C6 MAN H . -15.86 -0.33 27.46
O2 MAN H . -19.17 -2.75 28.25
O3 MAN H . -20.53 -0.32 27.93
O4 MAN H . -18.24 1.38 26.50
O5 MAN H . -17.10 -1.97 26.22
O6 MAN H . -14.76 -0.07 26.62
C1 MAN H . -11.06 1.65 20.39
C2 MAN H . -10.11 2.22 19.34
C3 MAN H . -8.82 1.36 19.29
C4 MAN H . -8.26 1.06 20.72
C5 MAN H . -9.39 0.53 21.60
C6 MAN H . -9.03 -0.11 22.96
O2 MAN H . -9.79 3.56 19.63
O3 MAN H . -7.86 1.97 18.45
O4 MAN H . -7.22 0.12 20.67
O5 MAN H . -10.38 1.56 21.66
O6 MAN H . -9.31 -1.53 22.93
C1 NAG I . -48.89 -29.41 12.42
C2 NAG I . -50.34 -29.03 12.14
C3 NAG I . -50.95 -28.46 13.39
C4 NAG I . -50.76 -29.40 14.57
C5 NAG I . -49.32 -29.92 14.67
C6 NAG I . -49.21 -31.06 15.68
C7 NAG I . -50.90 -27.99 9.96
C8 NAG I . -50.82 -26.72 9.14
N2 NAG I . -50.36 -27.93 11.21
O3 NAG I . -52.31 -28.18 13.18
O4 NAG I . -51.10 -28.66 15.73
O5 NAG I . -48.81 -30.37 13.41
O6 NAG I . -49.81 -32.25 15.17
O7 NAG I . -51.39 -29.01 9.48
C1 NAG I . -52.37 -29.11 16.24
C2 NAG I . -52.68 -28.18 17.41
C3 NAG I . -53.99 -28.65 18.03
C4 NAG I . -55.09 -28.65 16.96
C5 NAG I . -54.68 -29.52 15.76
C6 NAG I . -55.69 -29.59 14.59
C7 NAG I . -50.85 -27.29 18.80
C8 NAG I . -49.69 -27.66 19.69
N2 NAG I . -51.54 -28.32 18.30
O3 NAG I . -54.31 -27.87 19.17
O4 NAG I . -56.30 -29.08 17.57
O5 NAG I . -53.41 -29.12 15.26
O6 NAG I . -56.15 -28.30 14.17
O7 NAG I . -51.14 -26.11 18.58
C1 NAG J . -27.98 -52.37 18.79
C2 NAG J . -28.83 -53.39 19.51
C3 NAG J . -28.23 -54.80 19.37
C4 NAG J . -27.93 -55.07 17.91
C5 NAG J . -27.06 -53.93 17.33
C6 NAG J . -26.73 -54.16 15.87
C7 NAG J . -30.27 -52.99 21.43
C8 NAG J . -30.46 -52.49 22.84
N2 NAG J . -29.04 -52.96 20.88
O3 NAG J . -29.22 -55.70 19.77
O4 NAG J . -27.25 -56.30 17.97
O5 NAG J . -27.84 -52.73 17.42
O6 NAG J . -27.93 -54.17 15.12
O7 NAG J . -31.25 -53.48 20.83
C1 NAG J . -27.84 -57.35 17.18
C2 NAG J . -26.81 -58.45 16.87
C3 NAG J . -27.44 -59.51 15.94
C4 NAG J . -28.71 -60.09 16.53
C5 NAG J . -29.60 -58.84 16.90
C6 NAG J . -30.96 -59.04 17.52
C7 NAG J . -24.46 -57.77 16.46
C8 NAG J . -23.42 -57.27 15.48
N2 NAG J . -25.72 -57.95 16.06
O3 NAG J . -26.50 -60.48 15.51
O4 NAG J . -29.25 -60.89 15.47
O5 NAG J . -28.98 -57.89 17.78
O6 NAG J . -30.62 -59.90 18.56
O7 NAG J . -24.11 -58.01 17.60
C1 BMA J . -29.85 -62.04 16.05
C2 BMA J . -30.99 -62.55 15.16
C3 BMA J . -31.59 -63.80 15.80
C4 BMA J . -30.51 -64.85 16.04
C5 BMA J . -29.41 -64.21 16.86
C6 BMA J . -28.32 -65.25 17.06
O2 BMA J . -30.63 -62.87 13.80
O3 BMA J . -32.62 -64.23 14.92
O4 BMA J . -31.04 -65.96 16.77
O5 BMA J . -28.85 -63.03 16.24
O6 BMA J . -27.33 -64.73 17.97
C1 MAN J . -33.84 -64.56 15.63
C2 MAN J . -34.85 -65.29 14.72
C3 MAN J . -35.45 -64.31 13.70
C4 MAN J . -36.07 -63.09 14.37
C5 MAN J . -35.04 -62.49 15.34
C6 MAN J . -35.53 -61.22 16.05
O2 MAN J . -35.91 -65.85 15.46
O3 MAN J . -36.46 -64.91 12.95
O4 MAN J . -36.43 -62.17 13.33
O5 MAN J . -34.45 -63.44 16.22
O6 MAN J . -34.42 -60.65 16.74
C1 MAN J . -36.08 -67.25 15.22
C2 MAN J . -37.49 -67.68 15.65
C3 MAN J . -37.62 -67.41 17.14
C4 MAN J . -36.58 -68.18 17.95
C5 MAN J . -35.20 -68.25 17.29
C6 MAN J . -34.63 -69.64 17.49
O2 MAN J . -37.86 -69.01 15.25
O3 MAN J . -38.92 -67.83 17.47
O4 MAN J . -36.33 -67.61 19.24
O5 MAN J . -35.06 -67.95 15.91
O6 MAN J . -33.23 -69.48 17.41
C1 MAN J . -27.03 -65.45 19.18
C2 MAN J . -25.63 -64.89 19.55
C3 MAN J . -24.58 -65.50 18.57
C4 MAN J . -24.77 -67.03 18.40
C5 MAN J . -26.20 -67.27 17.92
C6 MAN J . -26.53 -68.64 17.28
O2 MAN J . -25.30 -65.12 20.92
O3 MAN J . -23.22 -65.15 18.85
O4 MAN J . -23.92 -67.58 17.44
O5 MAN J . -27.03 -66.87 19.03
O6 MAN J . -26.82 -68.50 15.86
C1 NAG K . -0.68 40.81 -1.27
C2 NAG K . -1.97 40.84 -0.42
C3 NAG K . -3.21 40.60 -1.24
C4 NAG K . -3.22 41.43 -2.46
C5 NAG K . -1.97 41.22 -3.35
C6 NAG K . -1.81 42.46 -4.22
C7 NAG K . -1.65 39.88 1.86
C8 NAG K . -1.69 38.62 2.68
N2 NAG K . -1.95 39.75 0.55
O3 NAG K . -4.37 40.93 -0.53
O4 NAG K . -4.38 40.97 -3.13
O5 NAG K . -0.73 41.04 -2.66
O6 NAG K . -1.62 43.62 -3.40
O7 NAG K . -1.34 40.95 2.36
C1 NAG K . -5.40 41.99 -3.06
C2 NAG K . -6.47 41.66 -4.11
C3 NAG K . -7.61 42.68 -4.09
C4 NAG K . -8.09 42.96 -2.65
C5 NAG K . -6.88 43.22 -1.70
C6 NAG K . -7.26 43.48 -0.24
C7 NAG K . -5.51 40.69 -6.13
C8 NAG K . -4.72 41.02 -7.36
N2 NAG K . -5.75 41.74 -5.35
O3 NAG K . -8.68 42.23 -4.92
O4 NAG K . -9.02 44.01 -2.68
O5 NAG K . -5.97 42.12 -1.76
O6 NAG K . -7.54 42.25 0.38
O7 NAG K . -5.91 39.53 -5.89
C1 NAG L . 22.16 52.30 -19.72
C2 NAG L . 21.58 53.69 -20.13
C3 NAG L . 22.69 54.66 -20.48
C4 NAG L . 23.74 54.69 -19.41
C5 NAG L . 24.28 53.29 -19.17
C6 NAG L . 25.35 53.20 -18.04
C7 NAG L . 19.51 54.03 -21.50
C8 NAG L . 18.72 53.58 -22.72
N2 NAG L . 20.70 53.46 -21.29
O3 NAG L . 22.13 55.96 -20.76
O4 NAG L . 24.77 55.51 -19.93
O5 NAG L . 23.18 52.47 -18.76
O6 NAG L . 24.72 53.59 -16.84
O7 NAG L . 19.03 54.92 -20.78
C1 NAG L . 25.11 56.57 -19.01
C2 NAG L . 26.44 57.16 -19.37
C3 NAG L . 26.86 58.37 -18.56
C4 NAG L . 25.79 59.40 -18.60
C5 NAG L . 24.41 58.76 -18.34
C6 NAG L . 23.16 59.62 -18.53
C7 NAG L . 28.17 55.52 -20.04
C8 NAG L . 29.26 54.64 -19.55
N2 NAG L . 27.48 56.20 -19.11
O3 NAG L . 28.14 58.84 -18.89
O4 NAG L . 26.11 60.35 -17.66
O5 NAG L . 24.22 57.64 -19.19
O6 NAG L . 23.15 60.16 -19.87
O7 NAG L . 27.97 55.63 -21.25
C1 BMA L . 25.92 61.72 -18.07
C2 BMA L . 25.76 62.56 -16.80
C3 BMA L . 25.40 63.98 -17.34
C4 BMA L . 26.52 64.52 -18.22
C5 BMA L . 26.82 63.53 -19.36
C6 BMA L . 28.09 63.98 -20.09
O2 BMA L . 26.96 62.58 -16.06
O3 BMA L . 25.09 64.87 -16.30
O4 BMA L . 26.16 65.84 -18.79
O5 BMA L . 27.05 62.20 -18.83
O6 BMA L . 28.45 63.12 -21.18
C1 MAN L . 23.96 65.66 -16.50
C2 MAN L . 23.83 66.67 -15.39
C3 MAN L . 23.49 65.97 -14.08
C4 MAN L . 22.20 65.21 -14.31
C5 MAN L . 22.43 64.22 -15.46
C6 MAN L . 21.17 63.48 -15.89
O2 MAN L . 22.78 67.55 -15.77
O3 MAN L . 23.23 66.82 -13.04
O4 MAN L . 21.92 64.56 -13.09
O5 MAN L . 22.80 64.93 -16.59
O6 MAN L . 21.55 62.47 -16.78
C1 MAN L . 23.17 68.94 -15.52
C2 MAN L . 21.95 69.84 -15.46
C3 MAN L . 21.32 69.80 -16.84
C4 MAN L . 22.35 70.42 -17.75
C5 MAN L . 23.58 69.52 -17.80
C6 MAN L . 24.70 70.18 -18.60
O2 MAN L . 22.30 71.20 -15.06
O3 MAN L . 20.11 70.50 -16.84
O4 MAN L . 21.82 70.42 -19.04
O5 MAN L . 24.07 69.31 -16.50
O6 MAN L . 25.65 69.17 -18.92
C1 MAN L . 28.19 63.66 -22.51
C2 MAN L . 28.76 62.63 -23.48
C3 MAN L . 30.28 62.55 -23.30
C4 MAN L . 30.93 63.91 -23.57
C5 MAN L . 30.21 65.00 -22.80
C6 MAN L . 30.59 66.37 -23.40
O2 MAN L . 28.41 62.95 -24.80
O3 MAN L . 30.98 61.60 -24.04
O4 MAN L . 32.28 63.79 -23.12
O5 MAN L . 28.80 64.92 -22.78
O6 MAN L . 30.94 67.16 -22.30
CA CA M . 14.10 -8.26 22.32
C1 NAG N . 47.13 -0.71 6.63
C2 NAG N . 48.11 -1.80 7.04
C3 NAG N . 49.27 -1.94 6.05
C4 NAG N . 48.78 -1.97 4.58
C5 NAG N . 47.90 -0.72 4.38
C6 NAG N . 47.47 -0.42 2.95
C7 NAG N . 48.21 -2.36 9.46
C8 NAG N . 48.66 -1.90 10.82
N2 NAG N . 48.49 -1.52 8.44
O3 NAG N . 49.94 -3.14 6.30
O4 NAG N . 49.85 -2.05 3.64
O5 NAG N . 46.77 -0.86 5.26
O6 NAG N . 46.85 -1.55 2.40
O7 NAG N . 47.63 -3.45 9.32
CA CA O . -26.12 12.16 -17.65
C1 NAG P . 3.24 -10.90 -18.66
C2 NAG P . 4.43 -10.56 -19.56
C3 NAG P . 5.68 -11.33 -19.14
C4 NAG P . 5.90 -11.30 -17.62
C5 NAG P . 4.63 -11.87 -16.95
C6 NAG P . 4.73 -12.02 -15.43
C7 NAG P . 3.71 -10.04 -21.87
C8 NAG P . 3.37 -10.63 -23.21
N2 NAG P . 4.07 -10.92 -20.93
O3 NAG P . 6.79 -10.80 -19.82
O4 NAG P . 7.05 -12.04 -17.24
O5 NAG P . 3.53 -11.03 -17.28
O6 NAG P . 5.93 -11.48 -14.95
O7 NAG P . 3.70 -8.82 -21.67
CA CA Q . -23.47 -24.04 27.45
C1 NAG R . 2.72 -37.39 4.47
C2 NAG R . 4.10 -37.00 4.96
C3 NAG R . 5.13 -37.81 4.16
C4 NAG R . 4.75 -39.30 4.00
C5 NAG R . 3.30 -39.49 3.52
C6 NAG R . 2.81 -40.95 3.42
C7 NAG R . 4.75 -34.65 5.46
C8 NAG R . 4.89 -33.28 4.83
N2 NAG R . 4.31 -35.60 4.63
O3 NAG R . 6.38 -37.64 4.78
O4 NAG R . 5.65 -39.95 3.11
O5 NAG R . 2.46 -38.79 4.41
O6 NAG R . 3.75 -41.89 3.86
O7 NAG R . 5.06 -34.83 6.64
CA CA S . 10.24 25.17 -24.88
C1 NAG T . 47.00 24.88 -18.31
C2 NAG T . 47.67 23.99 -19.37
C3 NAG T . 49.16 24.38 -19.59
C4 NAG T . 49.33 25.88 -19.78
C5 NAG T . 48.67 26.53 -18.56
C6 NAG T . 48.94 28.03 -18.35
C7 NAG T . 46.71 21.73 -19.68
C8 NAG T . 46.56 20.35 -19.09
N2 NAG T . 47.43 22.60 -18.96
O3 NAG T . 49.65 23.72 -20.73
O4 NAG T . 50.71 26.23 -19.93
O5 NAG T . 47.27 26.23 -18.60
O6 NAG T . 48.58 28.75 -19.49
O7 NAG T . 46.21 22.01 -20.78
#